data_5W0V
#
_entry.id   5W0V
#
_cell.length_a   78.793
_cell.length_b   87.697
_cell.length_c   101.623
_cell.angle_alpha   79.59
_cell.angle_beta   81.45
_cell.angle_gamma   71.70
#
_symmetry.space_group_name_H-M   'P 1'
#
loop_
_entity.id
_entity.type
_entity.pdbx_description
1 polymer Kap123
2 polymer 'Histone H4 1-34'
#
loop_
_entity_poly.entity_id
_entity_poly.type
_entity_poly.pdbx_seq_one_letter_code
_entity_poly.pdbx_strand_id
1 'polypeptide(L)'
;SNAMDQQFVAQLEQALGAIVQPTGSLKDATKTLQSQFYTQSAALPALIHILQNSSNDGIKQLAGVEARKQVSKHWGSLDA
ATQTSVKQSLLNSAFNEGKDAVRHANARVIASIGSEELDEKKWPELIPNLLQAACDSNPKIRETAIFIILSLLESFNANL
ALHIDDFLNLFAQTINDSASLETRSLSAQALSYVSSLIEEEGEINPQYAAKFASLIPSVVQVLDATIREGDTTNTKLIFN
CLNDFLLLDSQLTGNTIADLVKLALQIAVNSDVDEDIRVFAVQFVTSALVYRKSKINQAKLGPEITLAALKVASEEIDVE
DELTNEDEAGENEENTPALTALRLISNASGELSPSQVGVPIIEHLPTMLSSSNPFERRSILLAISVLVTGSPDYTLSQFD
KIIPATVTGLKDSEAVVQLAALKCIVQLSTNLQDEVARYHEQYLPLVIDIIDSAKHVVIYKYATLALDGLLEFIAHNDII
KYLDPLMNKLFQMLETQQSPKLRAAIVSAIGSCAFAAGSGFVPYFKTSVQYLQQFIQNVSQIEGLSEDDIELKALTFENI
STMGRAVKSAAFAEYAEPLVNAAYEAIKTDSARLRESGYAFIANMAKVYGKDFAPFLQTIIPEIFKTLEQEEYQFNFDGD
EDFLEGIEDLDEEELQSKFTVNTGIAYEKEVAAAALSELAIASKEHFLEYVEPSLKVLAEQVNESYGLKETALHSMWAIV
KAVLLTANLKEGEYPKGVPSGSYVDASALAVIQTVREVSLNNVIEEVETSMVISVFQDLSEMLRLFGPIIIMDNGDSTHL
DQLCREALSVLKGEHACQTIHFEEDVPEDEDLDASETEATLLDVALDIYVALSTNLVGGFAQVFTTAKPVILQLCQSKSK
NKRSFAVGALSEIALGMRDENPFIQELLEALIISLTNDKSLEVRCNASYGVGLLIEYSSFDVSAIYSPVLKSLYEILSVA
DEKNLATEDDEATKEIVDRTFSNVCGCVARMILKHQNLVPLEHTIPALLSHLPFNTAFEEYDPIFKLFLKLFQEQNSTII
NEAPKVIAIFATVFEKESERIELETNSTLGREENLEKRKQFQSEEIKQQVIELLKHLNQQFNGAVAQNPVLAQVIA
;
A,B
2 'polypeptide(L)' SGRGKGGKGLGKGGAKRHRKILRDNIQGITKPAI C,D
#
# COMPACT_ATOMS: atom_id res chain seq x y z
N ALA A 42 -27.42 -53.84 25.38
CA ALA A 42 -26.23 -53.02 25.15
C ALA A 42 -25.05 -53.85 24.63
N ALA A 43 -24.74 -53.70 23.34
CA ALA A 43 -23.62 -54.39 22.73
C ALA A 43 -22.37 -53.51 22.64
N LEU A 44 -22.32 -52.45 23.45
CA LEU A 44 -21.20 -51.52 23.61
C LEU A 44 -19.93 -52.26 23.99
N PRO A 45 -19.95 -53.03 25.09
CA PRO A 45 -18.74 -53.79 25.46
C PRO A 45 -18.37 -54.86 24.45
N ALA A 46 -19.38 -55.46 23.80
CA ALA A 46 -19.10 -56.40 22.71
C ALA A 46 -18.22 -55.77 21.65
N LEU A 47 -18.46 -54.49 21.37
CA LEU A 47 -17.70 -53.78 20.34
C LEU A 47 -16.25 -53.58 20.77
N ILE A 48 -16.03 -53.17 22.02
CA ILE A 48 -14.68 -52.89 22.48
C ILE A 48 -13.87 -54.17 22.60
N HIS A 49 -14.49 -55.24 23.10
CA HIS A 49 -13.82 -56.54 23.16
C HIS A 49 -13.34 -56.98 21.77
N ILE A 50 -14.16 -56.74 20.74
CA ILE A 50 -13.74 -57.03 19.37
C ILE A 50 -12.65 -56.05 18.94
N LEU A 51 -12.78 -54.80 19.35
CA LEU A 51 -11.77 -53.81 19.02
C LEU A 51 -10.41 -54.18 19.58
N GLN A 52 -10.37 -54.77 20.78
CA GLN A 52 -9.10 -55.07 21.42
C GLN A 52 -8.52 -56.41 20.98
N ASN A 53 -9.36 -57.44 20.85
CA ASN A 53 -8.90 -58.83 20.76
C ASN A 53 -9.09 -59.49 19.39
N SER A 54 -9.77 -58.84 18.44
CA SER A 54 -9.99 -59.43 17.12
C SER A 54 -8.67 -59.76 16.43
N SER A 55 -8.65 -60.91 15.76
CA SER A 55 -7.44 -61.32 15.05
C SER A 55 -7.17 -60.45 13.84
N ASN A 56 -8.22 -59.92 13.22
CA ASN A 56 -8.09 -59.09 12.03
C ASN A 56 -8.08 -57.62 12.45
N ASP A 57 -7.04 -56.90 12.03
CA ASP A 57 -6.95 -55.47 12.34
C ASP A 57 -8.12 -54.70 11.75
N GLY A 58 -8.49 -55.02 10.50
CA GLY A 58 -9.73 -54.47 9.95
C GLY A 58 -10.87 -54.59 10.94
N ILE A 59 -11.01 -55.76 11.55
CA ILE A 59 -12.04 -55.95 12.56
C ILE A 59 -11.85 -54.97 13.72
N LYS A 60 -10.72 -55.10 14.44
CA LYS A 60 -10.45 -54.23 15.59
C LYS A 60 -10.67 -52.77 15.25
N GLN A 61 -10.29 -52.36 14.03
CA GLN A 61 -10.45 -50.97 13.64
C GLN A 61 -11.91 -50.58 13.54
N LEU A 62 -12.67 -51.28 12.68
CA LEU A 62 -14.07 -50.92 12.46
C LEU A 62 -14.95 -51.20 13.67
N ALA A 63 -14.53 -52.13 14.53
CA ALA A 63 -15.20 -52.30 15.82
C ALA A 63 -15.11 -51.02 16.64
N GLY A 64 -13.92 -50.43 16.72
CA GLY A 64 -13.78 -49.18 17.47
C GLY A 64 -14.52 -48.03 16.82
N VAL A 65 -14.67 -48.06 15.50
CA VAL A 65 -15.44 -47.02 14.81
C VAL A 65 -16.90 -47.08 15.23
N GLU A 66 -17.45 -48.29 15.33
CA GLU A 66 -18.82 -48.45 15.78
C GLU A 66 -18.96 -48.26 17.29
N ALA A 67 -17.91 -48.60 18.05
CA ALA A 67 -17.98 -48.40 19.49
C ALA A 67 -18.15 -46.93 19.82
N ARG A 68 -17.46 -46.06 19.07
CA ARG A 68 -17.58 -44.62 19.28
C ARG A 68 -19.03 -44.17 19.15
N LYS A 69 -19.69 -44.60 18.07
CA LYS A 69 -21.08 -44.24 17.83
C LYS A 69 -21.97 -44.65 19.00
N GLN A 70 -21.75 -45.85 19.53
CA GLN A 70 -22.62 -46.39 20.56
C GLN A 70 -22.40 -45.78 21.95
N VAL A 71 -21.23 -45.20 22.22
CA VAL A 71 -20.96 -44.68 23.55
C VAL A 71 -22.10 -43.76 24.02
N SER A 72 -22.55 -42.87 23.13
CA SER A 72 -23.57 -41.90 23.49
C SER A 72 -24.84 -42.58 23.99
N LYS A 73 -25.23 -43.68 23.34
CA LYS A 73 -26.53 -44.28 23.60
C LYS A 73 -26.52 -45.25 24.77
N HIS A 74 -25.45 -46.04 24.94
CA HIS A 74 -25.45 -47.15 25.88
C HIS A 74 -24.63 -46.95 27.15
N TRP A 75 -23.74 -45.95 27.21
CA TRP A 75 -22.96 -45.71 28.44
C TRP A 75 -23.89 -45.44 29.62
N ALA A 81 -22.30 -50.47 35.19
CA ALA A 81 -21.79 -50.20 36.54
C ALA A 81 -20.28 -50.33 36.57
N THR A 82 -19.77 -51.39 35.92
CA THR A 82 -18.34 -51.61 35.74
C THR A 82 -17.82 -50.78 34.56
N GLN A 83 -18.05 -49.47 34.65
CA GLN A 83 -17.50 -48.55 33.65
C GLN A 83 -15.98 -48.60 33.65
N THR A 84 -15.38 -48.68 34.84
CA THR A 84 -13.93 -48.58 35.02
C THR A 84 -13.16 -49.75 34.40
N SER A 85 -13.78 -50.93 34.26
CA SER A 85 -13.09 -52.04 33.59
C SER A 85 -12.86 -51.72 32.11
N VAL A 86 -13.88 -51.17 31.45
CA VAL A 86 -13.75 -50.81 30.04
C VAL A 86 -12.79 -49.64 29.88
N LYS A 87 -12.87 -48.65 30.78
CA LYS A 87 -11.97 -47.52 30.70
C LYS A 87 -10.52 -47.98 30.68
N GLN A 88 -10.14 -48.87 31.60
CA GLN A 88 -8.72 -49.21 31.71
C GLN A 88 -8.24 -50.05 30.54
N SER A 89 -9.09 -50.93 30.00
CA SER A 89 -8.67 -51.70 28.83
C SER A 89 -8.39 -50.76 27.66
N LEU A 90 -9.24 -49.76 27.46
CA LEU A 90 -9.08 -48.80 26.35
C LEU A 90 -7.78 -48.01 26.46
N LEU A 91 -7.49 -47.48 27.64
CA LEU A 91 -6.23 -46.78 27.86
C LEU A 91 -5.04 -47.68 27.55
N ASN A 92 -5.09 -48.93 28.01
CA ASN A 92 -3.95 -49.84 27.79
C ASN A 92 -3.70 -50.05 26.30
N SER A 93 -4.76 -50.43 25.56
CA SER A 93 -4.61 -50.71 24.14
C SER A 93 -4.18 -49.47 23.38
N ALA A 94 -4.65 -48.29 23.81
CA ALA A 94 -4.32 -47.04 23.13
C ALA A 94 -2.82 -46.79 23.11
N PHE A 95 -2.14 -46.98 24.25
CA PHE A 95 -0.71 -46.71 24.36
C PHE A 95 0.18 -47.87 23.95
N ASN A 96 -0.39 -49.05 23.68
CA ASN A 96 0.41 -50.23 23.42
C ASN A 96 0.19 -50.91 22.09
N GLU A 97 -0.98 -50.77 21.47
CA GLU A 97 -1.24 -51.42 20.20
C GLU A 97 -0.14 -51.05 19.21
N GLY A 98 0.23 -52.00 18.34
CA GLY A 98 1.37 -51.76 17.47
C GLY A 98 1.11 -50.71 16.39
N LYS A 99 -0.02 -50.81 15.71
CA LYS A 99 -0.35 -49.92 14.60
C LYS A 99 -1.09 -48.68 15.08
N ASP A 100 -0.62 -47.51 14.68
CA ASP A 100 -1.29 -46.29 15.09
C ASP A 100 -2.77 -46.29 14.75
N ALA A 101 -3.15 -46.92 13.64
CA ALA A 101 -4.56 -46.98 13.26
C ALA A 101 -5.41 -47.63 14.36
N VAL A 102 -4.95 -48.73 14.94
CA VAL A 102 -5.72 -49.29 16.05
C VAL A 102 -5.56 -48.42 17.29
N ARG A 103 -4.39 -47.80 17.48
CA ARG A 103 -4.19 -46.88 18.60
C ARG A 103 -5.21 -45.75 18.56
N HIS A 104 -5.38 -45.14 17.39
CA HIS A 104 -6.30 -44.02 17.29
C HIS A 104 -7.73 -44.49 17.56
N ALA A 105 -8.06 -45.72 17.16
CA ALA A 105 -9.39 -46.26 17.36
C ALA A 105 -9.79 -46.22 18.83
N ASN A 106 -8.96 -46.85 19.69
CA ASN A 106 -9.22 -46.82 21.14
C ASN A 106 -9.30 -45.39 21.66
N ALA A 107 -8.42 -44.52 21.15
CA ALA A 107 -8.38 -43.14 21.64
C ALA A 107 -9.70 -42.43 21.41
N ARG A 108 -10.30 -42.59 20.22
CA ARG A 108 -11.53 -41.87 19.92
C ARG A 108 -12.69 -42.36 20.77
N VAL A 109 -12.74 -43.67 21.06
CA VAL A 109 -13.74 -44.19 22.00
C VAL A 109 -13.56 -43.51 23.34
N ILE A 110 -12.31 -43.46 23.82
CA ILE A 110 -11.97 -42.81 25.09
C ILE A 110 -12.48 -41.39 25.11
N ALA A 111 -12.33 -40.66 23.99
CA ALA A 111 -12.72 -39.27 23.94
C ALA A 111 -14.23 -39.11 24.14
N SER A 112 -15.04 -39.86 23.39
CA SER A 112 -16.48 -39.72 23.58
C SER A 112 -16.87 -40.13 24.99
N ILE A 113 -16.26 -41.20 25.52
CA ILE A 113 -16.51 -41.60 26.90
C ILE A 113 -16.19 -40.47 27.87
N GLY A 114 -15.06 -39.78 27.64
CA GLY A 114 -14.65 -38.71 28.54
C GLY A 114 -15.56 -37.50 28.54
N SER A 115 -16.17 -37.17 27.39
CA SER A 115 -17.17 -36.10 27.37
C SER A 115 -18.42 -36.51 28.13
N GLU A 116 -18.77 -37.80 28.08
CA GLU A 116 -19.91 -38.30 28.86
C GLU A 116 -19.69 -38.06 30.36
N GLU A 117 -18.54 -38.48 30.88
CA GLU A 117 -18.29 -38.40 32.32
C GLU A 117 -18.11 -36.96 32.80
N LEU A 118 -17.47 -36.11 32.00
CA LEU A 118 -17.31 -34.71 32.42
C LEU A 118 -18.64 -33.97 32.55
N ASP A 119 -19.69 -34.45 31.88
CA ASP A 119 -21.01 -33.87 32.06
C ASP A 119 -21.59 -34.24 33.43
N GLU A 120 -21.32 -35.47 33.89
CA GLU A 120 -21.59 -35.88 35.26
C GLU A 120 -20.53 -35.40 36.23
N LYS A 121 -19.58 -34.59 35.75
CA LYS A 121 -18.42 -34.19 36.53
C LYS A 121 -17.78 -35.41 37.19
N LYS A 122 -17.71 -36.50 36.43
CA LYS A 122 -17.08 -37.72 36.89
C LYS A 122 -15.69 -37.77 36.25
N TRP A 123 -15.02 -38.92 36.36
CA TRP A 123 -13.71 -39.18 35.79
C TRP A 123 -12.81 -37.94 35.92
N PRO A 124 -12.64 -37.40 37.12
CA PRO A 124 -11.78 -36.22 37.28
C PRO A 124 -10.33 -36.46 36.89
N GLU A 125 -9.86 -37.70 36.92
CA GLU A 125 -8.45 -38.00 36.66
C GLU A 125 -8.07 -37.91 35.18
N LEU A 126 -9.05 -37.93 34.27
CA LEU A 126 -8.76 -38.07 32.85
C LEU A 126 -7.89 -36.94 32.31
N ILE A 127 -8.34 -35.70 32.46
CA ILE A 127 -7.64 -34.56 31.86
C ILE A 127 -6.28 -34.41 32.55
N PRO A 128 -6.20 -34.58 33.87
CA PRO A 128 -4.90 -34.49 34.53
C PRO A 128 -3.93 -35.58 34.13
N ASN A 129 -4.38 -36.82 33.96
CA ASN A 129 -3.48 -37.87 33.50
C ASN A 129 -3.00 -37.57 32.08
N LEU A 130 -3.92 -37.15 31.21
CA LEU A 130 -3.56 -36.84 29.83
C LEU A 130 -2.51 -35.74 29.79
N LEU A 131 -2.67 -34.69 30.61
CA LEU A 131 -1.66 -33.64 30.70
C LEU A 131 -0.31 -34.19 31.17
N GLN A 132 -0.32 -35.07 32.18
CA GLN A 132 0.90 -35.69 32.66
C GLN A 132 1.59 -36.47 31.54
N ALA A 133 0.80 -37.25 30.78
CA ALA A 133 1.37 -38.08 29.73
C ALA A 133 1.89 -37.25 28.56
N ALA A 134 1.34 -36.04 28.35
CA ALA A 134 1.83 -35.24 27.25
C ALA A 134 3.26 -34.77 27.49
N CYS A 135 3.67 -34.58 28.75
CA CYS A 135 5.06 -34.22 29.07
C CYS A 135 5.89 -35.43 29.49
N ASP A 136 5.41 -36.64 29.27
CA ASP A 136 6.22 -37.80 29.59
C ASP A 136 7.47 -37.84 28.72
N SER A 137 8.46 -38.62 29.16
CA SER A 137 9.74 -38.67 28.47
C SER A 137 9.69 -39.55 27.23
N ASN A 138 8.67 -40.40 27.11
CA ASN A 138 8.53 -41.27 25.95
C ASN A 138 7.84 -40.50 24.83
N PRO A 139 8.50 -40.27 23.68
CA PRO A 139 7.82 -39.58 22.58
C PRO A 139 6.52 -40.25 22.20
N LYS A 140 6.52 -41.58 22.13
CA LYS A 140 5.29 -42.26 21.73
C LYS A 140 4.18 -42.04 22.76
N ILE A 141 4.52 -42.04 24.04
CA ILE A 141 3.50 -41.77 25.04
C ILE A 141 2.93 -40.37 24.85
N ARG A 142 3.80 -39.39 24.60
CA ARG A 142 3.29 -38.01 24.40
C ARG A 142 2.39 -37.95 23.18
N GLU A 143 2.82 -38.53 22.06
CA GLU A 143 2.03 -38.44 20.84
C GLU A 143 0.63 -39.00 21.06
N THR A 144 0.51 -40.12 21.76
CA THR A 144 -0.81 -40.67 22.00
C THR A 144 -1.64 -39.81 22.96
N ALA A 145 -0.99 -39.19 23.92
CA ALA A 145 -1.69 -38.30 24.84
C ALA A 145 -2.26 -37.08 24.13
N ILE A 146 -1.48 -36.47 23.23
CA ILE A 146 -1.96 -35.31 22.50
C ILE A 146 -3.11 -35.71 21.60
N PHE A 147 -3.01 -36.88 20.97
CA PHE A 147 -4.09 -37.35 20.12
C PHE A 147 -5.40 -37.44 20.90
N ILE A 148 -5.38 -38.11 22.05
CA ILE A 148 -6.56 -38.20 22.88
C ILE A 148 -7.08 -36.81 23.25
N ILE A 149 -6.18 -35.87 23.54
CA ILE A 149 -6.62 -34.52 23.90
C ILE A 149 -7.34 -33.86 22.73
N LEU A 150 -6.78 -33.97 21.53
CA LEU A 150 -7.47 -33.44 20.36
C LEU A 150 -8.87 -34.03 20.24
N SER A 151 -8.97 -35.37 20.33
CA SER A 151 -10.28 -36.01 20.30
C SER A 151 -11.21 -35.46 21.37
N LEU A 152 -10.68 -35.19 22.56
CA LEU A 152 -11.48 -34.55 23.60
C LEU A 152 -11.94 -33.17 23.15
N LEU A 153 -11.03 -32.38 22.59
CA LEU A 153 -11.39 -31.04 22.12
C LEU A 153 -12.41 -31.11 20.99
N GLU A 154 -12.34 -32.17 20.17
CA GLU A 154 -13.31 -32.37 19.10
C GLU A 154 -14.71 -32.68 19.61
N SER A 155 -14.83 -33.10 20.87
CA SER A 155 -16.16 -33.37 21.40
C SER A 155 -16.88 -32.09 21.72
N PHE A 156 -16.14 -30.99 21.85
CA PHE A 156 -16.67 -29.68 22.22
C PHE A 156 -17.33 -29.68 23.60
N ASN A 157 -16.94 -30.59 24.49
CA ASN A 157 -17.52 -30.58 25.83
C ASN A 157 -17.21 -29.27 26.56
N ALA A 158 -18.23 -28.75 27.24
CA ALA A 158 -18.16 -27.41 27.85
C ALA A 158 -17.12 -27.31 28.95
N ASN A 159 -16.84 -28.41 29.66
CA ASN A 159 -15.85 -28.38 30.72
C ASN A 159 -14.45 -28.06 30.21
N LEU A 160 -14.18 -28.32 28.93
CA LEU A 160 -12.87 -28.00 28.39
C LEU A 160 -12.59 -26.51 28.47
N ALA A 161 -13.64 -25.68 28.55
CA ALA A 161 -13.49 -24.25 28.72
C ALA A 161 -12.83 -23.90 30.05
N LEU A 162 -12.93 -24.78 31.04
CA LEU A 162 -12.24 -24.58 32.31
C LEU A 162 -10.73 -24.76 32.21
N HIS A 163 -10.21 -25.27 31.10
CA HIS A 163 -8.82 -25.71 31.03
C HIS A 163 -7.99 -24.91 30.02
N ILE A 164 -8.47 -23.72 29.63
CA ILE A 164 -7.81 -22.97 28.55
C ILE A 164 -6.32 -22.83 28.83
N ASP A 165 -5.97 -22.51 30.08
CA ASP A 165 -4.57 -22.23 30.39
C ASP A 165 -3.72 -23.49 30.28
N ASP A 166 -4.21 -24.63 30.79
CA ASP A 166 -3.45 -25.86 30.67
C ASP A 166 -3.11 -26.14 29.21
N PHE A 167 -4.13 -26.13 28.35
CA PHE A 167 -3.92 -26.39 26.93
C PHE A 167 -2.94 -25.39 26.32
N LEU A 168 -3.14 -24.10 26.58
CA LEU A 168 -2.19 -23.11 26.09
C LEU A 168 -0.77 -23.41 26.57
N ASN A 169 -0.60 -23.65 27.88
CA ASN A 169 0.73 -23.95 28.39
C ASN A 169 1.25 -25.26 27.81
N LEU A 170 0.41 -26.31 27.79
CA LEU A 170 0.83 -27.59 27.27
C LEU A 170 1.24 -27.49 25.81
N PHE A 171 0.38 -26.90 24.97
CA PHE A 171 0.60 -26.87 23.54
C PHE A 171 1.76 -25.96 23.17
N ALA A 172 1.97 -24.90 23.96
CA ALA A 172 3.15 -24.06 23.74
C ALA A 172 4.44 -24.88 23.81
N GLN A 173 4.46 -25.93 24.65
CA GLN A 173 5.57 -26.88 24.66
C GLN A 173 5.48 -27.83 23.49
N THR A 174 4.41 -28.63 23.45
CA THR A 174 4.37 -29.78 22.57
C THR A 174 4.54 -29.39 21.10
N ILE A 175 4.19 -28.16 20.72
CA ILE A 175 4.25 -27.78 19.30
C ILE A 175 5.68 -27.74 18.79
N ASN A 176 6.65 -27.74 19.68
CA ASN A 176 8.05 -27.71 19.30
C ASN A 176 8.73 -29.05 19.55
N ASP A 177 7.96 -30.09 19.90
CA ASP A 177 8.50 -31.42 20.20
C ASP A 177 9.44 -31.93 19.10
N SER A 178 10.75 -31.87 19.36
CA SER A 178 11.74 -32.32 18.38
C SER A 178 11.68 -33.81 18.10
N ALA A 179 11.12 -34.61 19.01
CA ALA A 179 11.10 -36.05 18.77
C ALA A 179 10.13 -36.42 17.66
N SER A 180 8.92 -35.83 17.69
CA SER A 180 7.83 -36.31 16.84
C SER A 180 7.14 -35.17 16.08
N LEU A 181 7.23 -35.21 14.75
CA LEU A 181 6.48 -34.30 13.87
C LEU A 181 4.98 -34.54 13.98
N GLU A 182 4.55 -35.78 14.22
CA GLU A 182 3.13 -35.99 14.44
C GLU A 182 2.68 -35.23 15.69
N THR A 183 3.50 -35.27 16.75
CA THR A 183 3.14 -34.56 17.96
C THR A 183 2.99 -33.07 17.71
N ARG A 184 3.91 -32.48 16.93
CA ARG A 184 3.80 -31.07 16.63
C ARG A 184 2.57 -30.75 15.79
N SER A 185 2.25 -31.62 14.82
CA SER A 185 1.08 -31.34 14.01
C SER A 185 -0.19 -31.51 14.81
N LEU A 186 -0.29 -32.54 15.64
CA LEU A 186 -1.47 -32.68 16.47
C LEU A 186 -1.65 -31.48 17.39
N SER A 187 -0.53 -30.91 17.86
CA SER A 187 -0.59 -29.72 18.70
C SER A 187 -1.12 -28.53 17.92
N ALA A 188 -0.61 -28.30 16.71
CA ALA A 188 -1.18 -27.24 15.88
C ALA A 188 -2.68 -27.44 15.70
N GLN A 189 -3.11 -28.67 15.41
CA GLN A 189 -4.53 -28.92 15.24
C GLN A 189 -5.32 -28.62 16.51
N ALA A 190 -4.79 -29.01 17.67
CA ALA A 190 -5.52 -28.78 18.91
C ALA A 190 -5.72 -27.29 19.16
N LEU A 191 -4.77 -26.46 18.70
CA LEU A 191 -4.82 -25.02 18.96
C LEU A 191 -6.06 -24.38 18.34
N SER A 192 -6.52 -24.89 17.19
CA SER A 192 -7.73 -24.33 16.61
C SER A 192 -8.90 -24.39 17.60
N TYR A 193 -9.06 -25.52 18.29
CA TYR A 193 -10.11 -25.64 19.29
C TYR A 193 -9.85 -24.74 20.50
N VAL A 194 -8.59 -24.61 20.92
CA VAL A 194 -8.30 -23.75 22.06
C VAL A 194 -8.59 -22.30 21.73
N SER A 195 -8.38 -21.87 20.48
CA SER A 195 -8.73 -20.51 20.09
C SER A 195 -10.23 -20.28 20.23
N SER A 196 -11.05 -21.18 19.67
CA SER A 196 -12.49 -21.04 19.84
C SER A 196 -12.88 -20.99 21.30
N LEU A 197 -12.24 -21.81 22.13
CA LEU A 197 -12.61 -21.83 23.53
C LEU A 197 -12.42 -20.47 24.19
N ILE A 198 -11.30 -19.81 23.90
CA ILE A 198 -10.96 -18.53 24.56
C ILE A 198 -11.92 -17.43 24.12
N GLU A 199 -12.46 -17.52 22.91
CA GLU A 199 -13.41 -16.54 22.39
C GLU A 199 -14.85 -16.74 22.87
N GLU A 200 -15.26 -17.95 23.28
CA GLU A 200 -16.61 -18.12 23.83
C GLU A 200 -16.84 -17.19 25.00
N GLU A 201 -15.78 -16.88 25.74
CA GLU A 201 -15.84 -15.95 26.85
C GLU A 201 -16.30 -14.57 26.40
N GLY A 202 -17.13 -13.93 27.24
CA GLY A 202 -17.69 -12.65 26.87
C GLY A 202 -16.60 -11.68 26.48
N GLU A 203 -15.64 -11.44 27.38
CA GLU A 203 -14.44 -10.66 27.10
C GLU A 203 -13.26 -11.61 26.97
N ILE A 204 -12.64 -11.65 25.78
CA ILE A 204 -11.53 -12.56 25.58
C ILE A 204 -10.42 -12.18 26.53
N ASN A 205 -9.87 -13.15 27.23
CA ASN A 205 -8.84 -12.86 28.22
C ASN A 205 -7.58 -12.41 27.50
N PRO A 206 -7.08 -11.19 27.75
CA PRO A 206 -5.88 -10.74 27.03
C PRO A 206 -4.68 -11.65 27.20
N GLN A 207 -4.40 -12.07 28.43
CA GLN A 207 -3.20 -12.88 28.69
C GLN A 207 -3.21 -14.15 27.85
N TYR A 208 -4.36 -14.82 27.72
CA TYR A 208 -4.45 -15.97 26.82
C TYR A 208 -4.07 -15.56 25.41
N ALA A 209 -4.80 -14.59 24.85
CA ALA A 209 -4.63 -14.22 23.45
C ALA A 209 -3.19 -13.81 23.15
N ALA A 210 -2.53 -13.15 24.10
CA ALA A 210 -1.11 -12.90 23.92
C ALA A 210 -0.36 -14.20 23.74
N LYS A 211 -0.65 -15.19 24.59
CA LYS A 211 -0.01 -16.51 24.48
C LYS A 211 -0.25 -17.13 23.12
N PHE A 212 -1.52 -17.21 22.71
CA PHE A 212 -1.86 -17.80 21.43
C PHE A 212 -1.16 -17.06 20.29
N ALA A 213 -1.11 -15.73 20.36
CA ALA A 213 -0.48 -14.95 19.29
C ALA A 213 0.98 -15.31 19.10
N SER A 214 1.68 -15.71 20.18
CA SER A 214 3.07 -16.16 20.11
C SER A 214 3.22 -17.57 19.57
N LEU A 215 2.19 -18.39 19.67
CA LEU A 215 2.27 -19.75 19.15
C LEU A 215 2.18 -19.78 17.64
N ILE A 216 1.71 -18.69 17.03
CA ILE A 216 1.50 -18.68 15.58
C ILE A 216 2.81 -18.88 14.84
N PRO A 217 3.90 -18.18 15.16
CA PRO A 217 5.16 -18.43 14.46
C PRO A 217 5.62 -19.86 14.55
N SER A 218 5.30 -20.56 15.66
CA SER A 218 5.60 -21.98 15.80
C SER A 218 4.81 -22.83 14.81
N VAL A 219 3.54 -22.50 14.60
CA VAL A 219 2.74 -23.27 13.67
C VAL A 219 3.29 -23.12 12.26
N VAL A 220 3.81 -21.94 11.92
CA VAL A 220 4.47 -21.81 10.63
C VAL A 220 5.66 -22.77 10.57
N GLN A 221 6.36 -22.92 11.70
CA GLN A 221 7.53 -23.79 11.73
C GLN A 221 7.15 -25.25 11.47
N VAL A 222 6.04 -25.71 12.05
CA VAL A 222 5.58 -27.05 11.76
C VAL A 222 5.30 -27.21 10.27
N LEU A 223 4.70 -26.19 9.65
CA LEU A 223 4.43 -26.25 8.23
C LEU A 223 5.71 -26.48 7.45
N ASP A 224 6.75 -25.71 7.75
CA ASP A 224 8.04 -25.95 7.13
C ASP A 224 8.50 -27.39 7.33
N ALA A 225 8.38 -27.90 8.56
CA ALA A 225 8.77 -29.29 8.80
C ALA A 225 7.99 -30.23 7.90
N THR A 226 6.65 -30.14 7.91
CA THR A 226 5.85 -31.10 7.14
C THR A 226 6.27 -31.09 5.68
N ILE A 227 6.63 -29.93 5.14
CA ILE A 227 7.03 -29.87 3.73
C ILE A 227 8.45 -30.41 3.52
N ARG A 228 9.36 -30.16 4.46
CA ARG A 228 10.74 -30.65 4.29
C ARG A 228 10.80 -32.17 4.32
N GLU A 229 9.99 -32.77 5.19
CA GLU A 229 9.91 -34.20 5.40
C GLU A 229 9.00 -34.90 4.40
N GLY A 230 8.32 -34.13 3.55
CA GLY A 230 7.42 -34.71 2.58
C GLY A 230 6.16 -35.27 3.20
N ASP A 231 5.75 -34.74 4.35
CA ASP A 231 4.52 -35.19 4.99
C ASP A 231 3.34 -34.40 4.44
N THR A 232 2.87 -34.83 3.25
CA THR A 232 1.71 -34.18 2.65
C THR A 232 0.48 -34.24 3.53
N THR A 233 0.23 -35.38 4.18
CA THR A 233 -0.97 -35.50 5.00
C THR A 233 -1.02 -34.41 6.06
N ASN A 234 0.10 -34.17 6.72
CA ASN A 234 0.11 -33.18 7.80
C ASN A 234 0.28 -31.76 7.27
N THR A 235 0.90 -31.59 6.09
CA THR A 235 0.95 -30.29 5.46
C THR A 235 -0.45 -29.74 5.20
N LYS A 236 -1.33 -30.59 4.70
CA LYS A 236 -2.74 -30.23 4.57
C LYS A 236 -3.34 -29.86 5.91
N LEU A 237 -3.21 -30.75 6.89
CA LEU A 237 -3.78 -30.53 8.22
C LEU A 237 -3.38 -29.19 8.79
N ILE A 238 -2.11 -28.80 8.61
CA ILE A 238 -1.62 -27.52 9.13
C ILE A 238 -2.19 -26.36 8.34
N PHE A 239 -2.32 -26.52 7.02
CA PHE A 239 -2.97 -25.47 6.25
C PHE A 239 -4.38 -25.21 6.76
N ASN A 240 -5.12 -26.27 7.09
CA ASN A 240 -6.43 -26.05 7.68
C ASN A 240 -6.35 -25.24 8.96
N CYS A 241 -5.30 -25.44 9.76
CA CYS A 241 -5.16 -24.62 10.96
C CYS A 241 -4.91 -23.16 10.62
N LEU A 242 -4.10 -22.91 9.59
CA LEU A 242 -3.90 -21.54 9.12
C LEU A 242 -5.20 -20.94 8.57
N ASN A 243 -5.97 -21.72 7.76
CA ASN A 243 -7.25 -21.21 7.28
C ASN A 243 -8.13 -20.80 8.46
N ASP A 244 -8.18 -21.63 9.49
CA ASP A 244 -8.98 -21.31 10.67
C ASP A 244 -8.51 -20.04 11.36
N PHE A 245 -7.24 -19.64 11.21
CA PHE A 245 -6.80 -18.41 11.87
C PHE A 245 -7.39 -17.17 11.22
N LEU A 246 -7.74 -17.27 9.93
CA LEU A 246 -8.34 -16.14 9.23
C LEU A 246 -9.57 -15.66 9.96
N LEU A 247 -10.37 -16.59 10.46
CA LEU A 247 -11.64 -16.31 11.12
C LEU A 247 -11.46 -15.76 12.54
N LEU A 248 -10.31 -15.93 13.18
CA LEU A 248 -10.19 -15.52 14.57
C LEU A 248 -10.19 -14.00 14.70
N ASP A 249 -10.50 -13.54 15.91
CA ASP A 249 -10.33 -12.14 16.28
C ASP A 249 -8.87 -11.73 16.18
N SER A 250 -8.65 -10.44 15.90
CA SER A 250 -7.32 -9.90 15.68
C SER A 250 -6.43 -9.96 16.92
N GLN A 251 -7.00 -10.00 18.13
CA GLN A 251 -6.21 -10.03 19.35
C GLN A 251 -5.42 -11.33 19.49
N LEU A 252 -5.98 -12.44 19.00
CA LEU A 252 -5.38 -13.78 19.05
C LEU A 252 -4.28 -13.97 18.01
N THR A 253 -4.45 -13.41 16.81
CA THR A 253 -3.56 -13.64 15.68
C THR A 253 -2.36 -12.68 15.61
N GLY A 254 -2.43 -11.52 16.26
CA GLY A 254 -1.41 -10.52 16.04
C GLY A 254 -1.62 -9.84 14.69
N ASN A 255 -0.52 -9.42 14.07
CA ASN A 255 -0.57 -8.84 12.72
C ASN A 255 -0.04 -9.82 11.68
N THR A 256 -0.15 -11.11 11.97
CA THR A 256 0.49 -12.16 11.19
C THR A 256 -0.19 -12.46 9.86
N ILE A 257 -1.43 -12.02 9.63
CA ILE A 257 -2.18 -12.47 8.45
C ILE A 257 -1.44 -12.14 7.17
N ALA A 258 -1.05 -10.89 6.97
CA ALA A 258 -0.32 -10.58 5.74
C ALA A 258 0.91 -11.47 5.61
N ASP A 259 1.69 -11.58 6.69
CA ASP A 259 2.93 -12.36 6.62
C ASP A 259 2.64 -13.82 6.30
N LEU A 260 1.51 -14.36 6.80
CA LEU A 260 1.06 -15.69 6.40
C LEU A 260 0.79 -15.76 4.91
N VAL A 261 0.12 -14.75 4.36
CA VAL A 261 -0.16 -14.74 2.94
C VAL A 261 1.14 -14.66 2.16
N LYS A 262 2.04 -13.76 2.57
CA LYS A 262 3.33 -13.67 1.90
C LYS A 262 4.02 -15.04 1.89
N LEU A 263 3.89 -15.79 3.00
CA LEU A 263 4.51 -17.11 3.07
C LEU A 263 3.80 -18.10 2.16
N ALA A 264 2.47 -18.12 2.17
CA ALA A 264 1.74 -19.04 1.31
C ALA A 264 2.06 -18.80 -0.16
N LEU A 265 2.19 -17.54 -0.57
CA LEU A 265 2.62 -17.24 -1.94
C LEU A 265 3.98 -17.83 -2.25
N GLN A 266 4.95 -17.70 -1.32
CA GLN A 266 6.28 -18.21 -1.61
C GLN A 266 6.29 -19.73 -1.72
N ILE A 267 5.45 -20.42 -0.94
CA ILE A 267 5.29 -21.85 -1.16
C ILE A 267 4.70 -22.10 -2.54
N ALA A 268 3.62 -21.38 -2.88
CA ALA A 268 2.84 -21.67 -4.08
C ALA A 268 3.63 -21.42 -5.37
N VAL A 269 4.51 -20.44 -5.38
CA VAL A 269 5.30 -20.17 -6.58
C VAL A 269 6.48 -21.11 -6.76
N ASN A 270 6.84 -21.90 -5.77
CA ASN A 270 8.05 -22.73 -5.87
C ASN A 270 7.68 -24.09 -6.47
N SER A 271 8.12 -24.33 -7.71
CA SER A 271 7.75 -25.54 -8.45
C SER A 271 8.39 -26.82 -7.91
N ASP A 272 9.41 -26.73 -7.06
CA ASP A 272 9.95 -27.94 -6.45
C ASP A 272 8.93 -28.61 -5.54
N VAL A 273 8.10 -27.81 -4.87
CA VAL A 273 7.13 -28.38 -3.94
C VAL A 273 6.14 -29.26 -4.71
N ASP A 274 5.68 -30.34 -4.05
CA ASP A 274 4.64 -31.20 -4.60
C ASP A 274 3.45 -30.36 -5.02
N GLU A 275 2.80 -30.74 -6.12
CA GLU A 275 1.68 -29.93 -6.61
C GLU A 275 0.56 -29.88 -5.59
N ASP A 276 0.19 -31.04 -5.04
CA ASP A 276 -0.92 -31.05 -4.08
C ASP A 276 -0.65 -30.10 -2.92
N ILE A 277 0.61 -29.96 -2.49
CA ILE A 277 0.94 -28.98 -1.44
C ILE A 277 0.71 -27.54 -1.93
N ARG A 278 1.06 -27.26 -3.20
CA ARG A 278 0.91 -25.90 -3.72
C ARG A 278 -0.56 -25.52 -3.88
N VAL A 279 -1.41 -26.46 -4.32
CA VAL A 279 -2.83 -26.16 -4.38
C VAL A 279 -3.32 -25.71 -3.02
N PHE A 280 -2.88 -26.40 -1.94
CA PHE A 280 -3.22 -25.99 -0.58
C PHE A 280 -2.86 -24.53 -0.34
N ALA A 281 -1.69 -24.13 -0.83
CA ALA A 281 -1.19 -22.78 -0.61
C ALA A 281 -2.03 -21.75 -1.35
N VAL A 282 -2.37 -22.03 -2.62
CA VAL A 282 -3.18 -21.10 -3.40
C VAL A 282 -4.58 -21.00 -2.81
N GLN A 283 -5.14 -22.13 -2.34
CA GLN A 283 -6.46 -22.04 -1.72
C GLN A 283 -6.43 -21.16 -0.48
N PHE A 284 -5.35 -21.25 0.31
CA PHE A 284 -5.25 -20.44 1.52
C PHE A 284 -5.26 -18.94 1.19
N VAL A 285 -4.48 -18.53 0.19
CA VAL A 285 -4.52 -17.13 -0.21
C VAL A 285 -5.91 -16.76 -0.66
N THR A 286 -6.53 -17.59 -1.50
CA THR A 286 -7.89 -17.32 -1.97
C THR A 286 -8.84 -17.09 -0.81
N SER A 287 -8.76 -17.93 0.22
CA SER A 287 -9.61 -17.78 1.38
C SER A 287 -9.33 -16.48 2.14
N ALA A 288 -8.09 -15.99 2.06
CA ALA A 288 -7.73 -14.76 2.77
C ALA A 288 -8.37 -13.55 2.11
N LEU A 289 -8.44 -13.56 0.77
CA LEU A 289 -9.13 -12.51 0.03
C LEU A 289 -10.60 -12.44 0.43
N VAL A 290 -11.23 -13.60 0.57
CA VAL A 290 -12.64 -13.64 0.96
C VAL A 290 -12.82 -13.08 2.37
N TYR A 291 -12.21 -13.74 3.36
CA TYR A 291 -12.49 -13.46 4.77
C TYR A 291 -11.65 -12.36 5.37
N ARG A 292 -10.49 -12.04 4.81
CA ARG A 292 -9.63 -11.07 5.47
C ARG A 292 -9.10 -10.03 4.49
N LYS A 293 -9.93 -9.59 3.54
CA LYS A 293 -9.40 -8.69 2.52
C LYS A 293 -8.89 -7.40 3.14
N SER A 294 -9.44 -6.96 4.28
CA SER A 294 -8.96 -5.72 4.89
C SER A 294 -7.47 -5.79 5.21
N LYS A 295 -7.01 -6.94 5.74
CA LYS A 295 -5.60 -7.12 6.04
C LYS A 295 -4.75 -7.18 4.77
N ILE A 296 -5.27 -7.80 3.71
CA ILE A 296 -4.53 -7.87 2.45
C ILE A 296 -4.31 -6.48 1.88
N ASN A 297 -5.31 -5.60 1.97
CA ASN A 297 -5.19 -4.23 1.46
C ASN A 297 -4.10 -3.45 2.21
N GLN A 298 -4.10 -3.52 3.54
CA GLN A 298 -3.09 -2.80 4.31
C GLN A 298 -1.68 -3.11 3.81
N ALA A 299 -1.43 -4.35 3.42
CA ALA A 299 -0.09 -4.71 2.98
C ALA A 299 0.15 -4.45 1.50
N LYS A 300 -0.85 -3.94 0.79
CA LYS A 300 -0.85 -3.87 -0.69
C LYS A 300 -0.40 -5.19 -1.31
N LEU A 301 -0.97 -6.29 -0.80
CA LEU A 301 -0.57 -7.60 -1.30
C LEU A 301 -1.29 -8.02 -2.58
N GLY A 302 -2.24 -7.23 -3.06
CA GLY A 302 -2.94 -7.54 -4.28
C GLY A 302 -2.01 -7.80 -5.46
N PRO A 303 -1.16 -6.83 -5.78
CA PRO A 303 -0.25 -7.04 -6.93
C PRO A 303 0.69 -8.22 -6.73
N GLU A 304 1.12 -8.48 -5.49
CA GLU A 304 1.87 -9.69 -5.19
C GLU A 304 1.05 -10.92 -5.50
N ILE A 305 -0.15 -10.99 -4.92
CA ILE A 305 -1.03 -12.13 -5.17
C ILE A 305 -1.24 -12.31 -6.66
N THR A 306 -1.63 -11.25 -7.35
CA THR A 306 -1.92 -11.37 -8.77
C THR A 306 -0.74 -11.97 -9.53
N LEU A 307 0.44 -11.35 -9.37
CA LEU A 307 1.58 -11.78 -10.15
C LEU A 307 2.05 -13.17 -9.74
N ALA A 308 1.95 -13.48 -8.44
CA ALA A 308 2.25 -14.83 -8.00
C ALA A 308 1.38 -15.84 -8.75
N ALA A 309 0.06 -15.65 -8.68
CA ALA A 309 -0.88 -16.52 -9.38
C ALA A 309 -0.69 -16.47 -10.89
N LEU A 310 -0.26 -15.34 -11.44
CA LEU A 310 0.00 -15.29 -12.88
C LEU A 310 1.16 -16.19 -13.27
N LYS A 311 2.20 -16.26 -12.41
CA LYS A 311 3.34 -17.12 -12.70
C LYS A 311 2.99 -18.60 -12.54
N VAL A 312 2.20 -18.93 -11.52
CA VAL A 312 1.76 -20.29 -11.32
C VAL A 312 0.90 -20.76 -12.48
N ALA A 313 0.10 -19.87 -13.04
CA ALA A 313 -0.82 -20.24 -14.10
C ALA A 313 -0.11 -20.41 -15.43
N SER A 314 1.14 -19.95 -15.52
CA SER A 314 1.93 -20.08 -16.75
C SER A 314 2.65 -21.42 -16.85
N GLU A 315 2.33 -22.36 -15.96
CA GLU A 315 3.05 -23.62 -15.89
C GLU A 315 2.47 -24.63 -16.87
N GLU A 316 3.35 -25.55 -17.31
CA GLU A 316 2.97 -26.58 -18.26
C GLU A 316 1.75 -27.31 -17.77
N ILE A 317 0.87 -27.65 -18.71
CA ILE A 317 -0.33 -28.39 -18.42
C ILE A 317 -0.45 -29.52 -19.42
N ASP A 318 -1.47 -30.35 -19.21
CA ASP A 318 -1.74 -31.46 -20.12
C ASP A 318 -2.48 -30.84 -21.30
N VAL A 319 -1.73 -30.51 -22.35
CA VAL A 319 -2.31 -29.87 -23.53
C VAL A 319 -3.32 -30.81 -24.20
N GLU A 320 -2.99 -32.10 -24.28
CA GLU A 320 -3.90 -33.06 -24.91
C GLU A 320 -5.20 -33.17 -24.10
N ASP A 321 -5.09 -33.25 -22.77
CA ASP A 321 -6.33 -33.31 -22.00
C ASP A 321 -7.09 -31.98 -22.09
N GLU A 322 -6.39 -30.86 -22.10
CA GLU A 322 -7.04 -29.55 -22.24
C GLU A 322 -7.92 -29.48 -23.49
N LEU A 323 -7.42 -30.01 -24.61
CA LEU A 323 -8.06 -29.85 -25.92
C LEU A 323 -9.27 -30.77 -26.12
N THR A 324 -9.34 -31.91 -25.44
CA THR A 324 -10.43 -32.87 -25.65
C THR A 324 -11.30 -33.13 -24.42
N ASN A 325 -10.75 -33.03 -23.21
CA ASN A 325 -11.51 -33.39 -22.02
C ASN A 325 -12.72 -32.49 -21.85
N GLU A 326 -13.74 -33.02 -21.17
CA GLU A 326 -14.98 -32.31 -21.00
C GLU A 326 -15.37 -32.21 -19.52
N GLU A 333 -8.08 -31.45 -13.24
CA GLU A 333 -9.01 -30.93 -12.24
C GLU A 333 -8.54 -29.57 -11.75
N GLU A 334 -9.25 -29.02 -10.74
CA GLU A 334 -8.74 -27.83 -10.06
C GLU A 334 -7.86 -28.24 -8.88
N ASN A 335 -7.15 -29.35 -9.07
CA ASN A 335 -6.10 -29.78 -8.18
C ASN A 335 -4.80 -29.98 -8.93
N THR A 336 -4.54 -29.01 -9.80
CA THR A 336 -3.24 -28.77 -10.40
C THR A 336 -3.02 -27.28 -10.19
N PRO A 337 -1.85 -26.85 -9.70
CA PRO A 337 -1.70 -25.43 -9.30
C PRO A 337 -2.08 -24.40 -10.36
N ALA A 338 -1.69 -24.64 -11.61
CA ALA A 338 -1.98 -23.68 -12.68
C ALA A 338 -3.47 -23.34 -12.74
N LEU A 339 -4.35 -24.31 -12.46
CA LEU A 339 -5.79 -24.06 -12.47
C LEU A 339 -6.27 -23.35 -11.20
N THR A 340 -5.77 -23.76 -10.03
CA THR A 340 -6.20 -23.08 -8.81
C THR A 340 -5.79 -21.61 -8.85
N ALA A 341 -4.70 -21.32 -9.56
CA ALA A 341 -4.27 -19.95 -9.71
C ALA A 341 -5.33 -19.10 -10.41
N LEU A 342 -5.97 -19.65 -11.44
CA LEU A 342 -7.02 -18.88 -12.11
C LEU A 342 -8.18 -18.60 -11.15
N ARG A 343 -8.50 -19.56 -10.27
CA ARG A 343 -9.55 -19.24 -9.29
C ARG A 343 -9.10 -18.15 -8.35
N LEU A 344 -7.79 -18.07 -8.10
CA LEU A 344 -7.27 -16.98 -7.28
C LEU A 344 -7.49 -15.63 -7.98
N ILE A 345 -6.95 -15.49 -9.20
CA ILE A 345 -7.14 -14.26 -9.95
C ILE A 345 -8.62 -13.89 -10.01
N SER A 346 -9.48 -14.88 -10.22
CA SER A 346 -10.92 -14.62 -10.23
C SER A 346 -11.38 -13.97 -8.93
N ASN A 347 -11.09 -14.60 -7.79
CA ASN A 347 -11.48 -14.03 -6.51
C ASN A 347 -10.82 -12.69 -6.26
N ALA A 348 -9.56 -12.54 -6.67
CA ALA A 348 -8.85 -11.29 -6.46
C ALA A 348 -9.54 -10.14 -7.21
N SER A 349 -9.91 -10.39 -8.46
CA SER A 349 -10.57 -9.37 -9.27
C SER A 349 -11.91 -9.00 -8.69
N GLY A 350 -12.53 -9.87 -7.94
CA GLY A 350 -13.82 -9.57 -7.35
C GLY A 350 -13.75 -8.91 -6.00
N GLU A 351 -12.59 -9.00 -5.34
CA GLU A 351 -12.49 -8.49 -3.98
C GLU A 351 -11.72 -7.19 -3.89
N LEU A 352 -10.79 -6.94 -4.79
CA LEU A 352 -9.89 -5.81 -4.71
C LEU A 352 -10.13 -4.86 -5.86
N SER A 353 -9.55 -3.67 -5.73
CA SER A 353 -9.66 -2.67 -6.77
C SER A 353 -8.93 -3.14 -8.02
N PRO A 354 -9.40 -2.74 -9.21
CA PRO A 354 -8.68 -3.11 -10.44
C PRO A 354 -7.25 -2.62 -10.47
N SER A 355 -6.93 -1.59 -9.70
CA SER A 355 -5.54 -1.18 -9.58
C SER A 355 -4.69 -2.28 -8.98
N GLN A 356 -5.27 -3.10 -8.08
CA GLN A 356 -4.51 -4.17 -7.44
C GLN A 356 -4.39 -5.41 -8.34
N VAL A 357 -5.45 -5.78 -9.05
CA VAL A 357 -5.48 -7.03 -9.79
C VAL A 357 -5.32 -6.81 -11.28
N GLY A 358 -6.14 -5.94 -11.85
CA GLY A 358 -6.18 -5.81 -13.29
C GLY A 358 -5.02 -5.02 -13.84
N VAL A 359 -4.62 -3.95 -13.17
CA VAL A 359 -3.49 -3.16 -13.65
C VAL A 359 -2.24 -4.01 -13.76
N PRO A 360 -1.89 -4.85 -12.79
CA PRO A 360 -0.74 -5.75 -12.97
C PRO A 360 -0.91 -6.70 -14.15
N ILE A 361 -2.05 -7.39 -14.24
CA ILE A 361 -2.27 -8.30 -15.36
C ILE A 361 -2.09 -7.58 -16.70
N ILE A 362 -2.65 -6.36 -16.83
CA ILE A 362 -2.57 -5.66 -18.10
C ILE A 362 -1.18 -5.09 -18.32
N GLU A 363 -0.48 -4.70 -17.25
CA GLU A 363 0.93 -4.35 -17.41
C GLU A 363 1.72 -5.52 -17.99
N HIS A 364 1.42 -6.75 -17.56
CA HIS A 364 2.17 -7.89 -18.09
C HIS A 364 1.59 -8.43 -19.38
N LEU A 365 0.53 -7.82 -19.92
CA LEU A 365 -0.07 -8.38 -21.12
C LEU A 365 0.87 -8.35 -22.31
N PRO A 366 1.51 -7.23 -22.64
CA PRO A 366 2.38 -7.22 -23.83
C PRO A 366 3.46 -8.30 -23.82
N THR A 367 4.18 -8.48 -22.72
CA THR A 367 5.33 -9.37 -22.80
C THR A 367 4.92 -10.84 -22.82
N MET A 368 3.90 -11.23 -22.04
CA MET A 368 3.51 -12.65 -22.02
C MET A 368 2.82 -13.06 -23.31
N LEU A 369 2.15 -12.13 -23.97
CA LEU A 369 1.43 -12.45 -25.21
C LEU A 369 2.39 -12.74 -26.35
N SER A 370 3.59 -12.17 -26.32
CA SER A 370 4.59 -12.42 -27.35
C SER A 370 5.65 -13.44 -26.92
N SER A 371 5.60 -13.92 -25.70
CA SER A 371 6.59 -14.90 -25.27
C SER A 371 6.59 -16.09 -26.22
N SER A 372 7.75 -16.74 -26.32
CA SER A 372 7.85 -17.98 -27.10
C SER A 372 7.42 -19.20 -26.31
N ASN A 373 6.98 -19.00 -25.07
CA ASN A 373 6.51 -20.08 -24.21
C ASN A 373 5.01 -20.16 -24.32
N PRO A 374 4.46 -21.12 -25.05
CA PRO A 374 3.00 -21.12 -25.30
C PRO A 374 2.18 -20.99 -24.04
N PHE A 375 2.64 -21.56 -22.93
CA PHE A 375 1.81 -21.54 -21.73
C PHE A 375 1.74 -20.15 -21.11
N GLU A 376 2.70 -19.27 -21.41
CA GLU A 376 2.58 -17.88 -20.97
C GLU A 376 1.57 -17.12 -21.82
N ARG A 377 1.57 -17.35 -23.13
CA ARG A 377 0.57 -16.75 -24.00
C ARG A 377 -0.81 -17.25 -23.64
N ARG A 378 -0.94 -18.55 -23.46
CA ARG A 378 -2.19 -19.13 -22.97
C ARG A 378 -2.59 -18.51 -21.64
N SER A 379 -1.62 -18.27 -20.77
CA SER A 379 -1.91 -17.84 -19.41
C SER A 379 -2.49 -16.42 -19.37
N ILE A 380 -1.86 -15.49 -20.08
CA ILE A 380 -2.27 -14.11 -19.96
C ILE A 380 -3.69 -13.95 -20.47
N LEU A 381 -4.05 -14.72 -21.50
CA LEU A 381 -5.41 -14.70 -22.05
C LEU A 381 -6.42 -15.25 -21.05
N LEU A 382 -6.16 -16.43 -20.49
CA LEU A 382 -7.05 -16.96 -19.46
C LEU A 382 -7.08 -16.04 -18.24
N ALA A 383 -5.95 -15.44 -17.87
CA ALA A 383 -5.97 -14.53 -16.74
C ALA A 383 -6.94 -13.38 -16.97
N ILE A 384 -6.93 -12.82 -18.18
CA ILE A 384 -7.86 -11.74 -18.53
C ILE A 384 -9.29 -12.25 -18.45
N SER A 385 -9.54 -13.45 -18.96
CA SER A 385 -10.92 -13.92 -19.05
C SER A 385 -11.49 -14.21 -17.69
N VAL A 386 -10.66 -14.44 -16.69
CA VAL A 386 -11.22 -14.54 -15.35
C VAL A 386 -11.27 -13.17 -14.67
N LEU A 387 -10.53 -12.20 -15.18
CA LEU A 387 -10.58 -10.84 -14.65
C LEU A 387 -11.90 -10.15 -14.99
N VAL A 388 -12.45 -10.38 -16.19
CA VAL A 388 -13.56 -9.54 -16.64
C VAL A 388 -14.75 -9.64 -15.71
N THR A 389 -14.97 -10.79 -15.09
CA THR A 389 -16.18 -10.97 -14.29
C THR A 389 -16.21 -10.05 -13.06
N GLY A 390 -15.10 -9.90 -12.36
CA GLY A 390 -15.09 -9.07 -11.18
C GLY A 390 -14.84 -7.61 -11.47
N SER A 391 -14.12 -7.34 -12.53
CA SER A 391 -13.72 -5.98 -12.92
C SER A 391 -14.11 -5.77 -14.38
N PRO A 392 -15.41 -5.76 -14.68
CA PRO A 392 -15.85 -5.57 -16.07
C PRO A 392 -15.64 -4.15 -16.57
N ASP A 393 -15.94 -3.13 -15.75
CA ASP A 393 -15.68 -1.76 -16.17
C ASP A 393 -14.19 -1.57 -16.45
N TYR A 394 -13.35 -2.03 -15.52
CA TYR A 394 -11.93 -1.86 -15.75
C TYR A 394 -11.53 -2.57 -17.04
N THR A 395 -12.01 -3.80 -17.23
CA THR A 395 -11.63 -4.53 -18.43
C THR A 395 -12.09 -3.81 -19.69
N LEU A 396 -13.33 -3.33 -19.70
CA LEU A 396 -13.83 -2.70 -20.91
C LEU A 396 -12.94 -1.52 -21.29
N SER A 397 -12.45 -0.76 -20.30
CA SER A 397 -11.55 0.34 -20.58
C SER A 397 -10.20 -0.10 -21.13
N GLN A 398 -9.84 -1.38 -21.02
CA GLN A 398 -8.60 -1.86 -21.61
C GLN A 398 -8.81 -2.53 -22.94
N PHE A 399 -9.99 -2.33 -23.55
CA PHE A 399 -10.31 -2.96 -24.83
C PHE A 399 -9.36 -2.55 -25.92
N ASP A 400 -8.73 -1.39 -25.79
CA ASP A 400 -7.71 -1.01 -26.77
C ASP A 400 -6.55 -2.00 -26.75
N LYS A 401 -6.24 -2.56 -25.59
CA LYS A 401 -5.16 -3.53 -25.46
C LYS A 401 -5.66 -4.97 -25.58
N ILE A 402 -6.85 -5.25 -25.08
CA ILE A 402 -7.34 -6.63 -24.95
C ILE A 402 -7.83 -7.17 -26.28
N ILE A 403 -8.62 -6.40 -27.03
CA ILE A 403 -9.18 -6.93 -28.27
C ILE A 403 -8.08 -7.35 -29.24
N PRO A 404 -7.08 -6.52 -29.53
CA PRO A 404 -5.94 -6.99 -30.34
C PRO A 404 -5.28 -8.24 -29.76
N ALA A 405 -5.27 -8.37 -28.44
CA ALA A 405 -4.68 -9.54 -27.80
C ALA A 405 -5.46 -10.82 -28.09
N THR A 406 -6.79 -10.79 -27.95
CA THR A 406 -7.58 -11.95 -28.31
C THR A 406 -7.43 -12.25 -29.80
N VAL A 407 -7.32 -11.20 -30.62
CA VAL A 407 -7.10 -11.43 -32.05
C VAL A 407 -5.76 -12.11 -32.28
N THR A 408 -4.77 -11.77 -31.47
CA THR A 408 -3.49 -12.47 -31.57
C THR A 408 -3.65 -13.95 -31.20
N GLY A 409 -4.42 -14.23 -30.16
CA GLY A 409 -4.59 -15.60 -29.73
C GLY A 409 -5.25 -16.44 -30.81
N LEU A 410 -6.23 -15.86 -31.51
CA LEU A 410 -6.95 -16.62 -32.52
C LEU A 410 -6.03 -17.00 -33.67
N LYS A 411 -5.01 -16.19 -33.91
CA LYS A 411 -4.02 -16.41 -34.96
C LYS A 411 -2.82 -17.26 -34.53
N ASP A 412 -2.75 -17.68 -33.26
CA ASP A 412 -1.59 -18.44 -32.82
C ASP A 412 -1.46 -19.75 -33.59
N SER A 413 -0.23 -20.31 -33.59
CA SER A 413 0.01 -21.62 -34.19
C SER A 413 -0.44 -22.75 -33.27
N GLU A 414 -0.29 -22.57 -31.97
CA GLU A 414 -0.56 -23.60 -30.98
C GLU A 414 -2.04 -23.57 -30.59
N ALA A 415 -2.71 -24.71 -30.71
CA ALA A 415 -4.13 -24.74 -30.41
C ALA A 415 -4.45 -24.35 -28.96
N VAL A 416 -3.56 -24.65 -28.02
CA VAL A 416 -3.81 -24.29 -26.62
C VAL A 416 -3.94 -22.78 -26.44
N VAL A 417 -3.14 -21.99 -27.18
CA VAL A 417 -3.31 -20.54 -27.13
C VAL A 417 -4.63 -20.14 -27.76
N GLN A 418 -4.98 -20.80 -28.87
CA GLN A 418 -6.23 -20.48 -29.55
C GLN A 418 -7.42 -20.75 -28.64
N LEU A 419 -7.39 -21.86 -27.91
CA LEU A 419 -8.50 -22.13 -26.99
C LEU A 419 -8.56 -21.09 -25.87
N ALA A 420 -7.42 -20.54 -25.44
CA ALA A 420 -7.41 -19.52 -24.40
C ALA A 420 -7.99 -18.21 -24.92
N ALA A 421 -7.63 -17.83 -26.16
CA ALA A 421 -8.24 -16.67 -26.79
C ALA A 421 -9.77 -16.81 -26.84
N LEU A 422 -10.25 -17.99 -27.27
CA LEU A 422 -11.69 -18.23 -27.39
C LEU A 422 -12.38 -18.15 -26.03
N LYS A 423 -11.83 -18.83 -25.02
CA LYS A 423 -12.40 -18.74 -23.66
C LYS A 423 -12.44 -17.29 -23.20
N CYS A 424 -11.41 -16.53 -23.55
CA CYS A 424 -11.36 -15.12 -23.21
C CYS A 424 -12.50 -14.35 -23.86
N ILE A 425 -12.72 -14.58 -25.15
CA ILE A 425 -13.79 -13.91 -25.89
C ILE A 425 -15.16 -14.29 -25.33
N VAL A 426 -15.36 -15.58 -25.05
CA VAL A 426 -16.61 -16.06 -24.46
C VAL A 426 -16.89 -15.29 -23.19
N GLN A 427 -15.85 -15.18 -22.34
CA GLN A 427 -15.96 -14.47 -21.07
C GLN A 427 -16.24 -12.99 -21.27
N LEU A 428 -15.64 -12.40 -22.32
CA LEU A 428 -15.91 -11.01 -22.64
C LEU A 428 -17.35 -10.81 -23.05
N SER A 429 -17.84 -11.69 -23.93
CA SER A 429 -19.21 -11.57 -24.42
C SER A 429 -20.23 -11.77 -23.30
N THR A 430 -19.99 -12.69 -22.39
CA THR A 430 -20.94 -12.93 -21.31
C THR A 430 -21.09 -11.72 -20.42
N ASN A 431 -20.03 -11.01 -20.17
CA ASN A 431 -20.09 -9.88 -19.29
C ASN A 431 -20.23 -8.52 -19.89
N LEU A 432 -19.67 -8.30 -21.05
CA LEU A 432 -19.77 -7.01 -21.66
C LEU A 432 -20.32 -7.33 -22.97
N GLN A 433 -21.60 -7.61 -23.03
CA GLN A 433 -22.13 -8.15 -24.21
C GLN A 433 -22.06 -7.46 -25.53
N ASP A 434 -22.57 -6.28 -25.66
CA ASP A 434 -22.55 -5.55 -26.92
C ASP A 434 -21.23 -5.11 -27.36
N GLU A 435 -20.43 -4.74 -26.40
CA GLU A 435 -19.13 -4.21 -26.65
C GLU A 435 -18.22 -5.15 -27.32
N VAL A 436 -18.27 -6.41 -26.99
CA VAL A 436 -17.44 -7.34 -27.70
C VAL A 436 -17.90 -7.53 -29.10
N ALA A 437 -19.18 -7.52 -29.32
CA ALA A 437 -19.72 -7.77 -30.62
C ALA A 437 -19.34 -6.79 -31.72
N ARG A 438 -19.08 -5.56 -31.36
CA ARG A 438 -18.76 -4.51 -32.27
C ARG A 438 -17.61 -4.88 -33.08
N TYR A 439 -16.76 -5.70 -32.55
CA TYR A 439 -15.57 -6.09 -33.30
C TYR A 439 -15.82 -7.31 -34.17
N HIS A 440 -17.10 -7.60 -34.44
CA HIS A 440 -17.44 -8.79 -35.20
C HIS A 440 -16.77 -8.80 -36.57
N GLU A 441 -16.49 -7.63 -37.13
CA GLU A 441 -15.91 -7.58 -38.47
C GLU A 441 -14.59 -8.34 -38.53
N GLN A 442 -13.78 -8.29 -37.45
CA GLN A 442 -12.56 -9.09 -37.38
C GLN A 442 -12.78 -10.46 -36.72
N TYR A 443 -13.65 -10.56 -35.72
CA TYR A 443 -13.81 -11.82 -35.00
C TYR A 443 -14.39 -12.90 -35.93
N LEU A 444 -15.52 -12.59 -36.59
CA LEU A 444 -16.27 -13.59 -37.34
C LEU A 444 -15.44 -14.35 -38.37
N PRO A 445 -14.67 -13.70 -39.24
CA PRO A 445 -13.84 -14.50 -40.16
C PRO A 445 -12.79 -15.34 -39.44
N LEU A 446 -12.17 -14.81 -38.38
CA LEU A 446 -11.17 -15.57 -37.63
C LEU A 446 -11.77 -16.77 -36.90
N VAL A 447 -12.95 -16.60 -36.31
CA VAL A 447 -13.61 -17.70 -35.60
C VAL A 447 -14.17 -18.74 -36.57
N ILE A 448 -14.72 -18.32 -37.71
CA ILE A 448 -15.23 -19.28 -38.67
C ILE A 448 -14.11 -20.16 -39.18
N ASP A 449 -12.95 -19.58 -39.49
CA ASP A 449 -11.81 -20.35 -39.96
C ASP A 449 -11.42 -21.42 -38.95
N ILE A 450 -11.51 -21.09 -37.65
CA ILE A 450 -11.11 -22.04 -36.60
C ILE A 450 -12.06 -23.22 -36.58
N ILE A 451 -13.35 -22.97 -36.77
CA ILE A 451 -14.33 -24.06 -36.88
C ILE A 451 -13.96 -24.97 -38.05
N ASP A 452 -13.66 -24.39 -39.20
CA ASP A 452 -13.42 -25.18 -40.41
C ASP A 452 -12.21 -26.09 -40.26
N SER A 453 -11.13 -25.60 -39.65
CA SER A 453 -9.89 -26.36 -39.55
C SER A 453 -9.68 -26.94 -38.17
N ALA A 454 -10.71 -26.95 -37.33
CA ALA A 454 -10.59 -27.46 -35.98
C ALA A 454 -10.22 -28.95 -36.00
N LYS A 455 -9.33 -29.33 -35.09
CA LYS A 455 -8.89 -30.71 -34.97
C LYS A 455 -9.23 -31.32 -33.62
N HIS A 456 -9.82 -30.56 -32.71
CA HIS A 456 -10.14 -31.06 -31.38
C HIS A 456 -11.56 -30.66 -31.00
N VAL A 457 -12.24 -31.55 -30.29
CA VAL A 457 -13.66 -31.35 -30.01
C VAL A 457 -13.91 -30.11 -29.15
N VAL A 458 -12.98 -29.75 -28.26
CA VAL A 458 -13.20 -28.59 -27.37
C VAL A 458 -12.97 -27.26 -28.11
N ILE A 459 -12.00 -27.20 -29.03
CA ILE A 459 -11.84 -26.00 -29.84
C ILE A 459 -13.11 -25.72 -30.60
N TYR A 460 -13.62 -26.76 -31.28
CA TYR A 460 -14.87 -26.59 -32.02
C TYR A 460 -15.95 -26.06 -31.09
N LYS A 461 -16.09 -26.63 -29.89
CA LYS A 461 -17.14 -26.17 -28.99
C LYS A 461 -17.01 -24.68 -28.68
N TYR A 462 -15.80 -24.22 -28.36
CA TYR A 462 -15.64 -22.84 -27.92
C TYR A 462 -15.65 -21.87 -29.09
N ALA A 463 -15.18 -22.30 -30.25
CA ALA A 463 -15.40 -21.50 -31.45
C ALA A 463 -16.89 -21.32 -31.71
N THR A 464 -17.65 -22.42 -31.65
CA THR A 464 -19.11 -22.31 -31.78
C THR A 464 -19.69 -21.47 -30.66
N LEU A 465 -19.19 -21.66 -29.43
CA LEU A 465 -19.69 -20.94 -28.28
C LEU A 465 -19.38 -19.44 -28.36
N ALA A 466 -18.24 -19.09 -28.96
CA ALA A 466 -17.91 -17.67 -29.13
C ALA A 466 -18.73 -17.05 -30.24
N LEU A 467 -18.88 -17.76 -31.35
CA LEU A 467 -19.76 -17.29 -32.40
C LEU A 467 -21.15 -17.01 -31.85
N ASP A 468 -21.67 -17.90 -30.99
CA ASP A 468 -22.97 -17.70 -30.40
C ASP A 468 -23.04 -16.35 -29.68
N GLY A 469 -22.15 -16.16 -28.68
CA GLY A 469 -22.21 -14.96 -27.86
C GLY A 469 -21.96 -13.66 -28.62
N LEU A 470 -21.24 -13.73 -29.73
CA LEU A 470 -21.14 -12.56 -30.60
C LEU A 470 -22.47 -12.33 -31.29
N LEU A 471 -22.93 -13.28 -32.11
CA LEU A 471 -24.18 -13.07 -32.82
C LEU A 471 -25.27 -12.60 -31.86
N GLU A 472 -25.26 -13.13 -30.62
CA GLU A 472 -26.34 -12.82 -29.70
C GLU A 472 -26.48 -11.32 -29.47
N PHE A 473 -25.37 -10.59 -29.47
CA PHE A 473 -25.39 -9.17 -29.16
C PHE A 473 -25.00 -8.30 -30.33
N ILE A 474 -24.78 -8.89 -31.50
CA ILE A 474 -24.53 -8.10 -32.70
C ILE A 474 -25.78 -7.32 -32.99
N ALA A 475 -25.58 -6.11 -33.54
CA ALA A 475 -26.66 -5.16 -33.84
C ALA A 475 -27.50 -5.60 -35.03
N HIS A 476 -28.80 -5.32 -34.96
CA HIS A 476 -29.75 -5.79 -35.97
C HIS A 476 -29.28 -5.50 -37.40
N ASN A 477 -28.95 -4.24 -37.71
CA ASN A 477 -28.54 -3.88 -39.07
C ASN A 477 -27.22 -4.48 -39.51
N ASP A 478 -26.39 -4.95 -38.59
CA ASP A 478 -25.13 -5.59 -38.96
C ASP A 478 -25.29 -7.08 -39.27
N ILE A 479 -26.19 -7.78 -38.58
CA ILE A 479 -26.28 -9.20 -38.81
C ILE A 479 -26.90 -9.46 -40.17
N ILE A 480 -27.72 -8.53 -40.67
CA ILE A 480 -28.36 -8.73 -41.96
C ILE A 480 -27.31 -8.94 -43.06
N LYS A 481 -26.21 -8.19 -43.00
CA LYS A 481 -25.16 -8.37 -44.01
C LYS A 481 -24.67 -9.79 -44.05
N TYR A 482 -24.69 -10.48 -42.90
CA TYR A 482 -24.15 -11.84 -42.74
C TYR A 482 -25.20 -12.94 -42.69
N LEU A 483 -26.48 -12.62 -42.52
CA LEU A 483 -27.45 -13.62 -42.07
C LEU A 483 -27.46 -14.87 -42.94
N ASP A 484 -27.44 -14.69 -44.27
CA ASP A 484 -27.59 -15.84 -45.15
C ASP A 484 -26.38 -16.78 -45.10
N PRO A 485 -25.14 -16.32 -45.27
CA PRO A 485 -24.00 -17.26 -45.18
C PRO A 485 -23.86 -17.95 -43.82
N LEU A 486 -24.11 -17.24 -42.72
CA LEU A 486 -24.06 -17.88 -41.40
C LEU A 486 -25.13 -18.95 -41.27
N MET A 487 -26.37 -18.64 -41.67
CA MET A 487 -27.42 -19.66 -41.56
C MET A 487 -27.06 -20.91 -42.36
N ASN A 488 -26.51 -20.75 -43.56
CA ASN A 488 -26.09 -21.91 -44.33
C ASN A 488 -24.95 -22.63 -43.63
N LYS A 489 -23.99 -21.88 -43.07
CA LYS A 489 -22.89 -22.52 -42.34
C LYS A 489 -23.39 -23.21 -41.09
N LEU A 490 -24.25 -22.54 -40.32
CA LEU A 490 -24.73 -23.11 -39.06
C LEU A 490 -25.47 -24.41 -39.31
N PHE A 491 -26.27 -24.45 -40.37
CA PHE A 491 -27.02 -25.66 -40.67
C PHE A 491 -26.10 -26.70 -41.29
N GLN A 492 -25.16 -26.27 -42.14
CA GLN A 492 -24.14 -27.18 -42.64
C GLN A 492 -23.41 -27.87 -41.49
N MET A 493 -23.02 -27.09 -40.48
CA MET A 493 -22.36 -27.64 -39.30
C MET A 493 -23.27 -28.60 -38.55
N LEU A 494 -24.51 -28.17 -38.28
CA LEU A 494 -25.43 -29.00 -37.51
C LEU A 494 -25.61 -30.38 -38.14
N GLU A 495 -25.64 -30.43 -39.47
CA GLU A 495 -25.68 -31.71 -40.17
C GLU A 495 -24.43 -32.53 -39.86
N THR A 496 -23.26 -31.95 -40.09
CA THR A 496 -22.02 -32.70 -40.04
C THR A 496 -21.74 -33.24 -38.63
N GLN A 497 -21.74 -32.38 -37.63
CA GLN A 497 -21.39 -32.82 -36.28
C GLN A 497 -22.52 -33.66 -35.69
N GLN A 498 -22.15 -34.75 -35.01
CA GLN A 498 -23.12 -35.67 -34.47
C GLN A 498 -23.10 -35.80 -32.95
N SER A 499 -22.00 -35.42 -32.27
CA SER A 499 -21.98 -35.40 -30.81
C SER A 499 -23.00 -34.38 -30.31
N PRO A 500 -23.85 -34.74 -29.35
CA PRO A 500 -24.84 -33.77 -28.85
C PRO A 500 -24.22 -32.53 -28.21
N LYS A 501 -23.03 -32.67 -27.60
CA LYS A 501 -22.34 -31.53 -27.03
C LYS A 501 -22.14 -30.45 -28.08
N LEU A 502 -21.66 -30.84 -29.26
CA LEU A 502 -21.47 -29.87 -30.34
C LEU A 502 -22.81 -29.38 -30.89
N ARG A 503 -23.74 -30.30 -31.19
CA ARG A 503 -25.05 -29.91 -31.72
C ARG A 503 -25.77 -28.93 -30.81
N ALA A 504 -25.63 -29.10 -29.50
CA ALA A 504 -26.22 -28.13 -28.57
C ALA A 504 -25.61 -26.74 -28.76
N ALA A 505 -24.30 -26.68 -28.99
CA ALA A 505 -23.67 -25.38 -29.18
C ALA A 505 -24.08 -24.78 -30.51
N ILE A 506 -24.21 -25.59 -31.55
CA ILE A 506 -24.66 -25.08 -32.83
C ILE A 506 -26.11 -24.57 -32.72
N VAL A 507 -26.95 -25.31 -31.99
CA VAL A 507 -28.34 -24.92 -31.81
C VAL A 507 -28.45 -23.57 -31.12
N SER A 508 -27.63 -23.36 -30.09
CA SER A 508 -27.64 -22.08 -29.40
C SER A 508 -27.15 -20.96 -30.32
N ALA A 509 -26.11 -21.23 -31.10
CA ALA A 509 -25.65 -20.24 -32.06
C ALA A 509 -26.75 -19.90 -33.04
N ILE A 510 -27.46 -20.91 -33.56
CA ILE A 510 -28.53 -20.69 -34.53
C ILE A 510 -29.63 -19.83 -33.91
N GLY A 511 -30.01 -20.13 -32.66
CA GLY A 511 -30.99 -19.30 -31.97
C GLY A 511 -30.50 -17.88 -31.75
N SER A 512 -29.20 -17.71 -31.55
CA SER A 512 -28.66 -16.38 -31.38
C SER A 512 -28.78 -15.58 -32.66
N CYS A 513 -28.66 -16.24 -33.81
CA CYS A 513 -28.96 -15.57 -35.07
C CYS A 513 -30.37 -15.00 -35.05
N ALA A 514 -31.34 -15.84 -34.68
CA ALA A 514 -32.73 -15.37 -34.59
C ALA A 514 -32.84 -14.16 -33.67
N PHE A 515 -32.24 -14.26 -32.49
CA PHE A 515 -32.31 -13.15 -31.56
C PHE A 515 -31.82 -11.86 -32.22
N ALA A 516 -30.64 -11.91 -32.84
CA ALA A 516 -30.09 -10.68 -33.44
C ALA A 516 -30.96 -10.18 -34.57
N ALA A 517 -31.48 -11.08 -35.40
CA ALA A 517 -32.09 -10.74 -36.67
C ALA A 517 -33.55 -10.33 -36.55
N GLY A 518 -34.22 -10.72 -35.46
CA GLY A 518 -35.61 -10.38 -35.28
C GLY A 518 -36.47 -10.75 -36.47
N SER A 519 -37.11 -9.74 -37.07
CA SER A 519 -37.96 -10.01 -38.22
C SER A 519 -37.21 -10.71 -39.34
N GLY A 520 -35.95 -10.34 -39.56
CA GLY A 520 -35.10 -10.86 -40.62
C GLY A 520 -34.88 -12.35 -40.55
N PHE A 521 -35.42 -12.99 -39.52
CA PHE A 521 -35.28 -14.42 -39.40
C PHE A 521 -36.44 -15.19 -40.03
N VAL A 522 -37.51 -14.52 -40.48
CA VAL A 522 -38.68 -15.24 -40.98
C VAL A 522 -38.36 -16.16 -42.14
N PRO A 523 -37.49 -15.79 -43.09
CA PRO A 523 -37.18 -16.71 -44.19
C PRO A 523 -36.63 -18.05 -43.75
N TYR A 524 -35.96 -18.09 -42.60
CA TYR A 524 -35.33 -19.28 -42.07
C TYR A 524 -36.16 -19.95 -40.99
N PHE A 525 -37.21 -19.30 -40.51
CA PHE A 525 -37.93 -19.82 -39.35
C PHE A 525 -38.47 -21.23 -39.62
N LYS A 526 -39.33 -21.39 -40.63
CA LYS A 526 -39.91 -22.70 -40.89
C LYS A 526 -38.83 -23.73 -41.23
N THR A 527 -37.88 -23.35 -42.10
CA THR A 527 -36.81 -24.28 -42.43
C THR A 527 -36.13 -24.77 -41.17
N SER A 528 -35.85 -23.86 -40.24
CA SER A 528 -35.15 -24.24 -39.01
C SER A 528 -36.00 -25.14 -38.14
N VAL A 529 -37.27 -24.77 -37.89
CA VAL A 529 -38.06 -25.58 -36.98
C VAL A 529 -38.21 -26.99 -37.53
N GLN A 530 -38.31 -27.12 -38.85
CA GLN A 530 -38.36 -28.44 -39.46
C GLN A 530 -37.17 -29.27 -39.02
N TYR A 531 -35.97 -28.74 -39.19
CA TYR A 531 -34.78 -29.46 -38.80
C TYR A 531 -34.77 -29.73 -37.30
N LEU A 532 -35.10 -28.73 -36.48
CA LEU A 532 -34.95 -28.87 -35.04
C LEU A 532 -35.98 -29.78 -34.38
N GLN A 533 -37.15 -30.01 -34.97
CA GLN A 533 -38.15 -30.85 -34.28
C GLN A 533 -37.58 -32.22 -33.96
N GLN A 534 -36.62 -32.68 -34.76
CA GLN A 534 -36.05 -33.98 -34.52
C GLN A 534 -35.41 -34.06 -33.13
N PHE A 535 -34.94 -32.95 -32.56
CA PHE A 535 -34.35 -32.93 -31.23
C PHE A 535 -35.40 -32.79 -30.12
N ILE A 536 -36.68 -32.67 -30.46
CA ILE A 536 -37.69 -32.42 -29.45
C ILE A 536 -38.78 -33.46 -29.51
N GLN A 537 -38.45 -34.66 -29.98
CA GLN A 537 -39.37 -35.77 -29.97
C GLN A 537 -39.34 -36.50 -28.63
N ASN A 538 -40.44 -37.17 -28.30
CA ASN A 538 -40.54 -38.04 -27.12
C ASN A 538 -40.02 -37.34 -25.88
N VAL A 539 -40.55 -36.15 -25.62
CA VAL A 539 -40.01 -35.32 -24.55
C VAL A 539 -40.14 -35.99 -23.20
N SER A 540 -41.29 -36.63 -22.93
CA SER A 540 -41.52 -37.24 -21.62
C SER A 540 -40.62 -38.44 -21.35
N GLN A 541 -40.15 -39.09 -22.41
CA GLN A 541 -39.26 -40.24 -22.26
C GLN A 541 -37.86 -39.69 -22.02
N ILE A 542 -37.43 -39.73 -20.75
CA ILE A 542 -36.08 -39.29 -20.41
C ILE A 542 -35.16 -40.48 -20.11
N GLU A 543 -35.72 -41.65 -19.77
CA GLU A 543 -34.88 -42.78 -19.40
C GLU A 543 -33.99 -43.21 -20.56
N GLY A 544 -32.73 -43.48 -20.24
CA GLY A 544 -31.71 -43.88 -21.19
C GLY A 544 -31.11 -42.75 -21.99
N LEU A 545 -31.37 -41.51 -21.60
CA LEU A 545 -30.82 -40.32 -22.24
C LEU A 545 -29.72 -39.76 -21.36
N SER A 546 -28.59 -39.43 -21.98
CA SER A 546 -27.45 -38.90 -21.28
C SER A 546 -27.71 -37.46 -20.85
N GLU A 547 -26.87 -36.95 -19.95
CA GLU A 547 -26.96 -35.57 -19.51
C GLU A 547 -26.97 -34.61 -20.70
N ASP A 548 -26.12 -34.87 -21.71
CA ASP A 548 -26.09 -34.03 -22.91
C ASP A 548 -27.31 -34.26 -23.81
N ASP A 549 -27.82 -35.50 -23.87
CA ASP A 549 -29.05 -35.73 -24.61
C ASP A 549 -30.17 -34.82 -24.12
N ILE A 550 -30.30 -34.68 -22.80
CA ILE A 550 -31.32 -33.77 -22.30
C ILE A 550 -30.96 -32.33 -22.66
N GLU A 551 -29.66 -32.00 -22.59
CA GLU A 551 -29.24 -30.65 -22.90
C GLU A 551 -29.54 -30.30 -24.36
N LEU A 552 -29.33 -31.25 -25.28
CA LEU A 552 -29.67 -30.95 -26.67
C LEU A 552 -31.17 -30.74 -26.85
N LYS A 553 -32.00 -31.43 -26.04
CA LYS A 553 -33.44 -31.21 -26.08
C LYS A 553 -33.81 -29.91 -25.40
N ALA A 554 -33.25 -29.65 -24.23
CA ALA A 554 -33.58 -28.44 -23.47
C ALA A 554 -33.24 -27.18 -24.27
N LEU A 555 -32.04 -27.13 -24.86
CA LEU A 555 -31.67 -25.94 -25.66
C LEU A 555 -32.59 -25.77 -26.87
N THR A 556 -32.99 -26.88 -27.51
CA THR A 556 -33.86 -26.74 -28.68
C THR A 556 -35.18 -26.11 -28.31
N PHE A 557 -35.74 -26.48 -27.17
CA PHE A 557 -36.93 -25.82 -26.68
C PHE A 557 -36.67 -24.33 -26.44
N GLU A 558 -35.56 -24.02 -25.75
CA GLU A 558 -35.29 -22.64 -25.40
C GLU A 558 -35.09 -21.77 -26.65
N ASN A 559 -34.32 -22.24 -27.64
CA ASN A 559 -34.02 -21.40 -28.81
C ASN A 559 -35.12 -21.40 -29.86
N ILE A 560 -35.98 -22.41 -29.88
CA ILE A 560 -37.16 -22.31 -30.71
C ILE A 560 -38.07 -21.21 -30.17
N SER A 561 -38.17 -21.10 -28.85
CA SER A 561 -38.97 -20.01 -28.26
C SER A 561 -38.30 -18.64 -28.47
N THR A 562 -36.97 -18.56 -28.57
CA THR A 562 -36.32 -17.32 -28.96
C THR A 562 -36.57 -16.98 -30.44
N MET A 563 -36.88 -17.96 -31.26
CA MET A 563 -37.29 -17.67 -32.64
C MET A 563 -38.65 -16.99 -32.67
N GLY A 564 -39.58 -17.46 -31.82
CA GLY A 564 -40.88 -16.80 -31.72
C GLY A 564 -40.80 -15.37 -31.24
N ARG A 565 -39.84 -15.05 -30.37
CA ARG A 565 -39.69 -13.65 -30.02
C ARG A 565 -39.20 -12.86 -31.20
N ALA A 566 -38.45 -13.50 -32.10
CA ALA A 566 -37.82 -12.78 -33.20
C ALA A 566 -38.81 -12.56 -34.33
N VAL A 567 -39.48 -13.61 -34.74
CA VAL A 567 -40.57 -13.57 -35.72
C VAL A 567 -41.86 -13.68 -34.90
N LYS A 568 -42.68 -12.64 -34.83
CA LYS A 568 -43.67 -12.62 -33.74
C LYS A 568 -44.79 -13.60 -34.04
N SER A 569 -45.91 -13.46 -33.32
CA SER A 569 -46.96 -14.48 -33.32
C SER A 569 -47.47 -14.88 -34.71
N ALA A 570 -47.54 -13.93 -35.65
CA ALA A 570 -48.11 -14.23 -36.97
C ALA A 570 -47.32 -15.34 -37.69
N ALA A 571 -45.99 -15.21 -37.74
CA ALA A 571 -45.15 -16.26 -38.31
C ALA A 571 -45.00 -17.46 -37.38
N PHE A 572 -45.29 -17.31 -36.09
CA PHE A 572 -45.18 -18.40 -35.12
C PHE A 572 -46.48 -19.18 -35.03
N ALA A 573 -47.54 -18.71 -35.69
CA ALA A 573 -48.86 -19.28 -35.49
C ALA A 573 -48.93 -20.72 -36.00
N GLU A 574 -48.10 -21.04 -36.98
CA GLU A 574 -48.14 -22.38 -37.57
C GLU A 574 -47.83 -23.46 -36.55
N TYR A 575 -46.89 -23.20 -35.62
CA TYR A 575 -46.37 -24.22 -34.71
C TYR A 575 -46.76 -24.04 -33.26
N ALA A 576 -47.56 -23.03 -32.93
CA ALA A 576 -47.91 -22.77 -31.54
C ALA A 576 -48.52 -24.01 -30.87
N GLU A 577 -49.49 -24.66 -31.53
CA GLU A 577 -50.20 -25.76 -30.89
C GLU A 577 -49.29 -26.94 -30.57
N PRO A 578 -48.51 -27.47 -31.50
CA PRO A 578 -47.59 -28.55 -31.13
C PRO A 578 -46.52 -28.11 -30.13
N LEU A 579 -45.91 -26.94 -30.34
CA LEU A 579 -44.81 -26.52 -29.46
C LEU A 579 -45.31 -26.27 -28.04
N VAL A 580 -46.39 -25.53 -27.88
CA VAL A 580 -46.88 -25.26 -26.53
C VAL A 580 -47.21 -26.57 -25.82
N ASN A 581 -47.76 -27.54 -26.54
CA ASN A 581 -48.04 -28.83 -25.90
C ASN A 581 -46.74 -29.54 -25.52
N ALA A 582 -45.75 -29.54 -26.41
CA ALA A 582 -44.46 -30.13 -26.08
C ALA A 582 -43.86 -29.50 -24.82
N ALA A 583 -43.87 -28.17 -24.77
CA ALA A 583 -43.32 -27.45 -23.63
C ALA A 583 -44.03 -27.83 -22.35
N TYR A 584 -45.35 -28.02 -22.42
CA TYR A 584 -46.09 -28.43 -21.24
C TYR A 584 -45.79 -29.87 -20.88
N GLU A 585 -45.48 -30.70 -21.89
CA GLU A 585 -44.95 -32.03 -21.63
C GLU A 585 -43.63 -31.96 -20.86
N ALA A 586 -42.77 -31.01 -21.23
CA ALA A 586 -41.49 -30.86 -20.54
C ALA A 586 -41.67 -30.47 -19.08
N ILE A 587 -42.63 -29.59 -18.80
CA ILE A 587 -42.91 -29.18 -17.42
C ILE A 587 -43.29 -30.38 -16.55
N LYS A 588 -43.96 -31.36 -17.14
CA LYS A 588 -44.48 -32.50 -16.38
C LYS A 588 -43.46 -33.62 -16.29
N THR A 589 -42.39 -33.51 -17.07
CA THR A 589 -41.31 -34.50 -17.12
C THR A 589 -40.65 -34.52 -15.74
N ASP A 590 -39.58 -35.28 -15.56
CA ASP A 590 -38.96 -35.42 -14.25
C ASP A 590 -37.53 -34.91 -14.22
N SER A 591 -37.09 -34.21 -15.25
CA SER A 591 -35.74 -33.67 -15.28
C SER A 591 -35.84 -32.16 -14.99
N ALA A 592 -35.19 -31.71 -13.93
CA ALA A 592 -35.26 -30.28 -13.64
C ALA A 592 -34.82 -29.48 -14.85
N ARG A 593 -33.75 -29.89 -15.51
CA ARG A 593 -33.29 -29.19 -16.69
C ARG A 593 -34.40 -29.11 -17.74
N LEU A 594 -35.14 -30.19 -17.93
CA LEU A 594 -36.18 -30.19 -18.96
C LEU A 594 -37.39 -29.36 -18.51
N ARG A 595 -37.82 -29.50 -17.25
CA ARG A 595 -38.87 -28.62 -16.76
C ARG A 595 -38.43 -27.17 -16.89
N GLU A 596 -37.17 -26.91 -16.59
CA GLU A 596 -36.66 -25.58 -16.71
C GLU A 596 -36.81 -25.04 -18.13
N SER A 597 -36.47 -25.85 -19.14
CA SER A 597 -36.57 -25.37 -20.52
C SER A 597 -38.03 -25.14 -20.92
N GLY A 598 -38.94 -25.92 -20.36
CA GLY A 598 -40.35 -25.65 -20.59
C GLY A 598 -40.77 -24.29 -20.07
N TYR A 599 -40.24 -23.91 -18.91
CA TYR A 599 -40.57 -22.61 -18.35
C TYR A 599 -39.99 -21.49 -19.20
N ALA A 600 -38.79 -21.71 -19.74
CA ALA A 600 -38.24 -20.75 -20.68
C ALA A 600 -39.19 -20.56 -21.85
N PHE A 601 -39.66 -21.67 -22.41
CA PHE A 601 -40.61 -21.59 -23.51
C PHE A 601 -41.87 -20.80 -23.10
N ILE A 602 -42.42 -21.08 -21.91
CA ILE A 602 -43.59 -20.34 -21.45
C ILE A 602 -43.29 -18.86 -21.33
N ALA A 603 -42.19 -18.51 -20.66
CA ALA A 603 -41.90 -17.10 -20.44
C ALA A 603 -41.76 -16.35 -21.75
N ASN A 604 -41.14 -16.98 -22.75
CA ASN A 604 -41.03 -16.35 -24.07
C ASN A 604 -42.38 -16.33 -24.76
N MET A 605 -43.17 -17.39 -24.61
CA MET A 605 -44.51 -17.36 -25.18
C MET A 605 -45.28 -16.18 -24.62
N ALA A 606 -45.22 -15.99 -23.30
CA ALA A 606 -45.88 -14.84 -22.68
C ALA A 606 -45.54 -13.54 -23.40
N LYS A 607 -44.28 -13.35 -23.78
CA LYS A 607 -43.90 -12.15 -24.52
C LYS A 607 -44.61 -12.08 -25.87
N VAL A 608 -44.75 -13.22 -26.54
CA VAL A 608 -45.21 -13.23 -27.91
C VAL A 608 -46.73 -13.05 -28.00
N TYR A 609 -47.46 -13.64 -27.06
CA TYR A 609 -48.91 -13.71 -27.15
C TYR A 609 -49.66 -12.80 -26.19
N GLY A 610 -49.00 -12.26 -25.18
CA GLY A 610 -49.70 -11.37 -24.26
C GLY A 610 -50.89 -12.02 -23.59
N LYS A 611 -52.00 -11.27 -23.55
CA LYS A 611 -53.22 -11.72 -22.89
C LYS A 611 -53.79 -12.97 -23.54
N ASP A 612 -53.47 -13.22 -24.81
CA ASP A 612 -53.94 -14.42 -25.46
C ASP A 612 -53.50 -15.65 -24.70
N PHE A 613 -52.48 -15.51 -23.86
CA PHE A 613 -51.95 -16.65 -23.17
C PHE A 613 -52.65 -16.91 -21.84
N ALA A 614 -53.60 -16.06 -21.47
CA ALA A 614 -54.27 -16.23 -20.18
C ALA A 614 -54.99 -17.59 -20.03
N PRO A 615 -55.63 -18.16 -21.06
CA PRO A 615 -56.31 -19.45 -20.88
C PRO A 615 -55.47 -20.54 -20.25
N PHE A 616 -54.15 -20.47 -20.41
CA PHE A 616 -53.24 -21.49 -19.91
C PHE A 616 -52.86 -21.33 -18.45
N LEU A 617 -53.12 -20.15 -17.85
CA LEU A 617 -52.76 -19.91 -16.45
C LEU A 617 -53.17 -21.08 -15.57
N GLN A 618 -54.41 -21.53 -15.72
CA GLN A 618 -54.97 -22.54 -14.83
C GLN A 618 -54.08 -23.79 -14.76
N THR A 619 -53.53 -24.22 -15.90
CA THR A 619 -52.65 -25.40 -15.87
C THR A 619 -51.22 -25.05 -15.48
N ILE A 620 -50.73 -23.85 -15.79
CA ILE A 620 -49.30 -23.59 -15.67
C ILE A 620 -48.93 -23.14 -14.25
N ILE A 621 -49.70 -22.23 -13.67
CA ILE A 621 -49.39 -21.72 -12.33
C ILE A 621 -49.30 -22.87 -11.33
N PRO A 622 -50.12 -23.90 -11.43
CA PRO A 622 -49.94 -25.05 -10.54
C PRO A 622 -48.57 -25.69 -10.65
N GLU A 623 -48.08 -25.90 -11.88
CA GLU A 623 -46.75 -26.48 -12.03
C GLU A 623 -45.65 -25.53 -11.56
N ILE A 624 -45.82 -24.23 -11.82
CA ILE A 624 -44.86 -23.24 -11.35
C ILE A 624 -44.78 -23.27 -9.82
N PHE A 625 -45.93 -23.25 -9.14
CA PHE A 625 -45.89 -23.25 -7.68
C PHE A 625 -45.20 -24.50 -7.17
N LYS A 626 -45.50 -25.66 -7.78
CA LYS A 626 -44.83 -26.89 -7.38
C LYS A 626 -43.32 -26.77 -7.53
N THR A 627 -42.85 -26.30 -8.70
CA THR A 627 -41.42 -26.17 -8.91
C THR A 627 -40.77 -25.34 -7.83
N LEU A 628 -41.40 -24.21 -7.47
CA LEU A 628 -40.76 -23.27 -6.55
C LEU A 628 -40.69 -23.82 -5.14
N GLU A 629 -41.63 -24.69 -4.77
CA GLU A 629 -41.67 -25.22 -3.40
C GLU A 629 -40.75 -26.42 -3.18
N GLN A 630 -40.06 -26.88 -4.23
CA GLN A 630 -39.11 -27.99 -4.12
C GLN A 630 -38.08 -27.76 -3.02
N GLU A 631 -37.56 -28.86 -2.47
CA GLU A 631 -36.33 -28.81 -1.70
C GLU A 631 -35.13 -28.61 -2.62
N GLU A 632 -34.21 -27.75 -2.18
CA GLU A 632 -33.07 -27.34 -2.98
C GLU A 632 -31.85 -28.24 -2.76
N TYR A 633 -32.01 -29.34 -2.04
CA TYR A 633 -30.91 -30.23 -1.66
C TYR A 633 -31.13 -31.69 -2.07
N THR A 660 -25.52 -32.14 -0.28
CA THR A 660 -25.15 -31.10 -1.25
C THR A 660 -26.33 -30.57 -2.11
N VAL A 661 -26.21 -29.30 -2.54
CA VAL A 661 -27.29 -28.56 -3.20
C VAL A 661 -27.45 -28.99 -4.65
N ASN A 662 -28.72 -29.16 -5.04
CA ASN A 662 -29.10 -29.57 -6.39
C ASN A 662 -29.10 -28.35 -7.29
N THR A 663 -28.09 -28.25 -8.16
CA THR A 663 -28.02 -27.08 -9.01
C THR A 663 -29.12 -27.11 -10.08
N GLY A 664 -29.41 -28.28 -10.63
CA GLY A 664 -30.45 -28.39 -11.64
C GLY A 664 -31.77 -27.80 -11.18
N ILE A 665 -32.12 -28.01 -9.91
CA ILE A 665 -33.32 -27.42 -9.33
C ILE A 665 -33.17 -25.91 -9.21
N ALA A 666 -31.99 -25.43 -8.83
CA ALA A 666 -31.82 -23.99 -8.67
C ALA A 666 -32.08 -23.27 -9.99
N TYR A 667 -31.41 -23.72 -11.05
CA TYR A 667 -31.69 -23.18 -12.38
C TYR A 667 -33.18 -23.29 -12.70
N GLU A 668 -33.77 -24.46 -12.48
CA GLU A 668 -35.18 -24.60 -12.81
C GLU A 668 -36.04 -23.61 -12.05
N LYS A 669 -35.69 -23.30 -10.80
CA LYS A 669 -36.50 -22.36 -10.05
C LYS A 669 -36.33 -20.92 -10.55
N GLU A 670 -35.13 -20.57 -11.01
CA GLU A 670 -34.90 -19.22 -11.50
C GLU A 670 -35.78 -18.94 -12.70
N VAL A 671 -35.88 -19.88 -13.62
CA VAL A 671 -36.62 -19.65 -14.85
C VAL A 671 -38.12 -19.75 -14.58
N ALA A 672 -38.53 -20.64 -13.71
CA ALA A 672 -39.95 -20.72 -13.39
C ALA A 672 -40.42 -19.42 -12.77
N ALA A 673 -39.60 -18.82 -11.91
CA ALA A 673 -39.96 -17.53 -11.31
C ALA A 673 -40.04 -16.45 -12.38
N ALA A 674 -39.14 -16.51 -13.37
CA ALA A 674 -39.20 -15.61 -14.52
C ALA A 674 -40.49 -15.81 -15.31
N ALA A 675 -40.82 -17.04 -15.63
CA ALA A 675 -42.07 -17.32 -16.31
C ALA A 675 -43.26 -16.80 -15.52
N LEU A 676 -43.23 -16.93 -14.19
CA LEU A 676 -44.34 -16.40 -13.38
C LEU A 676 -44.46 -14.89 -13.56
N SER A 677 -43.33 -14.19 -13.45
CA SER A 677 -43.35 -12.74 -13.64
C SER A 677 -43.84 -12.38 -15.02
N GLU A 678 -43.38 -13.11 -16.04
CA GLU A 678 -43.72 -12.79 -17.43
C GLU A 678 -45.20 -12.99 -17.70
N LEU A 679 -45.77 -14.03 -17.10
CA LEU A 679 -47.19 -14.31 -17.26
C LEU A 679 -48.04 -13.22 -16.61
N ALA A 680 -47.70 -12.83 -15.38
CA ALA A 680 -48.48 -11.81 -14.70
C ALA A 680 -48.48 -10.49 -15.49
N ILE A 681 -47.32 -10.08 -16.01
CA ILE A 681 -47.24 -8.86 -16.82
C ILE A 681 -48.02 -9.02 -18.12
N ALA A 682 -48.04 -10.24 -18.67
CA ALA A 682 -48.73 -10.47 -19.94
C ALA A 682 -50.24 -10.60 -19.78
N SER A 683 -50.69 -11.37 -18.80
CA SER A 683 -52.12 -11.69 -18.69
C SER A 683 -52.71 -10.77 -17.62
N LYS A 684 -53.06 -9.57 -18.05
CA LYS A 684 -53.11 -8.44 -17.13
C LYS A 684 -54.18 -8.63 -16.06
N GLU A 685 -55.44 -8.53 -16.48
CA GLU A 685 -56.55 -8.68 -15.56
C GLU A 685 -56.64 -10.11 -15.05
N HIS A 686 -56.29 -11.10 -15.89
CA HIS A 686 -56.53 -12.50 -15.55
C HIS A 686 -55.69 -13.00 -14.40
N PHE A 687 -54.60 -12.32 -14.07
CA PHE A 687 -53.71 -12.83 -13.03
C PHE A 687 -54.21 -12.55 -11.63
N LEU A 688 -55.30 -11.80 -11.46
CA LEU A 688 -55.60 -11.24 -10.14
C LEU A 688 -55.85 -12.34 -9.10
N GLU A 689 -56.65 -13.34 -9.45
CA GLU A 689 -56.86 -14.44 -8.52
C GLU A 689 -55.58 -15.13 -8.09
N TYR A 690 -54.50 -15.01 -8.86
CA TYR A 690 -53.23 -15.68 -8.56
C TYR A 690 -52.27 -14.84 -7.73
N VAL A 691 -52.61 -13.57 -7.47
CA VAL A 691 -51.71 -12.66 -6.77
C VAL A 691 -51.40 -13.15 -5.36
N GLU A 692 -52.43 -13.40 -4.55
CA GLU A 692 -52.19 -13.86 -3.19
C GLU A 692 -51.36 -15.13 -3.17
N PRO A 693 -51.71 -16.16 -3.93
CA PRO A 693 -50.88 -17.37 -3.96
C PRO A 693 -49.47 -17.11 -4.43
N SER A 694 -49.27 -16.31 -5.50
CA SER A 694 -47.92 -16.10 -6.01
C SER A 694 -47.06 -15.34 -5.01
N LEU A 695 -47.62 -14.30 -4.39
CA LEU A 695 -46.87 -13.62 -3.33
C LEU A 695 -46.67 -14.54 -2.14
N LYS A 696 -47.62 -15.42 -1.85
CA LYS A 696 -47.42 -16.33 -0.72
C LYS A 696 -46.29 -17.31 -1.00
N VAL A 697 -46.26 -17.91 -2.19
CA VAL A 697 -45.20 -18.85 -2.54
C VAL A 697 -43.85 -18.14 -2.63
N LEU A 698 -43.83 -16.97 -3.30
CA LEU A 698 -42.59 -16.22 -3.47
C LEU A 698 -42.08 -15.69 -2.14
N ALA A 699 -42.98 -15.18 -1.30
CA ALA A 699 -42.57 -14.72 0.01
C ALA A 699 -41.88 -15.83 0.77
N GLU A 700 -42.44 -17.04 0.72
CA GLU A 700 -41.86 -18.18 1.41
C GLU A 700 -40.43 -18.42 0.96
N GLN A 701 -40.18 -18.42 -0.34
CA GLN A 701 -38.83 -18.70 -0.83
C GLN A 701 -37.83 -17.64 -0.37
N VAL A 702 -38.26 -16.36 -0.22
CA VAL A 702 -37.36 -15.32 0.29
C VAL A 702 -36.88 -15.66 1.70
N ASN A 703 -37.80 -16.13 2.56
CA ASN A 703 -37.44 -16.45 3.93
C ASN A 703 -36.58 -17.71 3.99
N GLU A 704 -36.88 -18.70 3.15
CA GLU A 704 -36.26 -20.01 3.33
C GLU A 704 -35.36 -20.48 2.20
N SER A 705 -35.30 -19.78 1.07
CA SER A 705 -34.51 -20.35 -0.02
C SER A 705 -33.02 -20.06 0.15
N TYR A 706 -32.22 -20.93 -0.44
CA TYR A 706 -30.78 -20.91 -0.36
C TYR A 706 -30.17 -19.95 -1.39
N GLY A 707 -30.60 -20.03 -2.63
CA GLY A 707 -30.04 -19.22 -3.70
C GLY A 707 -31.06 -18.47 -4.54
N LEU A 708 -32.30 -18.38 -4.06
CA LEU A 708 -33.37 -17.77 -4.84
C LEU A 708 -33.94 -16.52 -4.19
N LYS A 709 -33.37 -16.04 -3.06
CA LYS A 709 -33.95 -14.89 -2.38
C LYS A 709 -33.98 -13.66 -3.27
N GLU A 710 -32.86 -13.35 -3.93
CA GLU A 710 -32.84 -12.16 -4.78
C GLU A 710 -33.87 -12.27 -5.90
N THR A 711 -33.81 -13.35 -6.68
CA THR A 711 -34.74 -13.52 -7.79
C THR A 711 -36.19 -13.55 -7.29
N ALA A 712 -36.44 -14.26 -6.20
CA ALA A 712 -37.81 -14.37 -5.70
C ALA A 712 -38.37 -13.00 -5.33
N LEU A 713 -37.54 -12.14 -4.73
CA LEU A 713 -37.96 -10.77 -4.39
C LEU A 713 -38.21 -9.94 -5.64
N HIS A 714 -37.31 -10.03 -6.62
CA HIS A 714 -37.51 -9.36 -7.89
C HIS A 714 -38.85 -9.75 -8.51
N SER A 715 -39.18 -11.04 -8.50
CA SER A 715 -40.46 -11.49 -9.07
C SER A 715 -41.66 -10.96 -8.30
N MET A 716 -41.54 -10.80 -6.97
CA MET A 716 -42.66 -10.20 -6.23
C MET A 716 -42.97 -8.80 -6.77
N TRP A 717 -41.93 -8.00 -7.05
CA TRP A 717 -42.11 -6.67 -7.63
C TRP A 717 -42.68 -6.73 -9.04
N ALA A 718 -42.32 -7.74 -9.83
CA ALA A 718 -42.93 -7.90 -11.15
C ALA A 718 -44.43 -8.15 -11.05
N ILE A 719 -44.86 -8.89 -10.03
CA ILE A 719 -46.29 -9.06 -9.79
C ILE A 719 -46.96 -7.73 -9.44
N VAL A 720 -46.33 -6.94 -8.57
CA VAL A 720 -46.85 -5.61 -8.27
C VAL A 720 -46.96 -4.78 -9.55
N LYS A 721 -45.91 -4.79 -10.37
CA LYS A 721 -45.93 -4.09 -11.64
C LYS A 721 -47.11 -4.55 -12.49
N ALA A 722 -47.37 -5.85 -12.52
CA ALA A 722 -48.52 -6.35 -13.26
C ALA A 722 -49.82 -5.78 -12.68
N VAL A 723 -49.94 -5.79 -11.35
CA VAL A 723 -51.16 -5.35 -10.68
C VAL A 723 -51.39 -3.86 -10.88
N LEU A 724 -50.34 -3.06 -10.71
CA LEU A 724 -50.50 -1.63 -10.92
C LEU A 724 -50.81 -1.35 -12.38
N LEU A 725 -50.19 -2.08 -13.31
CA LEU A 725 -50.47 -1.87 -14.72
C LEU A 725 -51.92 -2.19 -15.06
N THR A 726 -52.50 -3.14 -14.34
CA THR A 726 -53.90 -3.49 -14.53
C THR A 726 -54.84 -2.45 -13.97
N ALA A 727 -54.40 -1.67 -12.99
CA ALA A 727 -55.21 -0.56 -12.50
C ALA A 727 -55.09 0.68 -13.38
N ASN A 728 -54.52 0.53 -14.57
CA ASN A 728 -54.34 1.61 -15.53
C ASN A 728 -53.58 2.79 -14.93
N LEU A 729 -52.70 2.47 -13.99
CA LEU A 729 -51.66 3.39 -13.56
C LEU A 729 -50.53 3.30 -14.59
N LYS A 730 -50.28 4.39 -15.29
CA LYS A 730 -49.35 4.32 -16.41
C LYS A 730 -47.94 4.69 -15.98
N GLU A 731 -46.99 4.01 -16.59
CA GLU A 731 -45.61 4.14 -16.18
C GLU A 731 -45.21 5.59 -16.29
N GLY A 732 -44.71 6.17 -15.19
CA GLY A 732 -44.33 7.57 -15.16
C GLY A 732 -45.43 8.56 -14.81
N GLU A 733 -46.70 8.17 -14.87
CA GLU A 733 -47.77 9.14 -14.64
C GLU A 733 -48.22 9.19 -13.19
N TYR A 734 -47.35 9.24 -12.26
CA TYR A 734 -47.86 9.34 -10.90
C TYR A 734 -47.87 10.79 -10.46
N PRO A 735 -48.68 11.14 -9.46
CA PRO A 735 -48.61 12.48 -8.87
C PRO A 735 -47.36 12.66 -8.01
N LYS A 736 -46.58 13.70 -8.31
CA LYS A 736 -45.36 13.92 -7.53
C LYS A 736 -45.73 14.40 -6.13
N GLY A 737 -44.76 14.23 -5.20
CA GLY A 737 -44.88 14.65 -3.82
C GLY A 737 -45.31 13.52 -2.90
N VAL A 738 -45.32 13.82 -1.60
CA VAL A 738 -45.74 12.85 -0.59
C VAL A 738 -47.25 12.69 -0.53
N PRO A 739 -47.76 11.47 -0.71
CA PRO A 739 -49.22 11.25 -0.69
C PRO A 739 -49.77 11.34 0.72
N SER A 740 -50.74 12.23 0.93
CA SER A 740 -51.38 12.26 2.23
C SER A 740 -52.35 11.11 2.37
N GLY A 741 -52.66 10.44 1.27
CA GLY A 741 -53.55 9.29 1.24
C GLY A 741 -53.02 8.27 0.26
N SER A 742 -53.76 7.97 -0.81
CA SER A 742 -53.26 7.00 -1.76
C SER A 742 -53.89 7.28 -3.11
N TYR A 743 -53.12 7.05 -4.17
CA TYR A 743 -53.63 7.14 -5.54
C TYR A 743 -53.76 5.76 -6.19
N VAL A 744 -53.67 4.72 -5.39
CA VAL A 744 -53.90 3.36 -5.83
C VAL A 744 -55.08 2.81 -5.05
N ASP A 745 -55.93 2.05 -5.72
CA ASP A 745 -57.10 1.52 -5.04
C ASP A 745 -56.65 0.66 -3.86
N ALA A 746 -57.47 0.65 -2.80
CA ALA A 746 -57.03 0.03 -1.56
C ALA A 746 -56.53 -1.40 -1.80
N SER A 747 -57.12 -2.11 -2.76
CA SER A 747 -56.71 -3.49 -3.01
C SER A 747 -55.27 -3.56 -3.47
N ALA A 748 -54.92 -2.76 -4.49
CA ALA A 748 -53.55 -2.77 -5.00
C ALA A 748 -52.56 -2.29 -3.95
N LEU A 749 -52.95 -1.29 -3.15
CA LEU A 749 -52.05 -0.78 -2.12
C LEU A 749 -51.67 -1.86 -1.12
N ALA A 750 -52.58 -2.79 -0.83
CA ALA A 750 -52.26 -3.93 0.02
C ALA A 750 -51.13 -4.78 -0.56
N VAL A 751 -51.11 -4.97 -1.88
CA VAL A 751 -50.05 -5.74 -2.53
C VAL A 751 -48.72 -4.99 -2.46
N ILE A 752 -48.75 -3.67 -2.68
CA ILE A 752 -47.55 -2.84 -2.55
C ILE A 752 -46.97 -2.96 -1.15
N GLN A 753 -47.82 -2.78 -0.13
CA GLN A 753 -47.34 -2.79 1.25
C GLN A 753 -46.76 -4.15 1.61
N THR A 754 -47.38 -5.23 1.14
CA THR A 754 -46.83 -6.55 1.41
C THR A 754 -45.40 -6.66 0.88
N VAL A 755 -45.18 -6.34 -0.39
CA VAL A 755 -43.84 -6.47 -0.94
C VAL A 755 -42.89 -5.46 -0.30
N ARG A 756 -43.36 -4.24 -0.03
CA ARG A 756 -42.53 -3.21 0.55
C ARG A 756 -41.97 -3.63 1.91
N GLU A 757 -42.78 -4.29 2.74
CA GLU A 757 -42.24 -4.76 4.01
C GLU A 757 -41.18 -5.83 3.81
N VAL A 758 -41.42 -6.79 2.91
CA VAL A 758 -40.43 -7.82 2.63
C VAL A 758 -39.15 -7.19 2.08
N SER A 759 -39.27 -6.22 1.18
CA SER A 759 -38.08 -5.53 0.69
C SER A 759 -37.30 -4.88 1.83
N LEU A 760 -37.98 -4.07 2.64
CA LEU A 760 -37.28 -3.41 3.75
C LEU A 760 -36.62 -4.41 4.68
N ASN A 761 -37.26 -5.56 4.93
CA ASN A 761 -36.72 -6.49 5.92
C ASN A 761 -35.44 -7.15 5.44
N ASN A 762 -35.24 -7.25 4.14
CA ASN A 762 -34.06 -7.87 3.56
C ASN A 762 -32.95 -6.91 3.25
N VAL A 763 -33.06 -5.66 3.67
CA VAL A 763 -31.93 -4.76 3.53
C VAL A 763 -31.46 -4.33 4.92
N ILE A 764 -32.41 -4.19 5.86
CA ILE A 764 -32.09 -3.85 7.23
C ILE A 764 -31.25 -4.95 7.87
N GLU A 765 -30.07 -4.58 8.35
CA GLU A 765 -29.10 -5.48 8.99
C GLU A 765 -28.80 -6.70 8.11
N GLU A 766 -28.63 -6.46 6.80
CA GLU A 766 -28.33 -7.48 5.80
C GLU A 766 -26.85 -7.48 5.46
N VAL A 767 -26.22 -8.66 5.54
CA VAL A 767 -24.76 -8.73 5.37
C VAL A 767 -24.36 -9.16 3.96
N GLU A 768 -25.29 -9.69 3.18
CA GLU A 768 -25.01 -10.09 1.80
C GLU A 768 -25.22 -8.88 0.90
N THR A 769 -24.12 -8.35 0.36
CA THR A 769 -24.23 -7.16 -0.47
C THR A 769 -24.98 -7.45 -1.77
N SER A 770 -25.02 -8.70 -2.20
CA SER A 770 -25.90 -9.06 -3.31
C SER A 770 -27.36 -8.75 -3.00
N MET A 771 -27.82 -9.09 -1.79
CA MET A 771 -29.23 -8.89 -1.50
C MET A 771 -29.55 -7.40 -1.44
N VAL A 772 -28.62 -6.58 -0.93
CA VAL A 772 -28.84 -5.15 -0.84
C VAL A 772 -28.86 -4.50 -2.23
N ILE A 773 -27.86 -4.79 -3.06
CA ILE A 773 -27.87 -4.25 -4.42
C ILE A 773 -29.17 -4.63 -5.11
N SER A 774 -29.52 -5.91 -5.07
CA SER A 774 -30.76 -6.36 -5.70
C SER A 774 -31.95 -5.60 -5.14
N VAL A 775 -32.03 -5.48 -3.81
CA VAL A 775 -33.20 -4.80 -3.23
C VAL A 775 -33.22 -3.33 -3.66
N PHE A 776 -32.09 -2.64 -3.53
CA PHE A 776 -32.05 -1.24 -3.89
C PHE A 776 -32.38 -1.02 -5.36
N GLN A 777 -31.99 -1.97 -6.22
CA GLN A 777 -32.31 -1.83 -7.64
C GLN A 777 -33.83 -1.94 -7.87
N ASP A 778 -34.45 -2.99 -7.35
CA ASP A 778 -35.90 -3.12 -7.50
C ASP A 778 -36.61 -1.89 -6.95
N LEU A 779 -36.23 -1.45 -5.75
CA LEU A 779 -36.92 -0.28 -5.21
C LEU A 779 -36.74 0.94 -6.12
N SER A 780 -35.54 1.12 -6.68
CA SER A 780 -35.27 2.29 -7.53
C SER A 780 -36.10 2.25 -8.81
N GLU A 781 -36.16 1.09 -9.46
CA GLU A 781 -36.98 0.98 -10.65
C GLU A 781 -38.46 1.22 -10.32
N MET A 782 -38.96 0.55 -9.29
CA MET A 782 -40.40 0.65 -9.05
C MET A 782 -40.81 2.06 -8.65
N LEU A 783 -39.98 2.80 -7.89
CA LEU A 783 -40.29 4.21 -7.58
C LEU A 783 -40.29 5.06 -8.85
N ARG A 784 -39.36 4.80 -9.78
CA ARG A 784 -39.30 5.54 -11.04
C ARG A 784 -40.56 5.31 -11.87
N LEU A 785 -41.07 4.08 -11.89
CA LEU A 785 -42.22 3.75 -12.71
C LEU A 785 -43.52 4.22 -12.07
N PHE A 786 -43.69 4.00 -10.77
CA PHE A 786 -44.98 4.16 -10.14
C PHE A 786 -44.97 5.13 -8.97
N GLY A 787 -43.85 5.80 -8.70
CA GLY A 787 -43.86 6.94 -7.80
C GLY A 787 -43.78 6.59 -6.33
N PRO A 788 -43.94 7.61 -5.47
CA PRO A 788 -43.70 7.40 -4.03
C PRO A 788 -44.64 6.41 -3.37
N ILE A 789 -45.79 6.11 -3.97
CA ILE A 789 -46.68 5.15 -3.34
C ILE A 789 -45.96 3.79 -3.11
N ILE A 790 -44.86 3.55 -3.83
CA ILE A 790 -44.14 2.30 -3.65
C ILE A 790 -43.58 2.23 -2.26
N ILE A 791 -43.23 3.38 -1.69
CA ILE A 791 -42.47 3.42 -0.45
C ILE A 791 -43.24 4.09 0.68
N MET A 792 -44.29 4.85 0.38
CA MET A 792 -45.04 5.45 1.46
C MET A 792 -46.45 5.79 1.00
N ASP A 793 -47.39 5.71 1.94
CA ASP A 793 -48.76 6.08 1.69
C ASP A 793 -49.36 6.62 2.98
N ASN A 794 -50.47 7.35 2.82
CA ASN A 794 -51.26 7.91 3.92
C ASN A 794 -50.39 8.72 4.89
N GLY A 795 -49.49 9.53 4.32
CA GLY A 795 -48.69 10.43 5.13
C GLY A 795 -47.78 9.75 6.14
N ASP A 796 -47.65 8.44 6.06
CA ASP A 796 -46.86 7.66 7.01
C ASP A 796 -45.53 7.34 6.35
N SER A 797 -44.48 8.09 6.73
CA SER A 797 -43.15 7.90 6.15
C SER A 797 -42.29 6.89 6.91
N THR A 798 -42.89 5.86 7.51
CA THR A 798 -42.07 4.97 8.32
C THR A 798 -41.14 4.14 7.45
N HIS A 799 -41.62 3.73 6.28
CA HIS A 799 -40.78 2.91 5.42
C HIS A 799 -39.81 3.77 4.63
N LEU A 800 -40.21 5.01 4.28
CA LEU A 800 -39.29 5.95 3.65
C LEU A 800 -38.10 6.29 4.58
N ASP A 801 -38.38 6.55 5.86
CA ASP A 801 -37.26 6.86 6.74
C ASP A 801 -36.33 5.67 6.93
N GLN A 802 -36.89 4.45 7.06
CA GLN A 802 -36.01 3.29 7.18
C GLN A 802 -35.15 3.16 5.93
N LEU A 803 -35.74 3.46 4.77
CA LEU A 803 -35.02 3.33 3.51
C LEU A 803 -33.82 4.25 3.45
N CYS A 804 -34.02 5.54 3.75
CA CYS A 804 -32.91 6.50 3.74
C CYS A 804 -31.84 6.15 4.76
N ARG A 805 -32.23 5.78 5.99
CA ARG A 805 -31.24 5.29 6.94
C ARG A 805 -30.31 4.26 6.31
N GLU A 806 -30.87 3.23 5.67
CA GLU A 806 -30.02 2.22 5.10
C GLU A 806 -29.21 2.78 3.95
N ALA A 807 -29.86 3.51 3.04
CA ALA A 807 -29.15 4.03 1.89
C ALA A 807 -28.03 4.95 2.33
N LEU A 808 -28.34 5.90 3.22
CA LEU A 808 -27.31 6.81 3.74
C LEU A 808 -26.20 6.04 4.45
N SER A 809 -26.58 4.97 5.16
CA SER A 809 -25.61 4.08 5.78
C SER A 809 -24.63 3.52 4.75
N VAL A 810 -25.12 3.13 3.57
CA VAL A 810 -24.22 2.59 2.56
C VAL A 810 -23.22 3.65 2.10
N LEU A 811 -23.68 4.89 1.91
CA LEU A 811 -22.81 6.00 1.53
C LEU A 811 -21.72 6.25 2.57
N LYS A 812 -22.07 6.18 3.85
CA LYS A 812 -21.08 6.35 4.89
C LYS A 812 -20.11 5.18 4.98
N GLY A 813 -20.33 4.12 4.21
CA GLY A 813 -19.49 2.95 4.33
C GLY A 813 -19.76 2.09 5.53
N GLU A 814 -20.90 2.28 6.21
CA GLU A 814 -21.15 1.67 7.51
C GLU A 814 -22.36 0.75 7.53
N HIS A 815 -22.64 0.03 6.44
CA HIS A 815 -23.79 -0.87 6.46
C HIS A 815 -23.37 -2.29 6.86
N ALA A 816 -24.34 -3.05 7.38
CA ALA A 816 -24.05 -4.41 7.79
C ALA A 816 -23.22 -5.13 6.73
N CYS A 817 -23.60 -4.99 5.47
CA CYS A 817 -22.92 -5.71 4.42
C CYS A 817 -21.53 -5.17 4.15
N GLN A 818 -21.27 -3.92 4.51
CA GLN A 818 -19.94 -3.36 4.36
C GLN A 818 -19.03 -3.66 5.55
N THR A 819 -19.56 -3.53 6.78
CA THR A 819 -18.78 -3.73 8.00
C THR A 819 -18.77 -5.23 8.33
N ILE A 820 -17.94 -5.95 7.61
CA ILE A 820 -17.64 -7.31 8.01
C ILE A 820 -16.48 -7.34 9.00
N LEU A 832 -8.18 5.03 -0.82
CA LEU A 832 -9.21 4.11 -0.35
C LEU A 832 -9.94 3.54 -1.57
N ASP A 833 -9.18 2.84 -2.42
CA ASP A 833 -9.75 2.21 -3.61
C ASP A 833 -10.59 0.98 -3.29
N ALA A 834 -11.75 0.87 -3.97
CA ALA A 834 -12.77 -0.13 -3.73
C ALA A 834 -12.91 -1.09 -4.92
N SER A 835 -13.56 -2.21 -4.65
CA SER A 835 -13.87 -3.16 -5.72
C SER A 835 -15.06 -2.64 -6.50
N GLU A 836 -15.15 -3.05 -7.78
CA GLU A 836 -16.28 -2.63 -8.59
C GLU A 836 -17.59 -3.05 -7.93
N THR A 837 -17.59 -4.16 -7.24
CA THR A 837 -18.79 -4.55 -6.52
C THR A 837 -19.17 -3.51 -5.48
N GLU A 838 -18.18 -3.05 -4.68
CA GLU A 838 -18.43 -2.03 -3.67
C GLU A 838 -18.78 -0.70 -4.31
N ALA A 839 -18.15 -0.38 -5.44
CA ALA A 839 -18.55 0.79 -6.22
C ALA A 839 -20.02 0.69 -6.60
N THR A 840 -20.42 -0.46 -7.14
CA THR A 840 -21.80 -0.67 -7.52
C THR A 840 -22.72 -0.47 -6.32
N LEU A 841 -22.35 -1.00 -5.15
CA LEU A 841 -23.19 -0.76 -3.99
C LEU A 841 -23.40 0.73 -3.77
N LEU A 842 -22.33 1.52 -3.91
CA LEU A 842 -22.48 2.97 -3.75
C LEU A 842 -23.45 3.54 -4.76
N ASP A 843 -23.33 3.12 -6.02
CA ASP A 843 -24.14 3.71 -7.07
C ASP A 843 -25.63 3.45 -6.85
N VAL A 844 -25.99 2.20 -6.58
CA VAL A 844 -27.40 1.87 -6.36
C VAL A 844 -27.97 2.62 -5.16
N ALA A 845 -27.16 2.91 -4.15
CA ALA A 845 -27.67 3.73 -3.05
C ALA A 845 -27.84 5.18 -3.48
N LEU A 846 -26.85 5.72 -4.19
CA LEU A 846 -27.00 7.04 -4.77
C LEU A 846 -28.26 7.09 -5.63
N ASP A 847 -28.53 5.99 -6.37
CA ASP A 847 -29.71 5.93 -7.22
C ASP A 847 -31.01 5.86 -6.44
N ILE A 848 -30.99 5.37 -5.22
CA ILE A 848 -32.17 5.48 -4.37
C ILE A 848 -32.53 6.94 -4.18
N TYR A 849 -31.52 7.79 -4.00
CA TYR A 849 -31.81 9.21 -3.85
C TYR A 849 -32.24 9.84 -5.18
N VAL A 850 -31.51 9.57 -6.27
CA VAL A 850 -31.91 10.15 -7.56
C VAL A 850 -33.36 9.81 -7.88
N ALA A 851 -33.78 8.59 -7.59
CA ALA A 851 -35.15 8.20 -7.86
C ALA A 851 -36.14 8.93 -6.94
N LEU A 852 -35.82 9.06 -5.66
CA LEU A 852 -36.72 9.77 -4.74
C LEU A 852 -36.84 11.26 -5.09
N SER A 853 -35.75 11.88 -5.55
CA SER A 853 -35.80 13.31 -5.83
C SER A 853 -36.77 13.59 -6.97
N THR A 854 -36.74 12.74 -8.01
CA THR A 854 -37.70 12.88 -9.09
C THR A 854 -39.12 12.57 -8.60
N ASN A 855 -39.26 11.72 -7.59
CA ASN A 855 -40.58 11.39 -7.08
C ASN A 855 -41.23 12.31 -6.06
N LEU A 856 -40.48 13.27 -5.55
CA LEU A 856 -40.94 14.07 -4.42
C LEU A 856 -40.74 15.49 -4.90
N VAL A 857 -39.75 15.74 -5.75
CA VAL A 857 -39.46 17.07 -6.25
C VAL A 857 -39.15 17.89 -4.99
N GLY A 858 -39.83 19.01 -4.82
CA GLY A 858 -39.56 19.85 -3.67
C GLY A 858 -39.80 19.26 -2.30
N GLY A 859 -40.55 18.16 -2.25
CA GLY A 859 -40.80 17.50 -0.97
C GLY A 859 -39.61 16.63 -0.64
N PHE A 860 -38.66 16.49 -1.58
CA PHE A 860 -37.44 15.72 -1.39
C PHE A 860 -36.45 16.41 -0.45
N ALA A 861 -36.52 17.74 -0.32
CA ALA A 861 -35.44 18.48 0.33
C ALA A 861 -35.17 17.97 1.74
N GLN A 862 -36.24 17.63 2.48
CA GLN A 862 -36.09 17.23 3.88
C GLN A 862 -35.33 15.91 3.99
N VAL A 863 -35.61 14.97 3.08
CA VAL A 863 -34.84 13.72 3.07
C VAL A 863 -33.39 14.00 2.67
N PHE A 864 -33.19 14.85 1.66
CA PHE A 864 -31.88 15.05 1.07
C PHE A 864 -30.88 15.67 2.04
N THR A 865 -31.39 16.25 3.13
CA THR A 865 -30.53 17.06 3.98
C THR A 865 -29.49 16.22 4.72
N THR A 866 -29.87 15.05 5.19
CA THR A 866 -28.87 14.20 5.84
C THR A 866 -27.82 13.69 4.86
N ALA A 867 -28.20 13.43 3.61
CA ALA A 867 -27.27 12.85 2.63
C ALA A 867 -26.42 13.90 1.92
N LYS A 868 -26.93 15.12 1.81
CA LYS A 868 -26.26 16.17 1.05
C LYS A 868 -24.80 16.36 1.42
N PRO A 869 -24.43 16.53 2.70
CA PRO A 869 -23.01 16.61 3.03
C PRO A 869 -22.23 15.37 2.65
N VAL A 870 -22.79 14.17 2.87
CA VAL A 870 -22.07 12.95 2.53
C VAL A 870 -21.84 12.88 1.02
N ILE A 871 -22.88 13.16 0.23
CA ILE A 871 -22.70 13.05 -1.20
C ILE A 871 -21.73 14.12 -1.68
N LEU A 872 -21.93 15.37 -1.24
CA LEU A 872 -20.97 16.40 -1.57
C LEU A 872 -19.57 15.97 -1.17
N GLN A 873 -19.44 15.37 0.01
CA GLN A 873 -18.15 14.86 0.44
C GLN A 873 -17.61 13.85 -0.56
N LEU A 874 -18.48 12.96 -1.02
CA LEU A 874 -18.02 11.94 -1.96
C LEU A 874 -17.54 12.54 -3.28
N CYS A 875 -17.98 13.75 -3.62
CA CYS A 875 -17.51 14.40 -4.85
C CYS A 875 -16.02 14.72 -4.78
N GLN A 876 -15.45 14.79 -3.57
CA GLN A 876 -14.04 15.09 -3.32
C GLN A 876 -13.20 13.85 -3.00
N SER A 877 -13.70 12.65 -3.32
CA SER A 877 -13.04 11.41 -2.91
C SER A 877 -11.69 11.22 -3.60
N LYS A 878 -10.86 10.38 -2.97
CA LYS A 878 -9.62 9.98 -3.62
C LYS A 878 -9.91 9.23 -4.92
N SER A 879 -11.04 8.52 -4.98
CA SER A 879 -11.37 7.67 -6.11
C SER A 879 -12.05 8.46 -7.21
N LYS A 880 -11.49 8.39 -8.42
CA LYS A 880 -12.08 9.03 -9.58
C LYS A 880 -13.45 8.42 -9.90
N ASN A 881 -13.60 7.12 -9.68
CA ASN A 881 -14.88 6.49 -9.92
C ASN A 881 -15.92 6.97 -8.91
N LYS A 882 -15.54 7.09 -7.64
CA LYS A 882 -16.46 7.61 -6.63
C LYS A 882 -16.86 9.04 -6.94
N ARG A 883 -15.90 9.86 -7.36
CA ARG A 883 -16.21 11.23 -7.74
C ARG A 883 -17.22 11.27 -8.86
N SER A 884 -16.97 10.51 -9.92
CA SER A 884 -17.86 10.48 -11.09
C SER A 884 -19.27 10.06 -10.69
N PHE A 885 -19.39 8.98 -9.92
CA PHE A 885 -20.73 8.56 -9.51
C PHE A 885 -21.45 9.68 -8.76
N ALA A 886 -20.75 10.35 -7.85
CA ALA A 886 -21.37 11.34 -6.97
C ALA A 886 -21.79 12.58 -7.74
N VAL A 887 -20.87 13.10 -8.56
CA VAL A 887 -21.18 14.28 -9.37
C VAL A 887 -22.35 13.99 -10.29
N GLY A 888 -22.41 12.78 -10.84
CA GLY A 888 -23.53 12.40 -11.66
C GLY A 888 -24.83 12.33 -10.88
N ALA A 889 -24.78 11.79 -9.68
CA ALA A 889 -25.98 11.69 -8.87
C ALA A 889 -26.44 13.07 -8.45
N LEU A 890 -25.50 13.95 -8.07
CA LEU A 890 -25.89 15.33 -7.78
C LEU A 890 -26.64 15.94 -8.94
N SER A 891 -26.13 15.77 -10.16
CA SER A 891 -26.78 16.38 -11.32
C SER A 891 -28.19 15.85 -11.47
N GLU A 892 -28.36 14.54 -11.38
CA GLU A 892 -29.68 13.91 -11.52
C GLU A 892 -30.62 14.27 -10.39
N ILE A 893 -30.09 14.54 -9.20
CA ILE A 893 -30.94 15.02 -8.12
C ILE A 893 -31.41 16.42 -8.45
N ALA A 894 -30.50 17.26 -8.95
CA ALA A 894 -30.88 18.61 -9.33
C ALA A 894 -32.02 18.58 -10.34
N LEU A 895 -31.96 17.63 -11.28
CA LEU A 895 -33.00 17.53 -12.29
C LEU A 895 -34.33 17.11 -11.70
N GLY A 896 -34.33 16.27 -10.68
CA GLY A 896 -35.59 15.86 -10.08
C GLY A 896 -36.23 16.99 -9.30
N MET A 897 -35.40 17.78 -8.61
CA MET A 897 -35.88 18.88 -7.80
C MET A 897 -36.18 20.14 -8.62
N ARG A 898 -35.52 20.30 -9.77
CA ARG A 898 -35.80 21.44 -10.65
C ARG A 898 -35.71 22.75 -9.88
N ASP A 899 -36.67 23.63 -10.14
CA ASP A 899 -36.63 24.98 -9.61
C ASP A 899 -37.16 25.05 -8.19
N GLU A 900 -37.64 23.95 -7.62
CA GLU A 900 -37.95 23.92 -6.21
C GLU A 900 -36.71 23.51 -5.39
N ASN A 901 -35.55 23.48 -6.02
CA ASN A 901 -34.34 23.09 -5.33
C ASN A 901 -33.90 24.27 -4.46
N PRO A 902 -33.96 24.12 -3.14
CA PRO A 902 -33.56 25.21 -2.24
C PRO A 902 -32.09 25.18 -1.89
N PHE A 903 -31.33 24.29 -2.55
CA PHE A 903 -29.89 24.15 -2.37
C PHE A 903 -29.15 24.43 -3.68
N ILE A 904 -29.82 25.07 -4.65
CA ILE A 904 -29.20 25.28 -5.97
C ILE A 904 -27.87 26.00 -5.83
N GLN A 905 -27.83 27.05 -5.02
CA GLN A 905 -26.60 27.84 -4.91
C GLN A 905 -25.44 27.01 -4.34
N GLU A 906 -25.69 26.26 -3.25
CA GLU A 906 -24.64 25.41 -2.70
C GLU A 906 -24.19 24.33 -3.69
N LEU A 907 -25.15 23.69 -4.38
CA LEU A 907 -24.80 22.68 -5.36
C LEU A 907 -24.01 23.27 -6.51
N LEU A 908 -24.42 24.46 -6.99
CA LEU A 908 -23.75 25.08 -8.13
C LEU A 908 -22.30 25.40 -7.79
N GLU A 909 -22.06 25.88 -6.57
CA GLU A 909 -20.70 26.20 -6.16
C GLU A 909 -19.84 24.94 -6.15
N ALA A 910 -20.40 23.84 -5.65
CA ALA A 910 -19.65 22.59 -5.59
C ALA A 910 -19.33 22.06 -6.99
N LEU A 911 -20.35 21.96 -7.86
CA LEU A 911 -20.13 21.41 -9.18
C LEU A 911 -19.24 22.30 -10.03
N ILE A 912 -19.30 23.62 -9.86
CA ILE A 912 -18.36 24.48 -10.58
C ILE A 912 -16.93 24.19 -10.15
N ILE A 913 -16.72 23.91 -8.86
CA ILE A 913 -15.39 23.51 -8.38
C ILE A 913 -14.93 22.26 -9.10
N SER A 914 -15.84 21.31 -9.26
CA SER A 914 -15.48 20.10 -9.99
C SER A 914 -15.21 20.43 -11.44
N LEU A 915 -16.12 21.18 -12.05
CA LEU A 915 -15.99 21.50 -13.46
C LEU A 915 -14.66 22.14 -13.76
N THR A 916 -14.13 22.89 -12.80
CA THR A 916 -12.91 23.67 -12.95
C THR A 916 -11.66 22.91 -12.57
N ASN A 917 -11.69 22.23 -11.43
CA ASN A 917 -10.47 21.77 -10.77
C ASN A 917 -10.25 20.27 -10.78
N ASP A 918 -11.19 19.48 -11.26
CA ASP A 918 -10.98 18.05 -11.18
C ASP A 918 -10.03 17.62 -12.30
N LYS A 919 -9.23 16.59 -12.00
CA LYS A 919 -8.27 16.13 -12.98
C LYS A 919 -8.83 15.07 -13.89
N SER A 920 -10.05 14.60 -13.65
CA SER A 920 -10.64 13.57 -14.49
C SER A 920 -11.57 14.23 -15.48
N LEU A 921 -11.26 14.07 -16.77
CA LEU A 921 -12.16 14.53 -17.81
C LEU A 921 -13.56 13.97 -17.59
N GLU A 922 -13.66 12.67 -17.30
CA GLU A 922 -14.96 12.07 -17.07
C GLU A 922 -15.73 12.77 -15.96
N VAL A 923 -15.03 13.15 -14.89
CA VAL A 923 -15.69 13.86 -13.81
C VAL A 923 -16.13 15.24 -14.27
N ARG A 924 -15.24 15.94 -14.98
CA ARG A 924 -15.57 17.29 -15.46
C ARG A 924 -16.73 17.26 -16.43
N CYS A 925 -16.80 16.22 -17.25
CA CYS A 925 -17.94 16.03 -18.16
C CYS A 925 -19.25 15.88 -17.38
N ASN A 926 -19.28 14.98 -16.41
CA ASN A 926 -20.51 14.81 -15.65
C ASN A 926 -20.87 16.08 -14.89
N ALA A 927 -19.87 16.86 -14.49
CA ALA A 927 -20.16 18.07 -13.74
C ALA A 927 -20.79 19.10 -14.65
N SER A 928 -20.37 19.16 -15.90
CA SER A 928 -20.93 20.14 -16.83
C SER A 928 -22.43 19.98 -16.92
N TYR A 929 -22.92 18.73 -16.97
CA TYR A 929 -24.36 18.50 -17.01
C TYR A 929 -25.07 19.12 -15.80
N GLY A 930 -24.61 18.83 -14.59
CA GLY A 930 -25.22 19.45 -13.43
C GLY A 930 -25.17 20.97 -13.50
N VAL A 931 -24.03 21.52 -13.93
CA VAL A 931 -23.87 22.98 -13.85
C VAL A 931 -24.95 23.66 -14.66
N GLY A 932 -25.11 23.25 -15.93
CA GLY A 932 -26.17 23.77 -16.76
C GLY A 932 -27.57 23.58 -16.19
N LEU A 933 -27.85 22.43 -15.60
CA LEU A 933 -29.19 22.23 -15.02
C LEU A 933 -29.45 23.22 -13.90
N LEU A 934 -28.50 23.33 -12.96
CA LEU A 934 -28.66 24.25 -11.84
C LEU A 934 -28.81 25.70 -12.32
N ILE A 935 -28.02 26.11 -13.31
CA ILE A 935 -28.15 27.45 -13.88
C ILE A 935 -29.53 27.66 -14.46
N GLU A 936 -30.06 26.65 -15.14
CA GLU A 936 -31.39 26.71 -15.74
C GLU A 936 -32.47 26.83 -14.70
N TYR A 937 -32.28 26.25 -13.53
CA TYR A 937 -33.29 26.31 -12.48
C TYR A 937 -33.07 27.46 -11.51
N SER A 938 -31.91 28.10 -11.57
CA SER A 938 -31.59 29.17 -10.64
C SER A 938 -32.53 30.34 -10.86
N SER A 939 -33.00 30.94 -9.76
CA SER A 939 -33.76 32.17 -9.80
C SER A 939 -33.00 33.34 -9.17
N PHE A 940 -31.77 33.13 -8.75
CA PHE A 940 -30.92 34.19 -8.25
C PHE A 940 -29.93 34.59 -9.34
N ASP A 941 -28.98 35.45 -9.02
CA ASP A 941 -28.13 36.06 -10.03
C ASP A 941 -26.83 35.29 -10.17
N VAL A 942 -26.57 34.81 -11.38
CA VAL A 942 -25.40 34.00 -11.66
C VAL A 942 -24.46 34.67 -12.67
N SER A 943 -24.66 35.95 -12.96
CA SER A 943 -23.80 36.66 -13.91
C SER A 943 -22.34 36.57 -13.52
N ALA A 944 -22.10 36.50 -12.20
CA ALA A 944 -20.74 36.41 -11.67
C ALA A 944 -19.99 35.18 -12.20
N ILE A 945 -20.66 34.02 -12.30
CA ILE A 945 -19.98 32.76 -12.62
C ILE A 945 -20.04 32.39 -14.12
N TYR A 946 -20.69 33.19 -14.95
CA TYR A 946 -20.74 32.85 -16.38
C TYR A 946 -19.34 32.87 -17.00
N SER A 947 -18.56 33.91 -16.76
CA SER A 947 -17.25 33.96 -17.41
C SER A 947 -16.32 32.83 -16.99
N PRO A 948 -16.20 32.48 -15.72
CA PRO A 948 -15.29 31.38 -15.36
C PRO A 948 -15.78 30.03 -15.84
N VAL A 949 -17.08 29.77 -15.69
CA VAL A 949 -17.65 28.50 -16.14
C VAL A 949 -17.42 28.30 -17.63
N LEU A 950 -17.68 29.34 -18.43
CA LEU A 950 -17.48 29.21 -19.88
C LEU A 950 -16.02 28.99 -20.23
N LYS A 951 -15.10 29.56 -19.47
CA LYS A 951 -13.70 29.34 -19.73
C LYS A 951 -13.30 27.90 -19.38
N SER A 952 -13.89 27.36 -18.29
CA SER A 952 -13.67 25.95 -17.97
C SER A 952 -14.31 25.05 -19.00
N LEU A 953 -15.55 25.35 -19.41
CA LEU A 953 -16.19 24.56 -20.45
C LEU A 953 -15.35 24.53 -21.71
N TYR A 954 -14.92 25.69 -22.18
CA TYR A 954 -14.12 25.74 -23.40
C TYR A 954 -12.85 24.90 -23.27
N GLU A 955 -12.27 24.83 -22.07
CA GLU A 955 -11.07 24.04 -21.86
C GLU A 955 -11.38 22.54 -21.92
N ILE A 956 -12.47 22.11 -21.27
CA ILE A 956 -12.89 20.73 -21.38
C ILE A 956 -13.08 20.33 -22.84
N LEU A 957 -13.80 21.16 -23.60
CA LEU A 957 -13.92 20.89 -25.03
C LEU A 957 -12.56 20.73 -25.69
N SER A 958 -11.62 21.61 -25.36
CA SER A 958 -10.34 21.63 -26.08
C SER A 958 -9.45 20.45 -25.71
N VAL A 959 -9.56 19.91 -24.49
CA VAL A 959 -8.81 18.70 -24.19
C VAL A 959 -9.48 17.47 -24.80
N ALA A 960 -10.83 17.45 -24.81
CA ALA A 960 -11.52 16.37 -25.50
C ALA A 960 -11.25 16.39 -27.00
N ASP A 961 -11.14 17.59 -27.59
CA ASP A 961 -10.74 17.68 -28.99
C ASP A 961 -9.39 17.00 -29.22
N GLU A 962 -8.46 17.15 -28.27
CA GLU A 962 -7.14 16.53 -28.41
C GLU A 962 -7.27 15.01 -28.38
N LYS A 963 -7.94 14.48 -27.34
CA LYS A 963 -8.04 13.04 -27.22
C LYS A 963 -8.70 12.41 -28.44
N ASN A 964 -9.63 13.11 -29.07
CA ASN A 964 -10.21 12.61 -30.31
C ASN A 964 -9.16 12.55 -31.42
N ASP A 970 -9.51 2.92 -29.50
CA ASP A 970 -9.85 3.18 -28.11
C ASP A 970 -11.27 3.75 -28.00
N GLU A 971 -12.28 2.89 -28.11
CA GLU A 971 -13.66 3.31 -27.95
C GLU A 971 -13.98 3.77 -26.52
N ALA A 972 -13.21 3.34 -25.51
CA ALA A 972 -13.46 3.75 -24.12
C ALA A 972 -13.25 5.25 -23.93
N THR A 973 -12.15 5.76 -24.49
CA THR A 973 -11.91 7.19 -24.52
C THR A 973 -12.93 7.88 -25.41
N LYS A 974 -13.32 7.26 -26.53
CA LYS A 974 -14.26 7.87 -27.47
C LYS A 974 -15.63 8.10 -26.84
N GLU A 975 -16.10 7.16 -26.02
CA GLU A 975 -17.37 7.37 -25.32
C GLU A 975 -17.27 8.52 -24.32
N ILE A 976 -16.15 8.63 -23.60
CA ILE A 976 -16.01 9.78 -22.70
C ILE A 976 -15.85 11.07 -23.50
N VAL A 977 -15.05 11.03 -24.57
CA VAL A 977 -14.91 12.21 -25.42
C VAL A 977 -16.27 12.62 -26.00
N ASP A 978 -17.03 11.65 -26.50
CA ASP A 978 -18.30 12.01 -27.12
C ASP A 978 -19.31 12.47 -26.09
N ARG A 979 -19.33 11.84 -24.91
CA ARG A 979 -20.26 12.31 -23.88
C ARG A 979 -19.90 13.72 -23.41
N THR A 980 -18.60 14.04 -23.42
CA THR A 980 -18.19 15.41 -23.09
C THR A 980 -18.72 16.38 -24.12
N PHE A 981 -18.64 16.02 -25.40
CA PHE A 981 -19.20 16.89 -26.43
C PHE A 981 -20.67 17.16 -26.14
N SER A 982 -21.45 16.11 -25.91
CA SER A 982 -22.88 16.33 -25.69
C SER A 982 -23.14 17.09 -24.40
N ASN A 983 -22.48 16.72 -23.31
CA ASN A 983 -22.79 17.39 -22.04
C ASN A 983 -22.34 18.85 -22.05
N VAL A 984 -21.16 19.13 -22.59
CA VAL A 984 -20.68 20.50 -22.63
C VAL A 984 -21.58 21.36 -23.50
N CYS A 985 -21.89 20.88 -24.71
CA CYS A 985 -22.75 21.67 -25.58
C CYS A 985 -24.15 21.83 -24.99
N GLY A 986 -24.67 20.80 -24.34
CA GLY A 986 -25.92 20.99 -23.62
C GLY A 986 -25.86 22.09 -22.58
N CYS A 987 -24.74 22.18 -21.83
CA CYS A 987 -24.63 23.16 -20.74
C CYS A 987 -24.57 24.59 -21.27
N VAL A 988 -23.73 24.84 -22.27
CA VAL A 988 -23.69 26.15 -22.89
C VAL A 988 -25.09 26.54 -23.36
N ALA A 989 -25.72 25.67 -24.14
CA ALA A 989 -27.08 25.95 -24.63
C ALA A 989 -28.03 26.32 -23.49
N ARG A 990 -28.02 25.55 -22.40
CA ARG A 990 -28.88 25.92 -21.27
C ARG A 990 -28.53 27.28 -20.74
N MET A 991 -27.24 27.63 -20.78
CA MET A 991 -26.79 28.92 -20.31
C MET A 991 -27.27 30.05 -21.21
N ILE A 992 -27.14 29.87 -22.53
CA ILE A 992 -27.58 30.87 -23.47
C ILE A 992 -29.08 31.08 -23.38
N LEU A 993 -29.83 29.99 -23.20
CA LEU A 993 -31.27 30.12 -23.10
C LEU A 993 -31.69 30.83 -21.82
N LYS A 994 -30.87 30.73 -20.77
CA LYS A 994 -31.19 31.31 -19.46
C LYS A 994 -30.94 32.82 -19.46
N HIS A 995 -29.74 33.23 -19.88
CA HIS A 995 -29.31 34.59 -19.89
C HIS A 995 -28.60 34.80 -21.22
N GLN A 996 -29.37 34.79 -22.30
CA GLN A 996 -28.75 34.92 -23.61
C GLN A 996 -27.78 36.08 -23.68
N ASN A 997 -28.03 37.15 -22.92
CA ASN A 997 -27.26 38.37 -23.09
C ASN A 997 -25.94 38.40 -22.33
N LEU A 998 -25.72 37.50 -21.36
CA LEU A 998 -24.40 37.41 -20.74
C LEU A 998 -23.42 36.58 -21.54
N VAL A 999 -23.83 35.98 -22.64
CA VAL A 999 -22.97 35.07 -23.39
C VAL A 999 -22.66 35.71 -24.73
N PRO A 1000 -21.39 35.77 -25.14
CA PRO A 1000 -21.05 36.19 -26.50
C PRO A 1000 -21.22 35.08 -27.52
N LEU A 1001 -22.29 35.17 -28.32
CA LEU A 1001 -22.71 34.18 -29.29
C LEU A 1001 -21.79 34.06 -30.50
N GLU A 1002 -20.88 35.01 -30.70
CA GLU A 1002 -20.13 35.05 -31.95
C GLU A 1002 -19.14 33.89 -32.04
N HIS A 1003 -18.38 33.64 -30.98
CA HIS A 1003 -17.45 32.52 -30.95
C HIS A 1003 -18.10 31.23 -30.47
N THR A 1004 -19.17 31.34 -29.67
CA THR A 1004 -19.83 30.19 -29.05
C THR A 1004 -20.63 29.38 -30.07
N ILE A 1005 -21.52 30.02 -30.85
CA ILE A 1005 -22.32 29.27 -31.80
C ILE A 1005 -21.45 28.47 -32.76
N PRO A 1006 -20.38 29.01 -33.33
CA PRO A 1006 -19.49 28.18 -34.15
C PRO A 1006 -18.97 26.93 -33.46
N ALA A 1007 -18.44 27.04 -32.24
CA ALA A 1007 -17.89 25.85 -31.57
C ALA A 1007 -18.97 24.83 -31.28
N LEU A 1008 -20.16 25.30 -30.93
CA LEU A 1008 -21.30 24.43 -30.72
C LEU A 1008 -21.65 23.67 -32.00
N LEU A 1009 -21.82 24.39 -33.11
CA LEU A 1009 -22.08 23.72 -34.38
C LEU A 1009 -20.99 22.71 -34.71
N SER A 1010 -19.74 23.02 -34.37
CA SER A 1010 -18.64 22.17 -34.76
C SER A 1010 -18.69 20.80 -34.10
N HIS A 1011 -19.44 20.65 -33.01
CA HIS A 1011 -19.56 19.36 -32.33
C HIS A 1011 -20.92 18.70 -32.55
N LEU A 1012 -21.75 19.29 -33.41
CA LEU A 1012 -22.98 18.69 -33.87
C LEU A 1012 -22.80 18.11 -35.27
N PRO A 1013 -23.51 17.01 -35.60
CA PRO A 1013 -24.44 16.32 -34.70
C PRO A 1013 -23.71 15.47 -33.68
N PHE A 1014 -24.41 15.09 -32.62
CA PHE A 1014 -23.89 14.25 -31.56
C PHE A 1014 -23.77 12.79 -32.02
N ASN A 1015 -22.97 12.01 -31.28
CA ASN A 1015 -22.93 10.55 -31.46
C ASN A 1015 -23.48 9.80 -30.27
N THR A 1016 -23.83 10.48 -29.19
CA THR A 1016 -24.40 9.86 -28.00
C THR A 1016 -25.07 10.96 -27.17
N ALA A 1017 -25.73 10.54 -26.10
CA ALA A 1017 -26.32 11.46 -25.14
C ALA A 1017 -27.25 12.44 -25.86
N PHE A 1018 -28.15 11.89 -26.66
CA PHE A 1018 -29.02 12.74 -27.46
C PHE A 1018 -30.04 13.49 -26.62
N GLU A 1019 -30.10 13.24 -25.30
CA GLU A 1019 -30.94 14.07 -24.45
C GLU A 1019 -30.44 15.51 -24.44
N GLU A 1020 -29.15 15.71 -24.70
CA GLU A 1020 -28.60 17.06 -24.72
C GLU A 1020 -28.93 17.79 -26.01
N TYR A 1021 -29.58 17.11 -26.97
CA TYR A 1021 -30.20 17.77 -28.11
C TYR A 1021 -31.35 18.67 -27.68
N ASP A 1022 -32.00 18.37 -26.56
CA ASP A 1022 -33.21 19.10 -26.19
C ASP A 1022 -32.98 20.59 -25.97
N PRO A 1023 -32.02 21.00 -25.12
CA PRO A 1023 -31.73 22.44 -25.01
C PRO A 1023 -31.13 23.01 -26.29
N ILE A 1024 -30.42 22.20 -27.07
CA ILE A 1024 -29.89 22.69 -28.33
C ILE A 1024 -31.01 22.92 -29.33
N PHE A 1025 -32.00 22.03 -29.38
CA PHE A 1025 -33.13 22.29 -30.25
C PHE A 1025 -33.85 23.56 -29.82
N LYS A 1026 -34.10 23.71 -28.52
CA LYS A 1026 -34.80 24.89 -28.05
C LYS A 1026 -34.02 26.18 -28.39
N LEU A 1027 -32.69 26.11 -28.35
CA LEU A 1027 -31.88 27.27 -28.69
C LEU A 1027 -31.94 27.58 -30.19
N PHE A 1028 -31.84 26.57 -31.04
CA PHE A 1028 -32.04 26.78 -32.47
C PHE A 1028 -33.42 27.38 -32.77
N LEU A 1029 -34.44 26.97 -32.02
CA LEU A 1029 -35.76 27.54 -32.20
C LEU A 1029 -35.79 29.03 -31.81
N LYS A 1030 -35.16 29.37 -30.68
CA LYS A 1030 -35.13 30.76 -30.22
C LYS A 1030 -34.30 31.63 -31.13
N LEU A 1031 -33.15 31.12 -31.55
CA LEU A 1031 -32.25 31.93 -32.38
C LEU A 1031 -32.84 32.25 -33.74
N PHE A 1032 -33.64 31.35 -34.33
CA PHE A 1032 -34.20 31.68 -35.64
C PHE A 1032 -35.39 32.63 -35.53
N GLN A 1033 -36.27 32.43 -34.55
CA GLN A 1033 -37.42 33.33 -34.34
C GLN A 1033 -36.97 34.77 -34.06
N GLU A 1034 -35.82 34.98 -33.42
CA GLU A 1034 -35.24 36.30 -33.28
C GLU A 1034 -34.49 36.72 -34.52
N GLN A 1035 -34.45 35.87 -35.53
CA GLN A 1035 -33.67 36.15 -36.73
C GLN A 1035 -32.26 36.60 -36.34
N ASN A 1036 -31.77 36.03 -35.24
CA ASN A 1036 -30.41 36.26 -34.79
C ASN A 1036 -29.43 35.98 -35.93
N SER A 1037 -28.56 36.95 -36.22
CA SER A 1037 -27.73 36.85 -37.40
C SER A 1037 -26.77 35.65 -37.33
N THR A 1038 -26.17 35.43 -36.17
CA THR A 1038 -25.15 34.38 -36.06
C THR A 1038 -25.70 33.04 -36.49
N ILE A 1039 -26.95 32.74 -36.16
CA ILE A 1039 -27.58 31.49 -36.59
C ILE A 1039 -28.03 31.56 -38.05
N ILE A 1040 -28.54 32.72 -38.50
CA ILE A 1040 -29.13 32.81 -39.84
C ILE A 1040 -28.06 32.73 -40.92
N ASN A 1041 -26.83 33.12 -40.60
CA ASN A 1041 -25.77 32.93 -41.58
C ASN A 1041 -25.24 31.51 -41.54
N GLU A 1042 -25.57 30.76 -40.50
CA GLU A 1042 -25.10 29.40 -40.32
C GLU A 1042 -26.19 28.38 -40.60
N ALA A 1043 -27.19 28.74 -41.42
CA ALA A 1043 -28.28 27.82 -41.71
C ALA A 1043 -27.81 26.51 -42.34
N PRO A 1044 -26.85 26.49 -43.26
CA PRO A 1044 -26.51 25.21 -43.93
C PRO A 1044 -26.10 24.09 -42.97
N LYS A 1045 -25.23 24.37 -41.98
CA LYS A 1045 -24.88 23.33 -41.02
C LYS A 1045 -26.09 22.90 -40.20
N VAL A 1046 -27.00 23.83 -39.91
CA VAL A 1046 -28.21 23.50 -39.15
C VAL A 1046 -29.03 22.44 -39.89
N ILE A 1047 -29.25 22.64 -41.18
CA ILE A 1047 -30.01 21.65 -41.96
C ILE A 1047 -29.27 20.34 -42.02
N ALA A 1048 -27.95 20.39 -42.24
CA ALA A 1048 -27.17 19.16 -42.24
C ALA A 1048 -27.34 18.40 -40.93
N ILE A 1049 -27.39 19.12 -39.81
CA ILE A 1049 -27.61 18.49 -38.51
C ILE A 1049 -29.01 17.88 -38.43
N PHE A 1050 -30.04 18.64 -38.83
CA PHE A 1050 -31.39 18.07 -38.80
C PHE A 1050 -31.58 16.97 -39.84
N ALA A 1051 -30.79 16.98 -40.92
CA ALA A 1051 -30.80 15.85 -41.82
C ALA A 1051 -30.43 14.59 -41.05
N THR A 1052 -29.31 14.65 -40.31
CA THR A 1052 -28.87 13.50 -39.52
C THR A 1052 -29.84 13.19 -38.39
N VAL A 1053 -30.33 14.22 -37.68
CA VAL A 1053 -31.25 13.95 -36.59
C VAL A 1053 -32.43 13.14 -37.10
N PHE A 1054 -33.01 13.56 -38.22
CA PHE A 1054 -34.23 12.95 -38.73
C PHE A 1054 -33.97 11.62 -39.39
N GLU A 1055 -32.79 11.45 -39.98
CA GLU A 1055 -32.42 10.15 -40.50
C GLU A 1055 -32.27 9.14 -39.39
N LYS A 1056 -31.68 9.53 -38.26
CA LYS A 1056 -31.55 8.57 -37.19
C LYS A 1056 -32.88 8.23 -36.55
N GLU A 1057 -33.82 9.17 -36.54
CA GLU A 1057 -35.08 8.89 -35.90
C GLU A 1057 -35.90 7.89 -36.71
N SER A 1058 -35.73 7.88 -38.03
CA SER A 1058 -36.41 6.91 -38.87
C SER A 1058 -35.70 5.56 -38.90
N GLU A 1059 -34.37 5.54 -38.81
CA GLU A 1059 -33.66 4.29 -38.59
C GLU A 1059 -34.14 3.63 -37.30
N ARG A 1060 -34.28 4.44 -36.27
CA ARG A 1060 -34.72 3.93 -34.98
C ARG A 1060 -36.17 3.45 -35.03
N ILE A 1061 -37.04 4.14 -35.77
CA ILE A 1061 -38.43 3.69 -35.82
C ILE A 1061 -38.55 2.35 -36.53
N GLU A 1062 -37.72 2.12 -37.55
CA GLU A 1062 -37.69 0.84 -38.22
C GLU A 1062 -37.25 -0.26 -37.27
N LEU A 1063 -36.14 -0.06 -36.57
CA LEU A 1063 -35.71 -1.04 -35.58
C LEU A 1063 -36.81 -1.36 -34.59
N GLU A 1064 -37.57 -0.36 -34.15
CA GLU A 1064 -38.58 -0.60 -33.14
C GLU A 1064 -39.55 -1.68 -33.56
N THR A 1065 -39.82 -1.79 -34.86
CA THR A 1065 -40.78 -2.76 -35.37
C THR A 1065 -40.10 -4.06 -35.80
N ASN A 1066 -38.83 -4.02 -36.19
CA ASN A 1066 -38.16 -5.21 -36.70
C ASN A 1066 -37.46 -6.02 -35.61
N SER A 1067 -37.00 -5.37 -34.53
CA SER A 1067 -36.17 -6.02 -33.52
C SER A 1067 -36.93 -7.14 -32.80
N THR A 1068 -36.18 -8.06 -32.20
CA THR A 1068 -36.80 -9.14 -31.45
C THR A 1068 -37.54 -8.57 -30.26
N LEU A 1069 -38.74 -9.09 -29.98
CA LEU A 1069 -39.49 -8.64 -28.81
C LEU A 1069 -38.68 -8.78 -27.54
N GLY A 1070 -38.54 -7.66 -26.83
CA GLY A 1070 -37.90 -7.57 -25.53
C GLY A 1070 -36.47 -7.09 -25.52
N ARG A 1071 -35.88 -6.85 -26.68
CA ARG A 1071 -34.58 -6.17 -26.71
C ARG A 1071 -34.82 -4.66 -26.62
N LYS A 1077 -33.44 5.28 -25.27
CA LYS A 1077 -32.30 6.20 -25.19
C LYS A 1077 -31.73 6.53 -26.55
N ARG A 1078 -32.08 5.77 -27.59
CA ARG A 1078 -31.72 6.23 -28.93
C ARG A 1078 -32.67 7.31 -29.43
N LYS A 1079 -33.54 7.82 -28.57
CA LYS A 1079 -34.46 8.89 -28.96
C LYS A 1079 -33.71 10.18 -29.27
N GLN A 1080 -33.98 10.76 -30.44
CA GLN A 1080 -33.44 12.05 -30.85
C GLN A 1080 -34.23 13.21 -30.25
N PHE A 1081 -35.52 13.01 -29.98
CA PHE A 1081 -36.41 14.06 -29.49
C PHE A 1081 -36.96 13.64 -28.13
N GLN A 1082 -36.90 14.54 -27.17
CA GLN A 1082 -37.33 14.19 -25.84
C GLN A 1082 -38.83 14.33 -25.65
N SER A 1083 -39.54 14.78 -26.67
CA SER A 1083 -40.98 14.97 -26.55
C SER A 1083 -41.58 15.10 -27.95
N GLU A 1084 -42.87 14.83 -28.05
CA GLU A 1084 -43.53 15.02 -29.34
C GLU A 1084 -43.66 16.50 -29.65
N GLU A 1085 -43.87 17.32 -28.62
CA GLU A 1085 -44.04 18.76 -28.84
C GLU A 1085 -42.78 19.38 -29.43
N ILE A 1086 -41.61 19.03 -28.89
CA ILE A 1086 -40.38 19.59 -29.44
C ILE A 1086 -40.16 19.10 -30.85
N LYS A 1087 -40.58 17.87 -31.16
CA LYS A 1087 -40.49 17.37 -32.53
C LYS A 1087 -41.30 18.24 -33.47
N GLN A 1088 -42.54 18.55 -33.11
CA GLN A 1088 -43.38 19.39 -33.96
C GLN A 1088 -42.80 20.78 -34.09
N GLN A 1089 -42.36 21.37 -32.98
CA GLN A 1089 -41.72 22.68 -33.05
C GLN A 1089 -40.51 22.66 -33.98
N VAL A 1090 -39.68 21.61 -33.90
CA VAL A 1090 -38.58 21.45 -34.85
C VAL A 1090 -39.10 21.34 -36.27
N ILE A 1091 -40.24 20.65 -36.46
CA ILE A 1091 -40.83 20.50 -37.78
C ILE A 1091 -41.34 21.85 -38.29
N GLU A 1092 -42.11 22.56 -37.45
CA GLU A 1092 -42.60 23.88 -37.85
C GLU A 1092 -41.46 24.78 -38.30
N LEU A 1093 -40.37 24.85 -37.52
CA LEU A 1093 -39.21 25.62 -37.91
C LEU A 1093 -38.63 25.16 -39.25
N LEU A 1094 -38.55 23.85 -39.47
CA LEU A 1094 -38.06 23.34 -40.74
C LEU A 1094 -38.92 23.81 -41.92
N LYS A 1095 -40.22 23.96 -41.71
CA LYS A 1095 -41.06 24.56 -42.74
C LYS A 1095 -40.67 26.01 -43.01
N HIS A 1096 -40.61 26.85 -41.97
CA HIS A 1096 -40.25 28.25 -42.17
C HIS A 1096 -38.89 28.39 -42.84
N LEU A 1097 -38.02 27.49 -42.50
CA LEU A 1097 -36.74 27.49 -43.10
C LEU A 1097 -36.95 27.26 -44.55
N ASN A 1098 -37.92 26.45 -44.92
CA ASN A 1098 -38.28 26.22 -46.31
C ASN A 1098 -38.92 27.43 -46.97
N GLN A 1099 -39.76 28.15 -46.24
CA GLN A 1099 -40.41 29.32 -46.79
C GLN A 1099 -39.36 30.34 -47.13
N GLN A 1100 -38.40 30.53 -46.24
CA GLN A 1100 -37.25 31.39 -46.36
C GLN A 1100 -36.12 30.65 -47.10
N PHE A 1101 -35.01 31.30 -47.38
CA PHE A 1101 -33.83 30.62 -47.91
C PHE A 1101 -33.98 29.80 -49.18
N ASN A 1102 -34.90 30.14 -50.05
CA ASN A 1102 -35.17 29.41 -51.30
C ASN A 1102 -35.47 27.94 -51.10
N GLY A 1103 -36.16 27.58 -50.03
CA GLY A 1103 -36.47 26.18 -49.84
C GLY A 1103 -35.38 25.15 -49.80
N ALA A 1104 -34.25 25.49 -49.23
CA ALA A 1104 -33.15 24.57 -49.19
C ALA A 1104 -33.44 23.40 -48.28
N VAL A 1105 -34.44 23.53 -47.42
CA VAL A 1105 -34.74 22.41 -46.53
C VAL A 1105 -35.25 21.23 -47.34
N ALA A 1106 -36.15 21.49 -48.28
CA ALA A 1106 -36.71 20.45 -49.13
C ALA A 1106 -35.71 19.93 -50.14
N GLN A 1107 -34.59 20.63 -50.37
CA GLN A 1107 -33.54 20.10 -51.25
C GLN A 1107 -32.90 18.84 -50.67
N ASN A 1108 -33.26 18.48 -49.43
CA ASN A 1108 -32.79 17.30 -48.73
C ASN A 1108 -33.83 16.20 -48.84
N PRO A 1109 -33.54 15.04 -49.43
CA PRO A 1109 -34.55 13.96 -49.45
C PRO A 1109 -35.13 13.71 -48.07
N VAL A 1110 -34.27 13.70 -47.04
CA VAL A 1110 -34.69 13.35 -45.70
C VAL A 1110 -35.70 14.35 -45.15
N LEU A 1111 -35.38 15.65 -45.23
CA LEU A 1111 -36.30 16.61 -44.62
C LEU A 1111 -37.47 16.93 -45.52
N ALA A 1112 -37.28 16.91 -46.83
CA ALA A 1112 -38.40 17.06 -47.73
C ALA A 1112 -39.51 16.08 -47.35
N GLN A 1113 -39.12 14.87 -46.95
CA GLN A 1113 -40.12 13.92 -46.48
C GLN A 1113 -40.80 14.41 -45.19
N VAL A 1114 -40.06 15.06 -44.30
CA VAL A 1114 -40.69 15.47 -43.05
C VAL A 1114 -41.45 16.79 -43.21
N ILE A 1115 -40.96 17.71 -44.05
CA ILE A 1115 -41.61 19.01 -44.23
C ILE A 1115 -43.05 18.86 -44.70
N ALA A 1116 -43.30 17.97 -45.66
CA ALA A 1116 -44.65 17.83 -46.19
C ALA A 1116 -45.49 16.96 -45.29
N LEU B 62 36.31 21.55 -35.26
CA LEU B 62 37.01 22.55 -34.47
C LEU B 62 36.94 23.88 -35.21
N ALA B 63 36.83 23.79 -36.54
CA ALA B 63 36.51 24.98 -37.29
C ALA B 63 35.20 25.56 -36.80
N GLY B 64 34.17 24.71 -36.67
CA GLY B 64 32.88 25.17 -36.19
C GLY B 64 32.80 25.50 -34.71
N VAL B 65 33.63 24.86 -33.87
CA VAL B 65 33.52 25.05 -32.42
C VAL B 65 33.86 26.47 -32.01
N GLU B 66 34.94 27.02 -32.56
CA GLU B 66 35.38 28.36 -32.18
C GLU B 66 34.50 29.46 -32.77
N ALA B 67 33.88 29.21 -33.92
CA ALA B 67 33.01 30.21 -34.51
C ALA B 67 31.86 30.55 -33.58
N ARG B 68 31.31 29.54 -32.90
CA ARG B 68 30.23 29.78 -31.96
C ARG B 68 30.64 30.76 -30.87
N LYS B 69 31.85 30.58 -30.32
CA LYS B 69 32.30 31.42 -29.22
C LYS B 69 32.22 32.90 -29.58
N GLN B 70 32.68 33.27 -30.79
CA GLN B 70 32.74 34.67 -31.21
C GLN B 70 31.40 35.28 -31.62
N VAL B 71 30.39 34.47 -31.95
CA VAL B 71 29.12 35.02 -32.44
C VAL B 71 28.63 36.16 -31.54
N SER B 72 28.74 35.97 -30.22
CA SER B 72 28.09 36.88 -29.28
C SER B 72 28.53 38.33 -29.44
N LYS B 73 29.83 38.57 -29.55
CA LYS B 73 30.34 39.95 -29.53
C LYS B 73 30.47 40.55 -30.92
N HIS B 74 30.83 39.75 -31.92
CA HIS B 74 31.22 40.29 -33.22
C HIS B 74 30.05 40.36 -34.19
N TRP B 75 29.00 39.58 -33.96
CA TRP B 75 27.80 39.66 -34.78
C TRP B 75 27.19 41.07 -34.63
N GLY B 76 26.44 41.51 -35.65
CA GLY B 76 25.92 42.87 -35.64
C GLY B 76 26.94 43.93 -36.00
N SER B 77 28.22 43.57 -36.10
CA SER B 77 29.24 44.44 -36.66
C SER B 77 29.39 44.25 -38.16
N LEU B 78 29.04 43.07 -38.68
CA LEU B 78 29.11 42.79 -40.10
C LEU B 78 27.85 43.28 -40.81
N ASP B 79 27.98 43.57 -42.09
CA ASP B 79 26.88 44.15 -42.86
C ASP B 79 25.72 43.16 -43.00
N ALA B 80 24.50 43.70 -43.05
CA ALA B 80 23.31 42.87 -43.21
C ALA B 80 23.39 41.97 -44.44
N ALA B 81 24.18 42.37 -45.45
CA ALA B 81 24.45 41.54 -46.61
C ALA B 81 25.41 40.40 -46.27
N THR B 82 26.43 40.68 -45.45
CA THR B 82 27.35 39.61 -45.07
C THR B 82 26.72 38.67 -44.05
N GLN B 83 25.76 39.15 -43.25
CA GLN B 83 25.02 38.24 -42.38
C GLN B 83 24.21 37.25 -43.20
N THR B 84 23.49 37.77 -44.20
CA THR B 84 22.59 36.95 -45.00
C THR B 84 23.35 35.99 -45.92
N SER B 85 24.61 36.30 -46.27
CA SER B 85 25.42 35.38 -47.07
C SER B 85 25.78 34.13 -46.28
N VAL B 86 26.17 34.29 -45.01
CA VAL B 86 26.55 33.15 -44.19
C VAL B 86 25.34 32.27 -43.86
N LYS B 87 24.18 32.88 -43.61
CA LYS B 87 23.00 32.10 -43.27
C LYS B 87 22.76 31.01 -44.31
N GLN B 88 22.90 31.34 -45.60
CA GLN B 88 22.76 30.30 -46.61
C GLN B 88 23.99 29.37 -46.65
N SER B 89 25.19 29.88 -46.38
CA SER B 89 26.38 29.03 -46.42
C SER B 89 26.35 27.94 -45.35
N LEU B 90 26.03 28.31 -44.11
CA LEU B 90 25.97 27.32 -43.04
C LEU B 90 24.83 26.34 -43.26
N LEU B 91 23.64 26.85 -43.58
CA LEU B 91 22.51 25.98 -43.84
C LEU B 91 22.87 24.95 -44.90
N ASN B 92 23.61 25.37 -45.93
CA ASN B 92 24.06 24.42 -46.94
C ASN B 92 24.94 23.34 -46.33
N SER B 93 26.03 23.76 -45.68
CA SER B 93 26.97 22.78 -45.12
C SER B 93 26.33 21.95 -44.03
N ALA B 94 25.38 22.55 -43.29
CA ALA B 94 24.71 21.83 -42.21
C ALA B 94 23.95 20.62 -42.76
N PHE B 95 23.16 20.83 -43.81
CA PHE B 95 22.33 19.78 -44.38
C PHE B 95 23.04 18.93 -45.41
N ASN B 96 24.27 19.28 -45.80
CA ASN B 96 24.95 18.57 -46.88
C ASN B 96 26.27 17.91 -46.51
N GLU B 97 26.99 18.39 -45.50
CA GLU B 97 28.27 17.79 -45.18
C GLU B 97 28.17 16.30 -44.91
N GLY B 98 29.21 15.57 -45.31
CA GLY B 98 29.22 14.12 -45.12
C GLY B 98 29.42 13.74 -43.67
N LYS B 99 30.32 14.44 -42.96
CA LYS B 99 30.71 14.05 -41.61
C LYS B 99 29.71 14.52 -40.57
N ASP B 100 29.28 13.60 -39.72
CA ASP B 100 28.36 13.97 -38.64
C ASP B 100 28.97 15.03 -37.73
N ALA B 101 30.26 14.90 -37.42
CA ALA B 101 30.91 15.89 -36.56
C ALA B 101 30.87 17.27 -37.20
N VAL B 102 31.17 17.34 -38.49
CA VAL B 102 31.09 18.61 -39.21
C VAL B 102 29.65 19.06 -39.34
N ARG B 103 28.70 18.12 -39.46
CA ARG B 103 27.29 18.52 -39.55
C ARG B 103 26.86 19.32 -38.32
N HIS B 104 27.16 18.78 -37.14
CA HIS B 104 26.76 19.40 -35.88
C HIS B 104 27.51 20.70 -35.63
N ALA B 105 28.75 20.82 -36.09
CA ALA B 105 29.49 22.06 -35.90
C ALA B 105 28.73 23.24 -36.49
N ASN B 106 28.41 23.16 -37.77
CA ASN B 106 27.66 24.24 -38.40
C ASN B 106 26.33 24.45 -37.71
N ALA B 107 25.63 23.37 -37.35
CA ALA B 107 24.31 23.51 -36.75
C ALA B 107 24.39 24.29 -35.45
N ARG B 108 25.39 24.02 -34.62
CA ARG B 108 25.49 24.74 -33.36
C ARG B 108 25.82 26.21 -33.61
N VAL B 109 26.61 26.49 -34.64
CA VAL B 109 26.86 27.87 -35.03
C VAL B 109 25.56 28.57 -35.40
N ILE B 110 24.76 27.95 -36.28
CA ILE B 110 23.48 28.54 -36.65
C ILE B 110 22.67 28.83 -35.40
N ALA B 111 22.67 27.92 -34.44
CA ALA B 111 21.86 28.12 -33.25
C ALA B 111 22.29 29.38 -32.52
N SER B 112 23.61 29.57 -32.35
CA SER B 112 24.06 30.78 -31.69
C SER B 112 23.69 32.02 -32.48
N ILE B 113 23.94 32.00 -33.79
CA ILE B 113 23.60 33.14 -34.64
C ILE B 113 22.10 33.38 -34.58
N GLY B 114 21.33 32.30 -34.68
CA GLY B 114 19.87 32.41 -34.67
C GLY B 114 19.32 32.94 -33.37
N SER B 115 20.05 32.70 -32.27
CA SER B 115 19.67 33.31 -31.00
C SER B 115 19.94 34.82 -31.02
N GLU B 116 21.04 35.25 -31.64
CA GLU B 116 21.29 36.67 -31.78
C GLU B 116 20.18 37.34 -32.59
N GLU B 117 19.88 36.78 -33.77
CA GLU B 117 18.89 37.44 -34.61
C GLU B 117 17.50 37.40 -33.97
N LEU B 118 17.18 36.32 -33.26
CA LEU B 118 15.86 36.26 -32.64
C LEU B 118 15.66 37.36 -31.61
N ASP B 119 16.76 37.91 -31.05
CA ASP B 119 16.64 39.01 -30.10
C ASP B 119 16.28 40.32 -30.79
N GLU B 120 16.84 40.59 -31.97
CA GLU B 120 16.37 41.70 -32.81
C GLU B 120 15.18 41.30 -33.66
N LYS B 121 14.67 40.08 -33.50
CA LYS B 121 13.55 39.59 -34.30
C LYS B 121 13.82 39.81 -35.79
N LYS B 122 15.07 39.55 -36.20
CA LYS B 122 15.54 39.76 -37.57
C LYS B 122 15.63 38.49 -38.41
N TRP B 123 15.34 37.32 -37.87
CA TRP B 123 15.38 36.08 -38.64
C TRP B 123 14.03 35.36 -38.57
N PRO B 124 12.97 35.99 -39.05
CA PRO B 124 11.64 35.38 -38.92
C PRO B 124 11.55 34.04 -39.60
N GLU B 125 12.34 33.82 -40.65
CA GLU B 125 12.27 32.59 -41.44
C GLU B 125 12.92 31.40 -40.76
N LEU B 126 13.80 31.62 -39.77
CA LEU B 126 14.59 30.52 -39.24
C LEU B 126 13.70 29.42 -38.68
N ILE B 127 12.85 29.76 -37.72
CA ILE B 127 12.04 28.77 -37.01
C ILE B 127 10.95 28.14 -37.88
N PRO B 128 10.26 28.89 -38.74
CA PRO B 128 9.28 28.23 -39.61
C PRO B 128 9.93 27.25 -40.57
N ASN B 129 11.11 27.60 -41.08
CA ASN B 129 11.83 26.72 -41.99
C ASN B 129 12.23 25.41 -41.32
N LEU B 130 12.76 25.48 -40.09
CA LEU B 130 13.16 24.26 -39.40
C LEU B 130 11.96 23.32 -39.22
N LEU B 131 10.84 23.87 -38.76
CA LEU B 131 9.64 23.05 -38.64
C LEU B 131 9.25 22.43 -39.98
N GLN B 132 9.33 23.22 -41.05
CA GLN B 132 9.05 22.68 -42.37
C GLN B 132 10.00 21.52 -42.70
N ALA B 133 11.31 21.69 -42.45
CA ALA B 133 12.28 20.67 -42.79
C ALA B 133 12.14 19.44 -41.89
N ALA B 134 11.64 19.62 -40.66
CA ALA B 134 11.46 18.47 -39.78
C ALA B 134 10.41 17.52 -40.31
N CYS B 135 9.46 18.03 -41.11
CA CYS B 135 8.45 17.17 -41.71
C CYS B 135 8.76 16.80 -43.16
N ASP B 136 9.99 17.06 -43.61
CA ASP B 136 10.42 16.69 -44.96
C ASP B 136 10.41 15.18 -45.15
N SER B 137 10.37 14.75 -46.42
CA SER B 137 10.24 13.33 -46.71
C SER B 137 11.56 12.59 -46.55
N ASN B 138 12.68 13.31 -46.57
CA ASN B 138 14.04 12.77 -46.41
C ASN B 138 14.38 12.63 -44.93
N PRO B 139 14.55 11.41 -44.43
CA PRO B 139 14.92 11.25 -43.01
C PRO B 139 16.12 12.08 -42.60
N LYS B 140 17.14 12.19 -43.46
CA LYS B 140 18.33 12.92 -43.05
C LYS B 140 18.04 14.40 -42.82
N ILE B 141 17.22 15.04 -43.68
CA ILE B 141 16.86 16.44 -43.46
C ILE B 141 16.14 16.59 -42.13
N ARG B 142 15.25 15.63 -41.81
CA ARG B 142 14.54 15.71 -40.54
C ARG B 142 15.51 15.66 -39.37
N GLU B 143 16.44 14.71 -39.41
CA GLU B 143 17.38 14.59 -38.31
C GLU B 143 18.21 15.87 -38.16
N THR B 144 18.68 16.43 -39.28
CA THR B 144 19.48 17.64 -39.22
C THR B 144 18.66 18.83 -38.77
N ALA B 145 17.39 18.88 -39.19
CA ALA B 145 16.50 19.94 -38.77
C ALA B 145 16.22 19.87 -37.27
N ILE B 146 16.00 18.65 -36.77
CA ILE B 146 15.75 18.50 -35.33
C ILE B 146 17.01 18.88 -34.57
N PHE B 147 18.18 18.54 -35.10
CA PHE B 147 19.40 18.90 -34.40
C PHE B 147 19.49 20.42 -34.20
N ILE B 148 19.35 21.19 -35.28
CA ILE B 148 19.41 22.65 -35.17
C ILE B 148 18.39 23.17 -34.16
N ILE B 149 17.18 22.59 -34.16
CA ILE B 149 16.16 23.04 -33.21
C ILE B 149 16.62 22.80 -31.78
N LEU B 150 17.10 21.58 -31.50
CA LEU B 150 17.57 21.25 -30.17
C LEU B 150 18.67 22.21 -29.74
N SER B 151 19.65 22.43 -30.62
CA SER B 151 20.70 23.40 -30.35
C SER B 151 20.10 24.74 -30.02
N LEU B 152 19.10 25.17 -30.80
CA LEU B 152 18.39 26.40 -30.53
C LEU B 152 17.76 26.38 -29.15
N LEU B 153 17.11 25.26 -28.79
CA LEU B 153 16.57 25.12 -27.45
C LEU B 153 17.68 25.13 -26.41
N GLU B 154 18.87 24.64 -26.78
CA GLU B 154 19.98 24.66 -25.82
C GLU B 154 20.38 26.08 -25.46
N SER B 155 20.00 27.06 -26.28
CA SER B 155 20.33 28.45 -26.04
C SER B 155 19.44 29.11 -24.99
N PHE B 156 18.28 28.54 -24.68
CA PHE B 156 17.35 29.14 -23.73
C PHE B 156 16.89 30.55 -24.12
N ASN B 157 16.86 30.87 -25.42
CA ASN B 157 16.37 32.18 -25.82
C ASN B 157 14.93 32.34 -25.36
N ALA B 158 14.62 33.52 -24.82
CA ALA B 158 13.29 33.78 -24.25
C ALA B 158 12.20 33.78 -25.33
N ASN B 159 12.53 34.15 -26.57
CA ASN B 159 11.52 34.14 -27.62
C ASN B 159 10.99 32.74 -27.91
N LEU B 160 11.77 31.70 -27.61
CA LEU B 160 11.30 30.33 -27.85
C LEU B 160 10.04 30.01 -27.05
N ALA B 161 9.76 30.77 -26.00
CA ALA B 161 8.50 30.56 -25.29
C ALA B 161 7.30 30.84 -26.17
N LEU B 162 7.50 31.63 -27.24
CA LEU B 162 6.44 31.93 -28.19
C LEU B 162 6.04 30.75 -29.06
N HIS B 163 6.83 29.67 -29.07
CA HIS B 163 6.61 28.56 -29.99
C HIS B 163 6.29 27.25 -29.29
N ILE B 164 5.83 27.29 -28.03
CA ILE B 164 5.64 26.06 -27.27
C ILE B 164 4.75 25.08 -28.03
N ASP B 165 3.65 25.56 -28.59
CA ASP B 165 2.69 24.66 -29.25
C ASP B 165 3.32 23.99 -30.46
N ASP B 166 4.01 24.78 -31.30
CA ASP B 166 4.64 24.23 -32.48
C ASP B 166 5.57 23.09 -32.11
N PHE B 167 6.49 23.34 -31.15
CA PHE B 167 7.41 22.31 -30.73
C PHE B 167 6.66 21.08 -30.26
N LEU B 168 5.67 21.28 -29.38
CA LEU B 168 4.89 20.14 -28.90
C LEU B 168 4.35 19.32 -30.07
N ASN B 169 3.69 19.99 -31.02
CA ASN B 169 3.13 19.25 -32.13
C ASN B 169 4.24 18.62 -32.97
N LEU B 170 5.31 19.35 -33.25
CA LEU B 170 6.38 18.78 -34.07
C LEU B 170 6.97 17.55 -33.41
N PHE B 171 7.39 17.67 -32.15
CA PHE B 171 8.07 16.57 -31.48
C PHE B 171 7.13 15.41 -31.24
N ALA B 172 5.84 15.70 -31.02
CA ALA B 172 4.88 14.61 -30.93
C ALA B 172 4.92 13.75 -32.19
N GLN B 173 5.26 14.33 -33.34
CA GLN B 173 5.49 13.57 -34.56
C GLN B 173 6.89 12.97 -34.59
N THR B 174 7.94 13.81 -34.55
CA THR B 174 9.28 13.32 -34.86
C THR B 174 9.72 12.22 -33.92
N ILE B 175 9.15 12.15 -32.72
CA ILE B 175 9.59 11.21 -31.68
C ILE B 175 9.35 9.75 -32.06
N ASN B 176 8.46 9.49 -33.02
CA ASN B 176 8.16 8.13 -33.49
C ASN B 176 8.71 7.84 -34.89
N ASP B 177 9.53 8.73 -35.43
CA ASP B 177 10.13 8.61 -36.75
C ASP B 177 10.74 7.23 -36.98
N SER B 178 10.07 6.39 -37.78
CA SER B 178 10.53 5.04 -38.05
C SER B 178 11.83 5.00 -38.83
N ALA B 179 12.16 6.08 -39.54
CA ALA B 179 13.32 6.07 -40.42
C ALA B 179 14.63 6.05 -39.63
N SER B 180 14.79 6.96 -38.68
CA SER B 180 16.08 7.18 -38.02
C SER B 180 15.86 7.24 -36.51
N LEU B 181 16.50 6.32 -35.79
CA LEU B 181 16.46 6.34 -34.32
C LEU B 181 17.09 7.61 -33.75
N GLU B 182 18.11 8.15 -34.42
CA GLU B 182 18.74 9.38 -33.91
C GLU B 182 17.72 10.52 -33.78
N THR B 183 16.87 10.70 -34.79
CA THR B 183 15.85 11.74 -34.73
C THR B 183 14.94 11.55 -33.52
N ARG B 184 14.59 10.30 -33.21
CA ARG B 184 13.72 10.04 -32.09
C ARG B 184 14.40 10.44 -30.79
N SER B 185 15.71 10.23 -30.73
CA SER B 185 16.45 10.55 -29.52
C SER B 185 16.55 12.06 -29.34
N LEU B 186 16.92 12.78 -30.40
CA LEU B 186 16.98 14.23 -30.34
C LEU B 186 15.62 14.82 -29.99
N SER B 187 14.55 14.16 -30.43
CA SER B 187 13.22 14.65 -30.11
C SER B 187 12.97 14.58 -28.61
N ALA B 188 13.30 13.44 -28.00
CA ALA B 188 13.22 13.31 -26.55
C ALA B 188 14.07 14.37 -25.86
N GLN B 189 15.30 14.54 -26.34
CA GLN B 189 16.20 15.53 -25.76
C GLN B 189 15.62 16.93 -25.84
N ALA B 190 15.08 17.30 -27.01
CA ALA B 190 14.49 18.62 -27.15
C ALA B 190 13.30 18.78 -26.23
N LEU B 191 12.55 17.71 -25.99
CA LEU B 191 11.35 17.79 -25.15
C LEU B 191 11.68 18.22 -23.73
N SER B 192 12.87 17.90 -23.24
CA SER B 192 13.24 18.33 -21.90
C SER B 192 13.22 19.84 -21.77
N TYR B 193 13.81 20.55 -22.75
CA TYR B 193 13.77 22.02 -22.70
C TYR B 193 12.36 22.53 -22.88
N VAL B 194 11.58 21.88 -23.75
CA VAL B 194 10.21 22.33 -23.94
C VAL B 194 9.42 22.19 -22.65
N SER B 195 9.72 21.18 -21.84
CA SER B 195 9.01 21.04 -20.57
C SER B 195 9.24 22.26 -19.70
N SER B 196 10.50 22.71 -19.59
CA SER B 196 10.80 23.91 -18.82
C SER B 196 9.98 25.10 -19.31
N LEU B 197 9.82 25.21 -20.64
CA LEU B 197 9.06 26.31 -21.22
C LEU B 197 7.63 26.33 -20.71
N ILE B 198 7.03 25.14 -20.50
CA ILE B 198 5.65 25.10 -20.02
C ILE B 198 5.58 25.62 -18.59
N GLU B 199 6.62 25.33 -17.80
CA GLU B 199 6.69 25.82 -16.43
C GLU B 199 7.25 27.23 -16.34
N GLU B 200 8.03 27.66 -17.33
CA GLU B 200 8.50 29.04 -17.36
C GLU B 200 7.33 30.01 -17.44
N GLU B 201 6.27 29.67 -18.18
CA GLU B 201 5.06 30.48 -18.09
C GLU B 201 4.55 30.39 -16.67
N GLY B 202 4.02 31.51 -16.16
CA GLY B 202 3.61 31.56 -14.77
C GLY B 202 2.67 30.44 -14.35
N GLU B 203 1.52 30.34 -15.01
CA GLU B 203 0.58 29.25 -14.80
C GLU B 203 0.68 28.32 -16.01
N ILE B 204 1.06 27.06 -15.75
CA ILE B 204 1.28 26.15 -16.87
C ILE B 204 -0.02 25.98 -17.66
N ASN B 205 0.08 26.10 -18.97
CA ASN B 205 -1.10 25.99 -19.82
C ASN B 205 -1.53 24.52 -19.85
N PRO B 206 -2.78 24.22 -19.50
CA PRO B 206 -3.19 22.80 -19.48
C PRO B 206 -2.95 22.08 -20.80
N GLN B 207 -3.34 22.66 -21.93
CA GLN B 207 -3.19 21.98 -23.21
C GLN B 207 -1.75 21.56 -23.45
N TYR B 208 -0.80 22.42 -23.11
CA TYR B 208 0.60 22.03 -23.19
C TYR B 208 0.85 20.82 -22.31
N ALA B 209 0.59 20.97 -21.01
CA ALA B 209 0.90 19.92 -20.05
C ALA B 209 0.17 18.63 -20.37
N ALA B 210 -1.09 18.72 -20.84
CA ALA B 210 -1.78 17.52 -21.29
C ALA B 210 -1.04 16.87 -22.46
N LYS B 211 -0.66 17.67 -23.46
CA LYS B 211 0.08 17.15 -24.60
C LYS B 211 1.37 16.49 -24.14
N PHE B 212 2.13 17.20 -23.30
CA PHE B 212 3.38 16.64 -22.80
C PHE B 212 3.17 15.32 -22.07
N ALA B 213 2.15 15.25 -21.21
CA ALA B 213 1.94 14.04 -20.41
C ALA B 213 1.69 12.81 -21.26
N SER B 214 1.05 12.98 -22.42
CA SER B 214 0.84 11.87 -23.34
C SER B 214 2.09 11.50 -24.10
N LEU B 215 3.04 12.43 -24.24
CA LEU B 215 4.27 12.16 -24.97
C LEU B 215 5.23 11.25 -24.22
N ILE B 216 5.05 11.07 -22.91
CA ILE B 216 6.00 10.27 -22.13
C ILE B 216 6.05 8.82 -22.62
N PRO B 217 4.91 8.13 -22.82
CA PRO B 217 4.96 6.75 -23.34
C PRO B 217 5.75 6.61 -24.62
N SER B 218 5.78 7.65 -25.46
CA SER B 218 6.64 7.60 -26.63
C SER B 218 8.11 7.57 -26.24
N VAL B 219 8.49 8.37 -25.23
CA VAL B 219 9.89 8.42 -24.83
C VAL B 219 10.35 7.09 -24.26
N VAL B 220 9.48 6.40 -23.53
CA VAL B 220 9.85 5.06 -23.06
C VAL B 220 10.16 4.16 -24.25
N GLN B 221 9.36 4.28 -25.32
CA GLN B 221 9.55 3.47 -26.50
C GLN B 221 10.89 3.77 -27.15
N VAL B 222 11.29 5.04 -27.19
CA VAL B 222 12.60 5.35 -27.72
C VAL B 222 13.66 4.59 -26.94
N LEU B 223 13.54 4.57 -25.61
CA LEU B 223 14.51 3.88 -24.77
C LEU B 223 14.60 2.40 -25.12
N ASP B 224 13.44 1.74 -25.26
CA ASP B 224 13.43 0.35 -25.72
C ASP B 224 14.23 0.20 -27.00
N ALA B 225 13.95 1.07 -27.98
CA ALA B 225 14.71 1.03 -29.21
C ALA B 225 16.19 1.16 -28.92
N THR B 226 16.58 2.20 -28.21
CA THR B 226 17.99 2.45 -27.96
C THR B 226 18.65 1.22 -27.34
N ILE B 227 17.94 0.53 -26.44
CA ILE B 227 18.49 -0.67 -25.84
C ILE B 227 18.42 -1.83 -26.82
N ARG B 228 17.34 -1.89 -27.60
CA ARG B 228 17.18 -2.99 -28.53
C ARG B 228 18.27 -2.99 -29.61
N GLU B 229 18.65 -1.82 -30.12
CA GLU B 229 19.72 -1.78 -31.11
C GLU B 229 21.10 -1.66 -30.49
N GLY B 230 21.22 -1.52 -29.18
CA GLY B 230 22.52 -1.39 -28.56
C GLY B 230 23.19 -0.05 -28.77
N ASP B 231 22.40 1.01 -28.95
CA ASP B 231 22.93 2.37 -29.05
C ASP B 231 23.12 2.85 -27.62
N THR B 232 24.24 2.44 -27.04
CA THR B 232 24.53 2.84 -25.67
C THR B 232 24.55 4.37 -25.57
N THR B 233 25.18 5.04 -26.56
CA THR B 233 25.31 6.49 -26.54
C THR B 233 23.97 7.20 -26.37
N ASN B 234 22.95 6.74 -27.10
CA ASN B 234 21.64 7.34 -27.01
C ASN B 234 20.83 6.78 -25.85
N THR B 235 21.11 5.55 -25.42
CA THR B 235 20.46 5.02 -24.23
C THR B 235 20.77 5.89 -23.02
N LYS B 236 22.03 6.33 -22.90
CA LYS B 236 22.36 7.26 -21.83
C LYS B 236 21.53 8.53 -21.92
N LEU B 237 21.62 9.20 -23.06
CA LEU B 237 20.96 10.48 -23.27
C LEU B 237 19.49 10.41 -22.91
N ILE B 238 18.82 9.31 -23.26
CA ILE B 238 17.40 9.18 -22.99
C ILE B 238 17.14 9.05 -21.48
N PHE B 239 18.04 8.36 -20.77
CA PHE B 239 17.91 8.29 -19.31
C PHE B 239 17.96 9.67 -18.69
N ASN B 240 18.82 10.54 -19.20
CA ASN B 240 18.88 11.90 -18.68
C ASN B 240 17.53 12.60 -18.83
N CYS B 241 16.81 12.37 -19.94
CA CYS B 241 15.48 12.97 -20.11
C CYS B 241 14.52 12.48 -19.04
N LEU B 242 14.62 11.19 -18.70
CA LEU B 242 13.85 10.62 -17.61
C LEU B 242 14.22 11.27 -16.29
N ASN B 243 15.52 11.48 -16.05
CA ASN B 243 15.91 12.18 -14.83
C ASN B 243 15.23 13.54 -14.75
N ASP B 244 15.23 14.28 -15.85
CA ASP B 244 14.60 15.60 -15.82
C ASP B 244 13.11 15.52 -15.52
N PHE B 245 12.44 14.43 -15.88
CA PHE B 245 11.01 14.39 -15.62
C PHE B 245 10.74 14.31 -14.12
N LEU B 246 11.68 13.78 -13.36
CA LEU B 246 11.52 13.73 -11.92
C LEU B 246 11.32 15.13 -11.35
N LEU B 247 12.06 16.10 -11.88
CA LEU B 247 11.99 17.47 -11.38
C LEU B 247 10.75 18.22 -11.84
N LEU B 248 10.12 17.82 -12.94
CA LEU B 248 9.02 18.63 -13.46
C LEU B 248 7.83 18.57 -12.52
N ASP B 249 6.97 19.58 -12.65
CA ASP B 249 5.70 19.59 -11.93
C ASP B 249 4.89 18.38 -12.37
N SER B 250 4.10 17.85 -11.44
CA SER B 250 3.35 16.63 -11.71
C SER B 250 2.29 16.82 -12.79
N GLN B 251 1.85 18.06 -13.05
CA GLN B 251 0.85 18.28 -14.09
C GLN B 251 1.38 17.92 -15.47
N LEU B 252 2.69 18.11 -15.68
CA LEU B 252 3.31 17.71 -16.94
C LEU B 252 3.56 16.19 -16.99
N THR B 253 3.91 15.57 -15.86
CA THR B 253 4.29 14.15 -15.87
C THR B 253 3.10 13.19 -15.72
N GLY B 254 1.98 13.62 -15.13
CA GLY B 254 0.90 12.67 -14.86
C GLY B 254 1.23 11.77 -13.68
N ASN B 255 0.79 10.51 -13.79
CA ASN B 255 1.12 9.48 -12.82
C ASN B 255 2.24 8.58 -13.33
N THR B 256 3.10 9.14 -14.17
CA THR B 256 4.11 8.35 -14.88
C THR B 256 5.26 7.91 -14.00
N ILE B 257 5.53 8.63 -12.91
CA ILE B 257 6.79 8.46 -12.20
C ILE B 257 6.94 7.02 -11.74
N ALA B 258 5.91 6.49 -11.07
CA ALA B 258 5.99 5.11 -10.59
C ALA B 258 6.25 4.14 -11.74
N ASP B 259 5.55 4.32 -12.86
CA ASP B 259 5.72 3.42 -13.99
C ASP B 259 7.13 3.50 -14.57
N LEU B 260 7.74 4.69 -14.53
CA LEU B 260 9.14 4.82 -14.94
C LEU B 260 10.05 4.00 -14.04
N VAL B 261 9.79 4.03 -12.72
CA VAL B 261 10.62 3.26 -11.79
C VAL B 261 10.43 1.77 -12.01
N LYS B 262 9.17 1.30 -12.11
CA LYS B 262 8.96 -0.11 -12.38
C LYS B 262 9.70 -0.55 -13.63
N LEU B 263 9.71 0.30 -14.65
CA LEU B 263 10.39 -0.04 -15.90
C LEU B 263 11.90 -0.09 -15.71
N ALA B 264 12.48 0.93 -15.06
CA ALA B 264 13.91 0.97 -14.86
C ALA B 264 14.41 -0.23 -14.06
N LEU B 265 13.65 -0.63 -13.03
CA LEU B 265 13.99 -1.84 -12.28
C LEU B 265 14.03 -3.05 -13.21
N GLN B 266 13.04 -3.14 -14.10
CA GLN B 266 12.98 -4.27 -15.01
C GLN B 266 14.17 -4.30 -15.94
N ILE B 267 14.72 -3.14 -16.30
CA ILE B 267 15.98 -3.12 -17.05
C ILE B 267 17.11 -3.66 -16.18
N ALA B 268 17.21 -3.18 -14.95
CA ALA B 268 18.37 -3.50 -14.12
C ALA B 268 18.41 -4.97 -13.71
N VAL B 269 17.25 -5.62 -13.53
CA VAL B 269 17.25 -7.02 -13.12
C VAL B 269 17.60 -7.97 -14.23
N ASN B 270 17.64 -7.49 -15.47
CA ASN B 270 17.85 -8.34 -16.64
C ASN B 270 19.34 -8.46 -16.95
N SER B 271 19.92 -9.65 -16.72
CA SER B 271 21.36 -9.79 -16.92
C SER B 271 21.76 -9.70 -18.39
N ASP B 272 20.80 -9.80 -19.32
CA ASP B 272 21.12 -9.74 -20.75
C ASP B 272 21.63 -8.35 -21.17
N VAL B 273 21.12 -7.28 -20.54
CA VAL B 273 21.50 -5.93 -20.94
C VAL B 273 22.99 -5.65 -20.68
N ASP B 274 23.56 -4.77 -21.52
CA ASP B 274 24.91 -4.29 -21.26
C ASP B 274 24.99 -3.73 -19.85
N GLU B 275 26.15 -3.92 -19.22
CA GLU B 275 26.30 -3.52 -17.82
C GLU B 275 26.16 -2.01 -17.67
N ASP B 276 26.80 -1.24 -18.55
CA ASP B 276 26.72 0.22 -18.45
C ASP B 276 25.26 0.68 -18.51
N ILE B 277 24.43 0.04 -19.34
CA ILE B 277 23.02 0.39 -19.44
C ILE B 277 22.31 0.08 -18.13
N ARG B 278 22.65 -1.05 -17.50
CA ARG B 278 21.98 -1.41 -16.26
C ARG B 278 22.36 -0.46 -15.12
N VAL B 279 23.63 -0.06 -15.05
CA VAL B 279 24.00 0.94 -14.05
C VAL B 279 23.13 2.18 -14.19
N PHE B 280 22.91 2.63 -15.43
CA PHE B 280 22.02 3.77 -15.63
C PHE B 280 20.68 3.54 -14.97
N ALA B 281 20.12 2.35 -15.15
CA ALA B 281 18.77 2.14 -14.61
C ALA B 281 18.79 2.16 -13.08
N VAL B 282 19.83 1.56 -12.46
CA VAL B 282 19.91 1.56 -11.00
C VAL B 282 20.02 2.99 -10.48
N GLN B 283 20.84 3.81 -11.16
CA GLN B 283 21.00 5.21 -10.75
C GLN B 283 19.68 5.97 -10.88
N PHE B 284 18.93 5.75 -11.96
CA PHE B 284 17.67 6.47 -12.13
C PHE B 284 16.75 6.22 -10.94
N VAL B 285 16.66 4.97 -10.49
CA VAL B 285 15.86 4.68 -9.31
C VAL B 285 16.39 5.47 -8.11
N THR B 286 17.71 5.47 -7.92
CA THR B 286 18.31 6.25 -6.84
C THR B 286 17.90 7.71 -6.95
N SER B 287 17.96 8.27 -8.15
CA SER B 287 17.55 9.66 -8.37
C SER B 287 16.08 9.85 -8.04
N ALA B 288 15.26 8.83 -8.29
CA ALA B 288 13.84 8.94 -7.98
C ALA B 288 13.60 8.91 -6.47
N LEU B 289 14.36 8.08 -5.73
CA LEU B 289 14.27 8.03 -4.28
C LEU B 289 14.59 9.38 -3.67
N VAL B 290 15.57 10.07 -4.24
CA VAL B 290 15.92 11.42 -3.79
C VAL B 290 14.76 12.37 -4.04
N TYR B 291 14.43 12.58 -5.33
CA TYR B 291 13.62 13.72 -5.76
C TYR B 291 12.13 13.42 -5.75
N ARG B 292 11.74 12.16 -5.86
CA ARG B 292 10.33 11.82 -6.01
C ARG B 292 9.94 10.78 -4.98
N LYS B 293 10.48 10.93 -3.76
CA LYS B 293 10.24 9.95 -2.73
C LYS B 293 8.74 9.80 -2.46
N SER B 294 8.00 10.90 -2.59
CA SER B 294 6.57 10.85 -2.30
C SER B 294 5.84 9.90 -3.23
N LYS B 295 6.16 9.93 -4.52
CA LYS B 295 5.46 9.06 -5.46
C LYS B 295 5.77 7.59 -5.20
N ILE B 296 7.03 7.28 -4.85
CA ILE B 296 7.39 5.88 -4.61
C ILE B 296 6.61 5.32 -3.43
N ASN B 297 6.36 6.16 -2.43
CA ASN B 297 5.54 5.73 -1.30
C ASN B 297 4.12 5.40 -1.73
N GLN B 298 3.49 6.29 -2.51
CA GLN B 298 2.14 6.06 -3.00
C GLN B 298 2.04 4.75 -3.77
N ALA B 299 3.06 4.41 -4.54
CA ALA B 299 3.04 3.19 -5.33
C ALA B 299 3.55 1.97 -4.56
N LYS B 300 3.89 2.14 -3.27
CA LYS B 300 4.51 1.07 -2.47
C LYS B 300 5.60 0.36 -3.26
N LEU B 301 6.51 1.16 -3.82
CA LEU B 301 7.58 0.62 -4.64
C LEU B 301 8.83 0.27 -3.85
N GLY B 302 8.90 0.59 -2.57
CA GLY B 302 10.06 0.26 -1.78
C GLY B 302 10.41 -1.21 -1.84
N PRO B 303 9.51 -2.06 -1.38
CA PRO B 303 9.82 -3.50 -1.41
C PRO B 303 10.17 -3.99 -2.80
N GLU B 304 9.52 -3.44 -3.84
CA GLU B 304 9.97 -3.71 -5.20
C GLU B 304 11.42 -3.29 -5.41
N ILE B 305 11.72 -2.02 -5.11
CA ILE B 305 13.06 -1.49 -5.31
C ILE B 305 14.08 -2.32 -4.55
N THR B 306 13.81 -2.59 -3.27
CA THR B 306 14.74 -3.33 -2.45
C THR B 306 15.04 -4.71 -3.04
N LEU B 307 13.99 -5.51 -3.27
CA LEU B 307 14.23 -6.88 -3.69
C LEU B 307 14.91 -6.95 -5.06
N ALA B 308 14.57 -6.03 -5.95
CA ALA B 308 15.28 -5.95 -7.22
C ALA B 308 16.78 -5.76 -6.98
N ALA B 309 17.13 -4.74 -6.20
CA ALA B 309 18.54 -4.43 -5.95
C ALA B 309 19.25 -5.59 -5.28
N LEU B 310 18.54 -6.33 -4.42
CA LEU B 310 19.11 -7.49 -3.77
C LEU B 310 19.45 -8.57 -4.81
N LYS B 311 18.60 -8.70 -5.85
CA LYS B 311 18.83 -9.68 -6.91
C LYS B 311 20.07 -9.32 -7.72
N VAL B 312 20.24 -8.04 -8.03
CA VAL B 312 21.40 -7.60 -8.80
C VAL B 312 22.68 -7.78 -8.00
N ALA B 313 22.60 -7.61 -6.68
CA ALA B 313 23.76 -7.72 -5.81
C ALA B 313 24.20 -9.17 -5.64
N SER B 314 23.34 -10.12 -6.02
CA SER B 314 23.70 -11.52 -5.90
C SER B 314 24.46 -12.01 -7.13
N GLU B 315 24.81 -11.12 -8.04
CA GLU B 315 25.41 -11.56 -9.30
C GLU B 315 26.91 -11.77 -9.14
N GLU B 316 27.43 -12.72 -9.90
CA GLU B 316 28.84 -13.07 -9.80
C GLU B 316 29.73 -11.84 -9.95
N ILE B 317 30.83 -11.83 -9.20
CA ILE B 317 31.84 -10.79 -9.30
C ILE B 317 33.21 -11.49 -9.33
N ASP B 318 34.26 -10.69 -9.53
CA ASP B 318 35.62 -11.25 -9.57
C ASP B 318 36.06 -11.52 -8.13
N VAL B 319 35.88 -12.77 -7.70
CA VAL B 319 36.21 -13.15 -6.33
C VAL B 319 37.69 -12.89 -6.04
N GLU B 320 38.56 -13.17 -7.02
CA GLU B 320 39.98 -12.95 -6.79
C GLU B 320 40.30 -11.46 -6.66
N ASP B 321 39.67 -10.63 -7.48
CA ASP B 321 39.93 -9.18 -7.40
C ASP B 321 39.45 -8.61 -6.08
N GLU B 322 38.26 -9.03 -5.63
CA GLU B 322 37.70 -8.60 -4.35
C GLU B 322 38.65 -8.86 -3.18
N LEU B 323 39.29 -10.04 -3.17
CA LEU B 323 40.08 -10.47 -2.03
C LEU B 323 41.44 -9.81 -1.94
N THR B 324 41.99 -9.32 -3.06
CA THR B 324 43.34 -8.76 -3.08
C THR B 324 43.38 -7.26 -3.35
N ASN B 325 42.48 -6.73 -4.18
CA ASN B 325 42.53 -5.32 -4.56
C ASN B 325 42.19 -4.43 -3.36
N GLU B 326 42.70 -3.21 -3.40
CA GLU B 326 42.54 -2.27 -2.29
C GLU B 326 42.01 -0.90 -2.73
N GLU B 333 34.95 1.64 -11.15
CA GLU B 333 34.90 0.90 -9.89
C GLU B 333 33.44 0.62 -9.51
N GLU B 334 32.69 1.69 -9.28
CA GLU B 334 31.22 1.60 -9.08
C GLU B 334 30.52 1.65 -10.42
N ASN B 335 31.12 0.93 -11.37
CA ASN B 335 30.61 0.70 -12.72
C ASN B 335 30.32 -0.77 -12.89
N THR B 336 29.82 -1.39 -11.82
CA THR B 336 29.34 -2.74 -11.85
C THR B 336 27.96 -2.74 -11.22
N PRO B 337 26.97 -3.34 -11.86
CA PRO B 337 25.62 -3.33 -11.29
C PRO B 337 25.59 -3.86 -9.86
N ALA B 338 26.36 -4.92 -9.57
CA ALA B 338 26.38 -5.46 -8.22
C ALA B 338 26.75 -4.38 -7.20
N LEU B 339 27.64 -3.47 -7.57
CA LEU B 339 28.02 -2.40 -6.64
C LEU B 339 26.98 -1.27 -6.63
N THR B 340 26.50 -0.85 -7.79
CA THR B 340 25.52 0.23 -7.78
C THR B 340 24.26 -0.21 -7.06
N ALA B 341 23.93 -1.49 -7.16
CA ALA B 341 22.75 -1.98 -6.48
C ALA B 341 22.85 -1.74 -4.98
N LEU B 342 24.04 -1.97 -4.39
CA LEU B 342 24.23 -1.72 -2.96
C LEU B 342 24.02 -0.25 -2.63
N ARG B 343 24.48 0.64 -3.48
CA ARG B 343 24.26 2.06 -3.23
C ARG B 343 22.77 2.36 -3.24
N LEU B 344 22.00 1.64 -4.04
CA LEU B 344 20.55 1.80 -4.03
C LEU B 344 19.96 1.38 -2.70
N ILE B 345 20.34 0.19 -2.22
CA ILE B 345 19.86 -0.27 -0.92
C ILE B 345 20.19 0.77 0.14
N SER B 346 21.43 1.25 0.12
CA SER B 346 21.83 2.27 1.08
C SER B 346 20.91 3.48 1.02
N ASN B 347 20.74 4.05 -0.18
CA ASN B 347 19.87 5.21 -0.37
C ASN B 347 18.43 4.91 -0.03
N ALA B 348 17.95 3.71 -0.39
CA ALA B 348 16.59 3.34 -0.04
C ALA B 348 16.42 3.29 1.47
N SER B 349 17.41 2.74 2.17
CA SER B 349 17.29 2.62 3.63
C SER B 349 17.25 3.99 4.29
N GLY B 350 17.88 4.99 3.71
CA GLY B 350 17.84 6.29 4.35
C GLY B 350 16.64 7.16 3.96
N GLU B 351 16.00 6.87 2.84
CA GLU B 351 14.91 7.72 2.37
C GLU B 351 13.53 7.17 2.70
N LEU B 352 13.39 5.85 2.87
CA LEU B 352 12.09 5.21 3.05
C LEU B 352 11.98 4.59 4.44
N SER B 353 10.75 4.24 4.83
CA SER B 353 10.52 3.61 6.13
C SER B 353 11.17 2.22 6.20
N PRO B 354 11.53 1.77 7.39
CA PRO B 354 12.09 0.42 7.53
C PRO B 354 11.14 -0.68 7.07
N SER B 355 9.82 -0.44 7.15
CA SER B 355 8.87 -1.43 6.63
C SER B 355 9.08 -1.67 5.15
N GLN B 356 9.49 -0.64 4.40
CA GLN B 356 9.67 -0.75 2.96
C GLN B 356 11.02 -1.36 2.57
N VAL B 357 12.10 -1.09 3.30
CA VAL B 357 13.44 -1.50 2.90
C VAL B 357 13.98 -2.62 3.78
N GLY B 358 13.93 -2.45 5.10
CA GLY B 358 14.55 -3.42 5.98
C GLY B 358 13.70 -4.66 6.11
N VAL B 359 12.38 -4.52 6.25
CA VAL B 359 11.52 -5.69 6.41
C VAL B 359 11.68 -6.66 5.25
N PRO B 360 11.73 -6.23 3.99
CA PRO B 360 12.05 -7.18 2.91
C PRO B 360 13.43 -7.81 3.03
N ILE B 361 14.48 -7.02 3.24
CA ILE B 361 15.82 -7.60 3.33
C ILE B 361 15.84 -8.73 4.35
N ILE B 362 15.21 -8.51 5.52
CA ILE B 362 15.22 -9.48 6.61
C ILE B 362 14.27 -10.65 6.35
N GLU B 363 13.13 -10.40 5.70
CA GLU B 363 12.30 -11.54 5.26
C GLU B 363 13.10 -12.52 4.42
N HIS B 364 13.99 -12.00 3.57
CA HIS B 364 14.85 -12.80 2.70
C HIS B 364 16.15 -13.23 3.37
N LEU B 365 16.32 -12.97 4.67
CA LEU B 365 17.60 -13.31 5.30
C LEU B 365 17.79 -14.81 5.41
N PRO B 366 16.88 -15.58 6.00
CA PRO B 366 17.15 -17.02 6.18
C PRO B 366 17.48 -17.72 4.88
N THR B 367 16.68 -17.53 3.85
CA THR B 367 16.89 -18.34 2.65
C THR B 367 18.15 -17.90 1.92
N MET B 368 18.44 -16.61 1.91
CA MET B 368 19.61 -16.13 1.21
C MET B 368 20.91 -16.49 1.94
N LEU B 369 20.85 -16.57 3.28
CA LEU B 369 22.01 -16.92 4.10
C LEU B 369 22.34 -18.40 4.03
N SER B 370 21.33 -19.26 3.80
CA SER B 370 21.54 -20.70 3.73
C SER B 370 21.76 -21.19 2.31
N SER B 371 21.64 -20.29 1.34
CA SER B 371 21.82 -20.64 -0.05
C SER B 371 23.12 -21.36 -0.29
N SER B 372 23.14 -22.18 -1.32
CA SER B 372 24.36 -22.81 -1.76
C SER B 372 25.11 -21.92 -2.74
N ASN B 373 24.57 -20.74 -3.02
CA ASN B 373 25.13 -19.77 -3.95
C ASN B 373 25.95 -18.72 -3.18
N PRO B 374 27.30 -18.79 -3.21
CA PRO B 374 28.09 -17.89 -2.36
C PRO B 374 27.74 -16.44 -2.55
N PHE B 375 27.37 -16.06 -3.77
CA PHE B 375 27.09 -14.66 -4.04
C PHE B 375 25.75 -14.22 -3.44
N GLU B 376 24.83 -15.15 -3.21
CA GLU B 376 23.63 -14.80 -2.47
C GLU B 376 23.91 -14.68 -0.98
N ARG B 377 24.79 -15.53 -0.44
CA ARG B 377 25.21 -15.39 0.96
C ARG B 377 26.00 -14.11 1.16
N ARG B 378 27.00 -13.87 0.31
CA ARG B 378 27.75 -12.62 0.33
C ARG B 378 26.82 -11.41 0.20
N SER B 379 25.79 -11.52 -0.62
CA SER B 379 24.93 -10.38 -0.92
C SER B 379 24.10 -9.94 0.29
N ILE B 380 23.42 -10.87 0.95
CA ILE B 380 22.53 -10.50 2.03
C ILE B 380 23.30 -9.89 3.21
N LEU B 381 24.56 -10.30 3.41
CA LEU B 381 25.41 -9.68 4.43
C LEU B 381 25.73 -8.24 4.10
N LEU B 382 26.17 -7.98 2.86
CA LEU B 382 26.41 -6.60 2.45
C LEU B 382 25.14 -5.77 2.52
N ALA B 383 24.00 -6.35 2.17
CA ALA B 383 22.76 -5.59 2.25
C ALA B 383 22.52 -5.11 3.66
N ILE B 384 22.73 -5.99 4.64
CA ILE B 384 22.57 -5.58 6.02
C ILE B 384 23.55 -4.45 6.35
N SER B 385 24.78 -4.55 5.86
CA SER B 385 25.76 -3.57 6.31
C SER B 385 25.45 -2.18 5.75
N VAL B 386 24.81 -2.08 4.59
CA VAL B 386 24.35 -0.78 4.13
C VAL B 386 22.97 -0.44 4.64
N LEU B 387 22.20 -1.43 5.09
CA LEU B 387 20.91 -1.10 5.66
C LEU B 387 21.08 -0.33 6.97
N VAL B 388 22.07 -0.74 7.78
CA VAL B 388 22.20 -0.24 9.15
C VAL B 388 22.45 1.28 9.23
N THR B 389 23.13 1.84 8.23
CA THR B 389 23.44 3.26 8.30
C THR B 389 22.17 4.11 8.27
N GLY B 390 21.24 3.79 7.36
CA GLY B 390 20.02 4.54 7.23
C GLY B 390 18.94 4.15 8.22
N SER B 391 18.91 2.90 8.64
CA SER B 391 17.86 2.38 9.52
C SER B 391 18.50 1.67 10.71
N PRO B 392 19.19 2.42 11.57
CA PRO B 392 19.94 1.77 12.67
C PRO B 392 19.05 1.23 13.76
N ASP B 393 17.97 1.93 14.12
CA ASP B 393 17.04 1.37 15.10
C ASP B 393 16.39 0.09 14.59
N TYR B 394 15.88 0.09 13.34
CA TYR B 394 15.28 -1.13 12.83
C TYR B 394 16.30 -2.25 12.83
N THR B 395 17.51 -1.98 12.33
CA THR B 395 18.53 -3.02 12.31
C THR B 395 18.78 -3.56 13.71
N LEU B 396 18.85 -2.68 14.71
CA LEU B 396 19.11 -3.11 16.08
C LEU B 396 18.01 -4.02 16.59
N SER B 397 16.76 -3.73 16.23
CA SER B 397 15.63 -4.54 16.68
C SER B 397 15.63 -5.95 16.10
N GLN B 398 16.40 -6.18 15.04
CA GLN B 398 16.53 -7.48 14.42
C GLN B 398 17.84 -8.17 14.78
N PHE B 399 18.50 -7.72 15.85
CA PHE B 399 19.77 -8.35 16.20
C PHE B 399 19.61 -9.82 16.53
N ASP B 400 18.41 -10.26 16.98
CA ASP B 400 18.20 -11.69 17.24
C ASP B 400 18.38 -12.51 15.97
N LYS B 401 18.06 -11.93 14.82
CA LYS B 401 18.28 -12.60 13.53
C LYS B 401 19.61 -12.22 12.91
N ILE B 402 20.07 -10.97 13.09
CA ILE B 402 21.23 -10.47 12.37
C ILE B 402 22.53 -11.00 12.97
N ILE B 403 22.66 -10.97 14.31
CA ILE B 403 23.93 -11.39 14.92
C ILE B 403 24.24 -12.84 14.62
N PRO B 404 23.31 -13.79 14.78
CA PRO B 404 23.57 -15.18 14.33
C PRO B 404 23.95 -15.29 12.86
N ALA B 405 23.40 -14.42 12.02
CA ALA B 405 23.74 -14.46 10.60
C ALA B 405 25.21 -14.11 10.37
N THR B 406 25.69 -13.03 10.98
CA THR B 406 27.09 -12.64 10.83
C THR B 406 28.03 -13.72 11.37
N VAL B 407 27.64 -14.39 12.46
CA VAL B 407 28.49 -15.47 12.96
C VAL B 407 28.52 -16.62 11.96
N THR B 408 27.38 -16.90 11.33
CA THR B 408 27.31 -17.93 10.28
C THR B 408 28.19 -17.56 9.11
N GLY B 409 28.20 -16.27 8.75
CA GLY B 409 29.05 -15.83 7.67
C GLY B 409 30.51 -16.04 7.98
N LEU B 410 30.87 -15.86 9.25
CA LEU B 410 32.28 -15.95 9.65
C LEU B 410 32.78 -17.37 9.59
N LYS B 411 31.87 -18.33 9.78
CA LYS B 411 32.20 -19.74 9.75
C LYS B 411 32.15 -20.31 8.34
N ASP B 412 31.74 -19.50 7.37
CA ASP B 412 31.57 -19.95 6.01
C ASP B 412 32.88 -20.49 5.45
N SER B 413 32.78 -21.35 4.45
CA SER B 413 33.99 -21.85 3.81
C SER B 413 34.57 -20.85 2.84
N GLU B 414 33.72 -20.03 2.21
CA GLU B 414 34.13 -19.16 1.13
C GLU B 414 34.64 -17.84 1.70
N ALA B 415 35.88 -17.48 1.35
CA ALA B 415 36.47 -16.27 1.92
C ALA B 415 35.63 -15.04 1.56
N VAL B 416 35.02 -15.06 0.38
CA VAL B 416 34.16 -13.96 -0.05
C VAL B 416 32.99 -13.78 0.93
N VAL B 417 32.43 -14.89 1.43
CA VAL B 417 31.36 -14.76 2.41
C VAL B 417 31.90 -14.30 3.75
N GLN B 418 33.07 -14.79 4.14
CA GLN B 418 33.66 -14.33 5.40
C GLN B 418 33.94 -12.84 5.35
N LEU B 419 34.54 -12.38 4.25
CA LEU B 419 34.81 -10.96 4.08
C LEU B 419 33.53 -10.14 4.09
N ALA B 420 32.43 -10.67 3.56
CA ALA B 420 31.18 -9.92 3.65
C ALA B 420 30.72 -9.84 5.10
N ALA B 421 30.79 -10.96 5.83
CA ALA B 421 30.43 -10.94 7.25
C ALA B 421 31.25 -9.92 8.01
N LEU B 422 32.56 -9.83 7.74
CA LEU B 422 33.44 -8.88 8.42
C LEU B 422 33.02 -7.43 8.16
N LYS B 423 32.79 -7.10 6.90
CA LYS B 423 32.27 -5.79 6.57
C LYS B 423 30.99 -5.52 7.32
N CYS B 424 30.10 -6.50 7.38
CA CYS B 424 28.85 -6.28 8.08
C CYS B 424 29.09 -5.99 9.56
N ILE B 425 30.01 -6.72 10.18
CA ILE B 425 30.29 -6.47 11.59
C ILE B 425 30.85 -5.07 11.79
N VAL B 426 31.78 -4.65 10.93
CA VAL B 426 32.31 -3.28 11.01
C VAL B 426 31.18 -2.27 10.91
N GLN B 427 30.32 -2.45 9.92
CA GLN B 427 29.24 -1.49 9.72
C GLN B 427 28.31 -1.47 10.93
N LEU B 428 28.09 -2.58 11.54
CA LEU B 428 27.28 -2.62 12.71
C LEU B 428 27.96 -1.93 13.83
N SER B 429 29.25 -2.10 13.94
CA SER B 429 30.02 -1.48 14.99
C SER B 429 30.07 0.01 14.92
N THR B 430 30.23 0.54 13.75
CA THR B 430 30.29 1.94 13.60
C THR B 430 29.04 2.62 13.98
N ASN B 431 27.91 2.04 13.65
CA ASN B 431 26.64 2.63 13.98
C ASN B 431 25.96 2.24 15.28
N LEU B 432 26.15 1.06 15.78
CA LEU B 432 25.49 0.68 17.00
C LEU B 432 26.57 0.18 17.84
N GLN B 433 27.38 1.08 18.33
CA GLN B 433 28.59 0.69 18.94
C GLN B 433 28.69 -0.26 20.07
N ASP B 434 27.99 -0.10 21.15
CA ASP B 434 28.16 -1.04 22.23
C ASP B 434 27.36 -2.25 22.09
N GLU B 435 26.30 -2.15 21.34
CA GLU B 435 25.43 -3.25 21.13
C GLU B 435 26.11 -4.33 20.42
N VAL B 436 26.91 -4.05 19.43
CA VAL B 436 27.67 -5.13 18.81
C VAL B 436 28.68 -5.73 19.78
N ALA B 437 29.36 -4.87 20.57
CA ALA B 437 30.43 -5.37 21.43
C ALA B 437 29.90 -6.29 22.53
N ARG B 438 28.65 -6.11 22.93
CA ARG B 438 28.06 -7.01 23.91
C ARG B 438 28.21 -8.48 23.50
N TYR B 439 28.32 -8.75 22.20
CA TYR B 439 28.50 -10.11 21.71
C TYR B 439 29.96 -10.50 21.57
N HIS B 440 30.87 -9.80 22.25
CA HIS B 440 32.29 -10.04 22.01
C HIS B 440 32.71 -11.50 22.26
N GLU B 441 32.08 -12.18 23.22
CA GLU B 441 32.52 -13.55 23.55
C GLU B 441 32.41 -14.50 22.37
N GLN B 442 31.37 -14.35 21.51
CA GLN B 442 31.36 -15.20 20.34
C GLN B 442 32.24 -14.65 19.24
N TYR B 443 32.24 -13.34 19.07
CA TYR B 443 32.93 -12.74 17.93
C TYR B 443 34.44 -12.89 18.03
N LEU B 444 35.04 -12.47 19.16
CA LEU B 444 36.49 -12.32 19.25
C LEU B 444 37.25 -13.56 18.85
N PRO B 445 36.97 -14.76 19.38
CA PRO B 445 37.71 -15.94 18.91
C PRO B 445 37.48 -16.24 17.44
N LEU B 446 36.26 -16.06 16.93
CA LEU B 446 36.07 -16.27 15.51
C LEU B 446 36.91 -15.28 14.70
N VAL B 447 36.96 -14.01 15.13
CA VAL B 447 37.74 -13.00 14.42
C VAL B 447 39.24 -13.26 14.59
N ILE B 448 39.69 -13.60 15.81
CA ILE B 448 41.10 -13.92 16.00
C ILE B 448 41.49 -15.11 15.14
N ASP B 449 40.59 -16.10 15.07
CA ASP B 449 40.78 -17.26 14.22
C ASP B 449 41.05 -16.89 12.76
N ILE B 450 40.31 -15.91 12.24
CA ILE B 450 40.45 -15.50 10.84
C ILE B 450 41.77 -14.78 10.61
N ILE B 451 42.20 -13.96 11.56
CA ILE B 451 43.52 -13.32 11.45
C ILE B 451 44.61 -14.37 11.32
N ASP B 452 44.61 -15.36 12.22
CA ASP B 452 45.67 -16.37 12.23
C ASP B 452 45.69 -17.17 10.94
N SER B 453 44.52 -17.50 10.40
CA SER B 453 44.43 -18.35 9.22
C SER B 453 44.13 -17.59 7.95
N ALA B 454 44.20 -16.26 7.99
CA ALA B 454 43.91 -15.45 6.81
C ALA B 454 44.94 -15.70 5.71
N LYS B 455 44.45 -15.77 4.47
CA LYS B 455 45.28 -16.03 3.31
C LYS B 455 45.28 -14.90 2.30
N HIS B 456 44.47 -13.87 2.49
CA HIS B 456 44.39 -12.74 1.58
C HIS B 456 44.49 -11.46 2.37
N VAL B 457 45.16 -10.46 1.82
CA VAL B 457 45.45 -9.28 2.62
C VAL B 457 44.17 -8.54 3.03
N VAL B 458 43.12 -8.58 2.20
CA VAL B 458 41.92 -7.82 2.56
C VAL B 458 41.17 -8.46 3.72
N ILE B 459 41.15 -9.79 3.79
CA ILE B 459 40.55 -10.46 4.94
C ILE B 459 41.23 -10.02 6.22
N TYR B 460 42.56 -10.08 6.24
CA TYR B 460 43.34 -9.63 7.41
C TYR B 460 42.99 -8.19 7.81
N LYS B 461 42.93 -7.27 6.84
CA LYS B 461 42.58 -5.89 7.15
C LYS B 461 41.23 -5.80 7.84
N TYR B 462 40.23 -6.51 7.33
CA TYR B 462 38.88 -6.36 7.88
C TYR B 462 38.69 -7.16 9.16
N ALA B 463 39.38 -8.30 9.28
CA ALA B 463 39.42 -9.02 10.56
C ALA B 463 40.02 -8.13 11.65
N THR B 464 41.15 -7.49 11.38
CA THR B 464 41.70 -6.56 12.36
C THR B 464 40.76 -5.37 12.54
N LEU B 465 40.22 -4.87 11.44
CA LEU B 465 39.35 -3.73 11.52
C LEU B 465 38.09 -4.03 12.32
N ALA B 466 37.62 -5.28 12.30
CA ALA B 466 36.49 -5.70 13.13
C ALA B 466 36.89 -5.94 14.58
N LEU B 467 38.05 -6.54 14.82
CA LEU B 467 38.52 -6.63 16.21
C LEU B 467 38.58 -5.24 16.81
N ASP B 468 39.07 -4.28 16.03
CA ASP B 468 39.20 -2.89 16.47
C ASP B 468 37.86 -2.32 16.94
N GLY B 469 36.86 -2.33 16.07
CA GLY B 469 35.57 -1.76 16.46
C GLY B 469 34.88 -2.52 17.58
N LEU B 470 35.18 -3.79 17.72
CA LEU B 470 34.68 -4.55 18.86
C LEU B 470 35.32 -4.10 20.16
N LEU B 471 36.66 -4.20 20.24
CA LEU B 471 37.36 -3.75 21.45
C LEU B 471 37.02 -2.30 21.77
N GLU B 472 36.95 -1.44 20.74
CA GLU B 472 36.76 -0.02 21.01
C GLU B 472 35.58 0.26 21.92
N PHE B 473 34.53 -0.57 21.85
CA PHE B 473 33.31 -0.38 22.61
C PHE B 473 33.05 -1.49 23.60
N ILE B 474 33.99 -2.43 23.77
CA ILE B 474 33.81 -3.47 24.77
C ILE B 474 33.74 -2.83 26.16
N ALA B 475 32.99 -3.44 27.07
CA ALA B 475 32.83 -2.86 28.41
C ALA B 475 34.12 -3.00 29.20
N HIS B 476 34.43 -1.96 30.00
CA HIS B 476 35.70 -1.89 30.73
C HIS B 476 35.99 -3.17 31.50
N ASN B 477 35.06 -3.62 32.34
CA ASN B 477 35.35 -4.82 33.11
C ASN B 477 35.49 -6.03 32.20
N ASP B 478 35.00 -5.94 30.96
CA ASP B 478 35.11 -7.13 30.12
C ASP B 478 36.44 -7.15 29.40
N ILE B 479 36.96 -6.01 28.95
CA ILE B 479 38.23 -6.10 28.27
C ILE B 479 39.34 -6.42 29.27
N ILE B 480 39.20 -5.98 30.53
CA ILE B 480 40.22 -6.26 31.54
C ILE B 480 40.53 -7.75 31.61
N LYS B 481 39.51 -8.59 31.45
CA LYS B 481 39.73 -10.04 31.44
C LYS B 481 40.63 -10.48 30.28
N TYR B 482 40.58 -9.81 29.15
CA TYR B 482 41.30 -10.22 27.95
C TYR B 482 42.56 -9.41 27.69
N LEU B 483 42.78 -8.36 28.49
CA LEU B 483 43.75 -7.33 28.16
C LEU B 483 45.14 -7.91 27.89
N ASP B 484 45.64 -8.77 28.78
CA ASP B 484 47.00 -9.24 28.58
C ASP B 484 47.13 -10.11 27.34
N PRO B 485 46.26 -11.10 27.11
CA PRO B 485 46.34 -11.87 25.86
C PRO B 485 46.14 -11.01 24.61
N LEU B 486 45.22 -10.03 24.65
CA LEU B 486 44.99 -9.17 23.49
C LEU B 486 46.22 -8.34 23.14
N MET B 487 46.84 -7.72 24.16
CA MET B 487 48.02 -6.93 23.89
C MET B 487 49.13 -7.77 23.32
N ASN B 488 49.34 -8.97 23.86
CA ASN B 488 50.39 -9.84 23.34
C ASN B 488 50.09 -10.27 21.92
N LYS B 489 48.81 -10.54 21.62
CA LYS B 489 48.46 -10.88 20.24
C LYS B 489 48.68 -9.71 19.30
N LEU B 490 48.21 -8.51 19.70
CA LEU B 490 48.29 -7.34 18.83
C LEU B 490 49.74 -6.97 18.52
N PHE B 491 50.64 -7.07 19.50
CA PHE B 491 52.02 -6.70 19.20
C PHE B 491 52.69 -7.75 18.31
N GLN B 492 52.39 -9.03 18.55
CA GLN B 492 52.89 -10.08 17.67
C GLN B 492 52.52 -9.82 16.20
N MET B 493 51.24 -9.51 15.95
CA MET B 493 50.85 -9.18 14.57
C MET B 493 51.61 -7.96 14.07
N LEU B 494 51.72 -6.93 14.89
CA LEU B 494 52.43 -5.74 14.47
C LEU B 494 53.87 -6.06 14.06
N GLU B 495 54.54 -6.91 14.86
CA GLU B 495 55.88 -7.39 14.51
C GLU B 495 55.88 -8.12 13.18
N THR B 496 55.00 -9.10 13.05
CA THR B 496 55.00 -9.98 11.89
C THR B 496 54.65 -9.25 10.61
N GLN B 497 53.52 -8.54 10.60
CA GLN B 497 53.07 -7.87 9.40
C GLN B 497 53.90 -6.64 9.13
N GLN B 498 54.28 -6.45 7.86
CA GLN B 498 55.06 -5.30 7.48
C GLN B 498 54.37 -4.34 6.53
N SER B 499 53.29 -4.76 5.88
CA SER B 499 52.54 -3.82 5.06
C SER B 499 52.06 -2.64 5.90
N PRO B 500 52.31 -1.42 5.47
CA PRO B 500 51.74 -0.26 6.19
C PRO B 500 50.21 -0.26 6.22
N LYS B 501 49.52 -0.83 5.22
CA LYS B 501 48.07 -1.01 5.34
C LYS B 501 47.70 -1.77 6.61
N LEU B 502 48.34 -2.93 6.82
CA LEU B 502 47.96 -3.75 7.98
C LEU B 502 48.42 -3.11 9.28
N ARG B 503 49.66 -2.69 9.36
CA ARG B 503 50.12 -2.10 10.61
C ARG B 503 49.22 -0.95 11.03
N ALA B 504 48.77 -0.14 10.06
CA ALA B 504 47.89 0.96 10.41
C ALA B 504 46.61 0.45 11.06
N ALA B 505 46.08 -0.67 10.58
CA ALA B 505 44.88 -1.23 11.17
C ALA B 505 45.19 -1.82 12.54
N ILE B 506 46.36 -2.46 12.69
CA ILE B 506 46.71 -3.02 13.98
C ILE B 506 46.88 -1.92 15.03
N VAL B 507 47.48 -0.80 14.65
CA VAL B 507 47.69 0.28 15.61
C VAL B 507 46.35 0.84 16.08
N SER B 508 45.37 0.93 15.18
CA SER B 508 44.04 1.34 15.60
C SER B 508 43.44 0.35 16.61
N ALA B 509 43.60 -0.95 16.37
CA ALA B 509 43.14 -1.94 17.34
C ALA B 509 43.81 -1.78 18.70
N ILE B 510 45.13 -1.53 18.71
CA ILE B 510 45.87 -1.37 19.96
C ILE B 510 45.34 -0.17 20.73
N GLY B 511 45.09 0.94 20.05
CA GLY B 511 44.54 2.09 20.75
C GLY B 511 43.17 1.82 21.33
N SER B 512 42.35 1.05 20.63
CA SER B 512 41.01 0.75 21.10
C SER B 512 41.04 -0.09 22.37
N CYS B 513 42.04 -0.95 22.51
CA CYS B 513 42.26 -1.62 23.78
C CYS B 513 42.42 -0.60 24.89
N ALA B 514 43.33 0.36 24.67
CA ALA B 514 43.54 1.44 25.62
C ALA B 514 42.25 2.17 25.90
N PHE B 515 41.53 2.55 24.85
CA PHE B 515 40.26 3.21 25.05
C PHE B 515 39.35 2.39 25.98
N ALA B 516 39.17 1.11 25.68
CA ALA B 516 38.30 0.28 26.49
C ALA B 516 38.85 0.09 27.90
N ALA B 517 40.17 0.03 28.02
CA ALA B 517 40.83 -0.40 29.24
C ALA B 517 41.06 0.72 30.25
N GLY B 518 41.13 1.97 29.80
CA GLY B 518 41.45 3.08 30.69
C GLY B 518 42.69 2.88 31.54
N SER B 519 42.51 2.96 32.86
CA SER B 519 43.61 2.80 33.83
C SER B 519 44.30 1.46 33.67
N GLY B 520 43.53 0.43 33.34
CA GLY B 520 44.13 -0.88 33.16
C GLY B 520 45.17 -0.92 32.08
N PHE B 521 45.33 0.17 31.34
CA PHE B 521 46.28 0.19 30.26
C PHE B 521 47.66 0.67 30.71
N VAL B 522 47.80 1.11 31.96
CA VAL B 522 49.05 1.74 32.41
C VAL B 522 50.24 0.79 32.27
N PRO B 523 50.15 -0.49 32.64
CA PRO B 523 51.26 -1.42 32.44
C PRO B 523 51.74 -1.55 31.00
N TYR B 524 50.91 -1.27 29.99
CA TYR B 524 51.33 -1.41 28.60
C TYR B 524 51.77 -0.10 27.96
N PHE B 525 51.55 1.02 28.63
CA PHE B 525 51.78 2.31 27.97
C PHE B 525 53.23 2.44 27.49
N LYS B 526 54.20 2.32 28.41
CA LYS B 526 55.60 2.52 28.03
C LYS B 526 56.00 1.56 26.92
N THR B 527 55.69 0.28 27.07
CA THR B 527 56.01 -0.65 26.00
C THR B 527 55.38 -0.20 24.69
N SER B 528 54.10 0.18 24.73
CA SER B 528 53.44 0.54 23.47
C SER B 528 54.11 1.76 22.86
N VAL B 529 54.31 2.82 23.67
CA VAL B 529 54.93 4.02 23.13
C VAL B 529 56.33 3.70 22.64
N GLN B 530 57.06 2.86 23.36
CA GLN B 530 58.36 2.44 22.86
C GLN B 530 58.23 1.81 21.48
N TYR B 531 57.33 0.82 21.32
CA TYR B 531 57.19 0.21 20.00
C TYR B 531 56.63 1.20 18.98
N LEU B 532 55.56 1.90 19.32
CA LEU B 532 54.93 2.72 18.29
C LEU B 532 55.76 3.91 17.88
N GLN B 533 56.68 4.36 18.75
CA GLN B 533 57.45 5.56 18.45
C GLN B 533 58.19 5.43 17.13
N GLN B 534 58.49 4.19 16.72
CA GLN B 534 59.19 4.02 15.46
C GLN B 534 58.39 4.57 14.27
N PHE B 535 57.06 4.63 14.39
CA PHE B 535 56.19 5.05 13.28
C PHE B 535 55.99 6.56 13.14
N ILE B 536 56.54 7.40 14.01
CA ILE B 536 56.30 8.85 13.88
C ILE B 536 57.60 9.61 13.79
N GLN B 537 58.63 8.97 13.23
CA GLN B 537 59.89 9.65 13.00
C GLN B 537 59.79 10.46 11.70
N ASN B 538 60.66 11.45 11.57
CA ASN B 538 60.75 12.26 10.34
C ASN B 538 59.38 12.79 9.92
N VAL B 539 58.66 13.42 10.86
CA VAL B 539 57.28 13.81 10.58
C VAL B 539 57.21 14.76 9.39
N SER B 540 58.15 15.70 9.28
CA SER B 540 58.10 16.66 8.19
C SER B 540 58.37 16.04 6.82
N GLN B 541 58.97 14.86 6.76
CA GLN B 541 59.31 14.21 5.48
C GLN B 541 58.05 13.63 4.84
N ILE B 542 57.50 14.35 3.85
CA ILE B 542 56.27 13.95 3.18
C ILE B 542 56.51 13.39 1.78
N GLU B 543 57.57 13.85 1.11
CA GLU B 543 57.79 13.44 -0.27
C GLU B 543 58.07 11.94 -0.34
N GLY B 544 57.49 11.29 -1.34
CA GLY B 544 57.80 9.90 -1.58
C GLY B 544 57.15 8.92 -0.63
N LEU B 545 56.15 9.33 0.13
CA LEU B 545 55.46 8.43 1.05
C LEU B 545 54.12 8.05 0.44
N SER B 546 53.81 6.76 0.44
CA SER B 546 52.55 6.36 -0.12
C SER B 546 51.42 6.78 0.82
N GLU B 547 50.20 6.82 0.29
CA GLU B 547 49.06 7.10 1.14
C GLU B 547 49.06 6.16 2.35
N ASP B 548 49.52 4.93 2.15
CA ASP B 548 49.58 3.98 3.26
C ASP B 548 50.65 4.35 4.28
N ASP B 549 51.79 4.90 3.81
CA ASP B 549 52.83 5.37 4.72
C ASP B 549 52.33 6.47 5.65
N ILE B 550 51.67 7.49 5.08
CA ILE B 550 51.22 8.63 5.87
C ILE B 550 50.16 8.21 6.88
N GLU B 551 49.31 7.25 6.51
CA GLU B 551 48.25 6.77 7.41
C GLU B 551 48.83 6.05 8.63
N LEU B 552 49.92 5.31 8.45
CA LEU B 552 50.55 4.66 9.59
C LEU B 552 51.09 5.70 10.57
N LYS B 553 51.49 6.87 10.08
CA LYS B 553 51.95 7.94 10.96
C LYS B 553 50.77 8.62 11.66
N ALA B 554 49.75 9.00 10.89
CA ALA B 554 48.59 9.68 11.48
C ALA B 554 47.92 8.79 12.52
N LEU B 555 47.68 7.52 12.17
CA LEU B 555 47.05 6.60 13.10
C LEU B 555 47.88 6.40 14.35
N THR B 556 49.21 6.38 14.21
CA THR B 556 50.05 6.28 15.40
C THR B 556 49.91 7.51 16.28
N PHE B 557 49.82 8.70 15.67
CA PHE B 557 49.59 9.90 16.48
C PHE B 557 48.26 9.81 17.21
N GLU B 558 47.20 9.48 16.48
CA GLU B 558 45.86 9.49 17.06
C GLU B 558 45.75 8.48 18.21
N ASN B 559 46.34 7.31 18.05
CA ASN B 559 46.17 6.27 19.05
C ASN B 559 47.13 6.39 20.22
N ILE B 560 48.30 7.00 20.03
CA ILE B 560 49.10 7.30 21.20
C ILE B 560 48.38 8.30 22.11
N SER B 561 47.75 9.32 21.52
CA SER B 561 46.99 10.30 22.31
C SER B 561 45.74 9.71 22.94
N THR B 562 45.16 8.69 22.33
CA THR B 562 44.08 8.00 22.99
C THR B 562 44.59 7.17 24.17
N MET B 563 45.86 6.79 24.15
CA MET B 563 46.45 6.14 25.33
C MET B 563 46.54 7.12 26.48
N GLY B 564 46.87 8.38 26.17
CA GLY B 564 46.91 9.41 27.20
C GLY B 564 45.56 9.66 27.84
N ARG B 565 44.48 9.51 27.10
CA ARG B 565 43.20 9.71 27.74
C ARG B 565 42.92 8.57 28.70
N ALA B 566 43.45 7.38 28.40
CA ALA B 566 43.18 6.17 29.17
C ALA B 566 44.07 6.12 30.38
N VAL B 567 45.35 6.35 30.12
CA VAL B 567 46.44 6.46 31.09
C VAL B 567 46.63 7.95 31.32
N LYS B 568 46.29 8.48 32.47
CA LYS B 568 46.07 9.93 32.47
C LYS B 568 47.41 10.74 32.52
N SER B 569 47.36 12.00 32.94
CA SER B 569 48.50 12.90 32.77
C SER B 569 49.78 12.44 33.47
N ALA B 570 49.68 11.97 34.71
CA ALA B 570 50.91 11.57 35.40
C ALA B 570 51.57 10.40 34.68
N ALA B 571 50.77 9.39 34.31
CA ALA B 571 51.33 8.25 33.58
C ALA B 571 51.77 8.60 32.16
N PHE B 572 51.33 9.75 31.63
CA PHE B 572 51.71 10.18 30.30
C PHE B 572 52.99 11.01 30.30
N ALA B 573 53.49 11.36 31.50
CA ALA B 573 54.50 12.41 31.64
C ALA B 573 55.87 12.05 31.07
N GLU B 574 56.27 10.78 31.08
CA GLU B 574 57.60 10.45 30.60
C GLU B 574 57.79 10.88 29.15
N TYR B 575 56.74 10.76 28.34
CA TYR B 575 56.87 10.98 26.90
C TYR B 575 56.09 12.18 26.41
N ALA B 576 55.44 12.93 27.29
CA ALA B 576 54.58 14.04 26.86
C ALA B 576 55.33 15.03 25.98
N GLU B 577 56.53 15.45 26.41
CA GLU B 577 57.22 16.53 25.69
C GLU B 577 57.63 16.12 24.29
N PRO B 578 58.30 14.99 24.06
CA PRO B 578 58.65 14.64 22.67
C PRO B 578 57.42 14.43 21.78
N LEU B 579 56.37 13.78 22.30
CA LEU B 579 55.17 13.53 21.48
C LEU B 579 54.47 14.85 21.12
N VAL B 580 54.25 15.73 22.09
CA VAL B 580 53.61 17.01 21.79
C VAL B 580 54.43 17.79 20.77
N ASN B 581 55.75 17.72 20.84
CA ASN B 581 56.54 18.42 19.85
C ASN B 581 56.32 17.81 18.48
N ALA B 582 56.29 16.48 18.43
CA ALA B 582 56.01 15.78 17.18
C ALA B 582 54.64 16.18 16.61
N ALA B 583 53.64 16.31 17.47
CA ALA B 583 52.27 16.62 17.03
C ALA B 583 52.18 17.97 16.31
N TYR B 584 52.77 19.04 16.86
CA TYR B 584 52.70 20.24 16.04
C TYR B 584 53.74 20.24 14.92
N GLU B 585 54.80 19.44 15.01
CA GLU B 585 55.58 19.23 13.80
C GLU B 585 54.64 18.73 12.70
N ALA B 586 53.72 17.84 13.07
CA ALA B 586 52.74 17.30 12.14
C ALA B 586 51.76 18.37 11.67
N ILE B 587 51.26 19.19 12.59
CA ILE B 587 50.34 20.26 12.24
C ILE B 587 50.95 21.20 11.21
N LYS B 588 52.27 21.35 11.18
CA LYS B 588 52.87 22.31 10.26
C LYS B 588 53.25 21.69 8.92
N THR B 589 53.10 20.38 8.78
CA THR B 589 53.43 19.70 7.54
C THR B 589 52.45 20.07 6.41
N ASP B 590 52.65 19.45 5.25
CA ASP B 590 51.90 19.74 4.03
C ASP B 590 50.90 18.63 3.66
N SER B 591 50.58 17.73 4.59
CA SER B 591 49.58 16.69 4.40
C SER B 591 48.31 17.02 5.17
N ALA B 592 47.18 17.13 4.47
CA ALA B 592 45.94 17.35 5.20
C ALA B 592 45.71 16.20 6.20
N ARG B 593 45.91 14.95 5.77
CA ARG B 593 45.76 13.82 6.69
C ARG B 593 46.69 13.93 7.90
N LEU B 594 47.94 14.31 7.68
CA LEU B 594 48.90 14.37 8.76
C LEU B 594 48.61 15.53 9.71
N ARG B 595 48.28 16.71 9.19
CA ARG B 595 47.88 17.78 10.09
C ARG B 595 46.69 17.34 10.91
N GLU B 596 45.75 16.64 10.28
CA GLU B 596 44.57 16.19 10.99
C GLU B 596 44.92 15.40 12.24
N SER B 597 45.91 14.49 12.14
CA SER B 597 46.28 13.72 13.32
C SER B 597 46.91 14.60 14.40
N GLY B 598 47.61 15.66 14.02
CA GLY B 598 48.09 16.57 15.03
C GLY B 598 46.95 17.19 15.83
N TYR B 599 45.87 17.57 15.14
CA TYR B 599 44.73 18.17 15.81
C TYR B 599 44.00 17.14 16.69
N ALA B 600 43.91 15.91 16.23
CA ALA B 600 43.38 14.85 17.08
C ALA B 600 44.25 14.69 18.32
N PHE B 601 45.58 14.66 18.13
CA PHE B 601 46.48 14.57 19.28
C PHE B 601 46.24 15.72 20.25
N ILE B 602 46.19 16.94 19.72
CA ILE B 602 45.97 18.11 20.56
C ILE B 602 44.63 18.06 21.26
N ALA B 603 43.58 17.69 20.53
CA ALA B 603 42.24 17.69 21.14
C ALA B 603 42.22 16.79 22.37
N ASN B 604 42.90 15.66 22.28
CA ASN B 604 42.99 14.72 23.39
C ASN B 604 43.88 15.26 24.51
N MET B 605 45.01 15.91 24.15
CA MET B 605 45.83 16.50 25.20
C MET B 605 45.02 17.50 26.02
N ALA B 606 44.22 18.34 25.35
CA ALA B 606 43.31 19.21 26.08
C ALA B 606 42.50 18.44 27.12
N LYS B 607 41.99 17.27 26.76
CA LYS B 607 41.22 16.48 27.72
C LYS B 607 42.08 16.02 28.88
N VAL B 608 43.34 15.69 28.59
CA VAL B 608 44.25 15.10 29.55
C VAL B 608 44.84 16.16 30.48
N TYR B 609 45.10 17.37 29.98
CA TYR B 609 45.86 18.36 30.74
C TYR B 609 45.05 19.52 31.29
N GLY B 610 43.81 19.71 30.86
CA GLY B 610 43.01 20.81 31.39
C GLY B 610 43.66 22.17 31.19
N LYS B 611 43.59 23.01 32.23
CA LYS B 611 44.17 24.35 32.13
C LYS B 611 45.68 24.33 31.95
N ASP B 612 46.35 23.26 32.39
CA ASP B 612 47.80 23.10 32.19
C ASP B 612 48.22 23.12 30.74
N PHE B 613 47.29 23.00 29.79
CA PHE B 613 47.68 23.05 28.39
C PHE B 613 47.63 24.44 27.80
N ALA B 614 47.18 25.42 28.59
CA ALA B 614 47.01 26.78 28.05
C ALA B 614 48.27 27.34 27.41
N PRO B 615 49.48 27.08 27.91
CA PRO B 615 50.71 27.59 27.26
C PRO B 615 50.82 27.34 25.76
N PHE B 616 50.13 26.33 25.24
CA PHE B 616 50.24 26.06 23.80
C PHE B 616 49.24 26.83 22.96
N LEU B 617 48.22 27.42 23.57
CA LEU B 617 47.24 28.19 22.81
C LEU B 617 47.91 29.16 21.83
N GLN B 618 48.88 29.93 22.31
CA GLN B 618 49.48 30.97 21.51
C GLN B 618 49.98 30.45 20.18
N THR B 619 50.66 29.31 20.21
CA THR B 619 51.23 28.74 19.01
C THR B 619 50.22 27.91 18.21
N ILE B 620 49.22 27.33 18.87
CA ILE B 620 48.33 26.36 18.25
C ILE B 620 47.10 27.00 17.61
N ILE B 621 46.43 27.94 18.30
CA ILE B 621 45.26 28.60 17.70
C ILE B 621 45.54 29.26 16.36
N PRO B 622 46.71 29.85 16.12
CA PRO B 622 46.97 30.35 14.76
C PRO B 622 46.93 29.26 13.71
N GLU B 623 47.55 28.11 13.96
CA GLU B 623 47.51 27.05 12.96
C GLU B 623 46.09 26.52 12.77
N ILE B 624 45.30 26.45 13.85
CA ILE B 624 43.92 26.01 13.73
C ILE B 624 43.15 26.95 12.81
N PHE B 625 43.29 28.26 13.03
CA PHE B 625 42.57 29.23 12.19
C PHE B 625 43.00 29.10 10.73
N LYS B 626 44.29 28.91 10.47
CA LYS B 626 44.72 28.71 9.09
C LYS B 626 43.98 27.52 8.46
N THR B 627 43.97 26.38 9.17
CA THR B 627 43.29 25.19 8.64
C THR B 627 41.82 25.47 8.32
N LEU B 628 41.11 26.15 9.24
CA LEU B 628 39.67 26.32 9.05
C LEU B 628 39.33 27.28 7.92
N GLU B 629 40.21 28.23 7.59
CA GLU B 629 39.93 29.17 6.51
C GLU B 629 40.32 28.63 5.14
N GLN B 630 40.95 27.46 5.09
CA GLN B 630 41.38 26.87 3.83
C GLN B 630 40.24 26.85 2.82
N GLU B 631 40.62 26.89 1.54
CA GLU B 631 39.69 26.59 0.47
C GLU B 631 39.36 25.10 0.47
N GLU B 632 38.09 24.76 0.36
CA GLU B 632 37.70 23.37 0.49
C GLU B 632 37.82 22.63 -0.83
N TYR B 633 38.45 23.24 -1.83
CA TYR B 633 38.54 22.67 -3.16
C TYR B 633 39.94 22.59 -3.75
N THR B 660 35.77 17.14 -7.38
CA THR B 660 36.90 18.05 -7.22
C THR B 660 37.01 18.52 -5.75
N VAL B 661 36.22 17.88 -4.89
CA VAL B 661 36.15 18.27 -3.47
C VAL B 661 37.37 17.73 -2.73
N ASN B 662 38.01 18.58 -1.94
CA ASN B 662 39.20 18.16 -1.22
C ASN B 662 38.75 17.57 0.13
N THR B 663 38.65 16.25 0.19
CA THR B 663 38.19 15.56 1.39
C THR B 663 39.25 15.55 2.49
N GLY B 664 40.53 15.46 2.12
CA GLY B 664 41.58 15.55 3.12
C GLY B 664 41.52 16.85 3.91
N ILE B 665 41.22 17.95 3.23
CA ILE B 665 40.99 19.20 3.94
C ILE B 665 39.71 19.12 4.76
N ALA B 666 38.68 18.50 4.22
CA ALA B 666 37.41 18.47 4.93
C ALA B 666 37.56 17.77 6.27
N TYR B 667 38.15 16.59 6.26
CA TYR B 667 38.46 15.88 7.50
C TYR B 667 39.29 16.75 8.45
N GLU B 668 40.37 17.33 7.95
CA GLU B 668 41.23 18.12 8.81
C GLU B 668 40.45 19.24 9.49
N LYS B 669 39.49 19.84 8.78
CA LYS B 669 38.72 20.93 9.37
C LYS B 669 37.77 20.40 10.44
N GLU B 670 37.26 19.18 10.26
CA GLU B 670 36.37 18.61 11.27
C GLU B 670 37.10 18.48 12.59
N VAL B 671 38.35 18.03 12.54
CA VAL B 671 39.11 17.75 13.74
C VAL B 671 39.68 19.03 14.33
N ALA B 672 40.12 19.97 13.47
CA ALA B 672 40.57 21.26 14.00
C ALA B 672 39.47 21.91 14.83
N ALA B 673 38.24 21.84 14.34
CA ALA B 673 37.13 22.40 15.09
C ALA B 673 36.92 21.66 16.39
N ALA B 674 37.12 20.34 16.36
CA ALA B 674 37.07 19.52 17.58
C ALA B 674 38.18 19.92 18.54
N ALA B 675 39.41 20.05 18.02
CA ALA B 675 40.52 20.48 18.84
C ALA B 675 40.25 21.84 19.48
N LEU B 676 39.75 22.78 18.68
CA LEU B 676 39.45 24.11 19.18
C LEU B 676 38.40 24.05 20.27
N SER B 677 37.34 23.27 20.05
CA SER B 677 36.30 23.17 21.07
C SER B 677 36.89 22.63 22.36
N GLU B 678 37.69 21.57 22.24
CA GLU B 678 38.25 20.95 23.42
C GLU B 678 39.22 21.90 24.10
N LEU B 679 40.01 22.63 23.30
CA LEU B 679 40.92 23.59 23.88
C LEU B 679 40.15 24.63 24.70
N ALA B 680 39.04 25.14 24.17
CA ALA B 680 38.29 26.15 24.91
C ALA B 680 37.75 25.59 26.22
N ILE B 681 37.14 24.40 26.15
CA ILE B 681 36.60 23.79 27.35
C ILE B 681 37.70 23.54 28.37
N ALA B 682 38.89 23.13 27.90
CA ALA B 682 39.94 22.72 28.82
C ALA B 682 40.63 23.89 29.49
N SER B 683 40.94 24.92 28.72
CA SER B 683 41.73 26.04 29.21
C SER B 683 40.76 27.19 29.43
N LYS B 684 40.12 27.20 30.59
CA LYS B 684 38.87 27.94 30.72
C LYS B 684 39.07 29.46 30.70
N GLU B 685 39.68 30.01 31.75
CA GLU B 685 39.93 31.45 31.73
C GLU B 685 40.94 31.82 30.65
N HIS B 686 41.94 30.97 30.42
CA HIS B 686 43.01 31.25 29.47
C HIS B 686 42.53 31.36 28.04
N PHE B 687 41.30 30.91 27.75
CA PHE B 687 40.77 30.96 26.38
C PHE B 687 40.10 32.28 26.01
N LEU B 688 39.88 33.19 26.98
CA LEU B 688 38.98 34.33 26.75
C LEU B 688 39.50 35.29 25.66
N GLU B 689 40.80 35.58 25.66
CA GLU B 689 41.35 36.40 24.58
C GLU B 689 41.05 35.79 23.22
N TYR B 690 40.86 34.48 23.15
CA TYR B 690 40.64 33.78 21.90
C TYR B 690 39.17 33.60 21.53
N VAL B 691 38.24 33.91 22.43
CA VAL B 691 36.82 33.68 22.13
C VAL B 691 36.42 34.47 20.87
N GLU B 692 36.63 35.78 20.89
CA GLU B 692 36.22 36.63 19.78
C GLU B 692 36.76 36.15 18.45
N PRO B 693 38.06 35.97 18.29
CA PRO B 693 38.56 35.47 16.99
C PRO B 693 37.93 34.15 16.58
N SER B 694 37.77 33.19 17.51
CA SER B 694 37.26 31.87 17.15
C SER B 694 35.82 31.94 16.64
N LEU B 695 34.97 32.70 17.34
CA LEU B 695 33.60 32.88 16.89
C LEU B 695 33.55 33.54 15.52
N LYS B 696 34.49 34.46 15.23
CA LYS B 696 34.56 35.08 13.90
C LYS B 696 34.97 34.06 12.84
N VAL B 697 35.97 33.24 13.12
CA VAL B 697 36.41 32.25 12.14
C VAL B 697 35.30 31.22 11.93
N LEU B 698 34.66 30.76 13.02
CA LEU B 698 33.61 29.76 12.91
C LEU B 698 32.36 30.33 12.25
N ALA B 699 31.96 31.55 12.63
CA ALA B 699 30.81 32.17 11.97
C ALA B 699 31.05 32.28 10.47
N GLU B 700 32.23 32.76 10.09
CA GLU B 700 32.53 32.87 8.66
C GLU B 700 32.44 31.52 8.00
N GLN B 701 32.95 30.47 8.65
CA GLN B 701 32.93 29.14 8.06
C GLN B 701 31.50 28.60 7.94
N VAL B 702 30.63 28.92 8.89
CA VAL B 702 29.24 28.48 8.80
C VAL B 702 28.59 29.01 7.53
N ASN B 703 28.81 30.30 7.24
CA ASN B 703 28.16 30.97 6.11
C ASN B 703 28.66 30.45 4.77
N GLU B 704 29.96 30.15 4.66
CA GLU B 704 30.52 29.82 3.37
C GLU B 704 31.14 28.44 3.25
N SER B 705 31.14 27.62 4.29
CA SER B 705 31.77 26.33 4.13
C SER B 705 30.85 25.36 3.39
N TYR B 706 31.47 24.41 2.70
CA TYR B 706 30.72 23.43 1.93
C TYR B 706 30.21 22.31 2.83
N GLY B 707 31.08 21.73 3.64
CA GLY B 707 30.66 20.60 4.44
C GLY B 707 30.93 20.71 5.92
N LEU B 708 31.28 21.91 6.40
CA LEU B 708 31.65 22.10 7.79
C LEU B 708 30.64 22.95 8.55
N LYS B 709 29.52 23.32 7.93
CA LYS B 709 28.57 24.18 8.65
C LYS B 709 28.06 23.52 9.91
N GLU B 710 27.64 22.26 9.85
CA GLU B 710 27.13 21.63 11.07
C GLU B 710 28.20 21.66 12.15
N THR B 711 29.39 21.19 11.84
CA THR B 711 30.47 21.14 12.82
C THR B 711 30.77 22.52 13.38
N ALA B 712 30.91 23.52 12.50
CA ALA B 712 31.31 24.86 12.91
C ALA B 712 30.30 25.50 13.85
N LEU B 713 29.01 25.32 13.60
CA LEU B 713 28.03 25.86 14.54
C LEU B 713 28.10 25.08 15.86
N HIS B 714 28.28 23.76 15.77
CA HIS B 714 28.50 22.96 16.98
C HIS B 714 29.70 23.47 17.77
N SER B 715 30.80 23.77 17.08
CA SER B 715 31.99 24.24 17.77
C SER B 715 31.72 25.56 18.49
N MET B 716 30.93 26.45 17.88
CA MET B 716 30.61 27.72 18.52
C MET B 716 29.92 27.51 19.86
N TRP B 717 28.97 26.56 19.90
CA TRP B 717 28.30 26.27 21.16
C TRP B 717 29.27 25.70 22.17
N ALA B 718 30.29 24.97 21.70
CA ALA B 718 31.30 24.48 22.62
C ALA B 718 31.99 25.64 23.30
N ILE B 719 32.29 26.68 22.54
CA ILE B 719 32.90 27.89 23.09
C ILE B 719 31.93 28.61 24.04
N VAL B 720 30.65 28.71 23.66
CA VAL B 720 29.67 29.26 24.60
C VAL B 720 29.68 28.45 25.90
N LYS B 721 29.64 27.11 25.77
CA LYS B 721 29.70 26.20 26.92
C LYS B 721 30.95 26.46 27.75
N ALA B 722 32.09 26.64 27.08
CA ALA B 722 33.34 26.95 27.77
C ALA B 722 33.23 28.26 28.54
N VAL B 723 32.63 29.29 27.93
CA VAL B 723 32.53 30.59 28.58
C VAL B 723 31.65 30.53 29.82
N LEU B 724 30.50 29.87 29.73
CA LEU B 724 29.62 29.80 30.89
C LEU B 724 30.29 29.09 32.05
N LEU B 725 31.06 28.05 31.74
CA LEU B 725 31.74 27.32 32.79
C LEU B 725 32.84 28.17 33.42
N THR B 726 33.52 28.99 32.62
CA THR B 726 34.54 29.85 33.18
C THR B 726 33.91 30.90 34.08
N ALA B 727 32.65 31.22 33.83
CA ALA B 727 31.82 32.06 34.67
C ALA B 727 31.25 31.31 35.87
N ASN B 728 31.81 30.14 36.18
CA ASN B 728 31.43 29.35 37.35
C ASN B 728 29.92 29.12 37.44
N LEU B 729 29.25 29.13 36.29
CA LEU B 729 27.89 28.64 36.16
C LEU B 729 27.95 27.14 35.96
N LYS B 730 27.39 26.36 36.90
CA LYS B 730 27.56 24.92 36.84
C LYS B 730 26.35 24.20 36.21
N GLU B 731 26.66 23.12 35.48
CA GLU B 731 25.69 22.42 34.64
C GLU B 731 24.46 21.93 35.40
N GLY B 732 23.28 22.31 34.90
CA GLY B 732 22.01 21.97 35.52
C GLY B 732 21.56 22.92 36.62
N GLU B 733 22.49 23.68 37.19
CA GLU B 733 22.23 24.60 38.30
C GLU B 733 21.96 25.98 37.73
N TYR B 734 20.73 26.25 37.33
CA TYR B 734 20.39 27.57 36.84
C TYR B 734 19.09 28.04 37.44
N PRO B 735 18.80 29.35 37.40
CA PRO B 735 17.50 29.83 37.87
C PRO B 735 16.38 29.42 36.92
N LYS B 736 15.39 28.75 37.47
CA LYS B 736 14.22 28.32 36.69
C LYS B 736 13.35 29.54 36.35
N GLY B 737 12.45 29.34 35.39
CA GLY B 737 11.48 30.33 35.02
C GLY B 737 11.92 31.20 33.85
N VAL B 738 11.00 32.05 33.43
CA VAL B 738 11.28 33.04 32.38
C VAL B 738 12.24 34.03 33.02
N PRO B 739 13.46 34.21 32.50
CA PRO B 739 14.40 35.13 33.16
C PRO B 739 14.03 36.59 32.93
N SER B 740 13.73 37.28 34.03
CA SER B 740 13.56 38.73 34.05
C SER B 740 14.93 39.41 34.16
N GLY B 741 15.75 39.20 33.15
CA GLY B 741 17.08 39.75 33.19
C GLY B 741 18.11 38.66 33.38
N SER B 742 19.24 38.79 32.69
CA SER B 742 20.28 37.78 32.70
C SER B 742 20.66 37.33 34.10
N TYR B 743 21.12 36.08 34.19
CA TYR B 743 21.85 35.58 35.36
C TYR B 743 23.29 35.27 34.99
N VAL B 744 23.72 35.75 33.82
CA VAL B 744 25.10 35.67 33.34
C VAL B 744 25.63 37.09 33.17
N ASP B 745 26.89 37.32 33.53
CA ASP B 745 27.48 38.65 33.37
C ASP B 745 27.50 39.04 31.90
N ALA B 746 27.41 40.35 31.65
CA ALA B 746 27.21 40.87 30.29
C ALA B 746 28.19 40.29 29.28
N SER B 747 29.42 40.02 29.69
CA SER B 747 30.43 39.51 28.76
C SER B 747 30.00 38.18 28.16
N ALA B 748 29.50 37.26 29.01
CA ALA B 748 29.05 35.94 28.54
C ALA B 748 27.83 36.02 27.64
N LEU B 749 26.85 36.84 28.03
CA LEU B 749 25.62 37.00 27.26
C LEU B 749 25.88 37.57 25.88
N ALA B 750 26.91 38.39 25.74
CA ALA B 750 27.28 38.81 24.40
C ALA B 750 27.58 37.60 23.53
N VAL B 751 28.26 36.59 24.09
CA VAL B 751 28.63 35.39 23.35
C VAL B 751 27.41 34.50 23.09
N ILE B 752 26.56 34.30 24.11
CA ILE B 752 25.34 33.53 23.92
C ILE B 752 24.54 34.10 22.77
N GLN B 753 24.29 35.42 22.82
CA GLN B 753 23.46 36.11 21.85
C GLN B 753 24.04 35.99 20.45
N THR B 754 25.36 36.09 20.34
CA THR B 754 26.01 35.90 19.06
C THR B 754 25.67 34.53 18.48
N VAL B 755 25.92 33.47 19.26
CA VAL B 755 25.70 32.13 18.72
C VAL B 755 24.20 31.87 18.55
N ARG B 756 23.39 32.30 19.52
CA ARG B 756 21.95 32.11 19.44
C ARG B 756 21.38 32.68 18.14
N GLU B 757 21.92 33.81 17.69
CA GLU B 757 21.47 34.39 16.43
C GLU B 757 21.83 33.51 15.25
N VAL B 758 23.07 33.05 15.19
CA VAL B 758 23.48 32.20 14.08
C VAL B 758 22.65 30.92 14.07
N SER B 759 22.38 30.34 15.24
CA SER B 759 21.57 29.14 15.31
C SER B 759 20.20 29.38 14.71
N LEU B 760 19.48 30.39 15.24
CA LEU B 760 18.13 30.65 14.76
C LEU B 760 18.14 30.90 13.27
N ASN B 761 19.19 31.54 12.76
CA ASN B 761 19.27 31.90 11.34
C ASN B 761 19.53 30.70 10.46
N ASN B 762 20.11 29.64 11.00
CA ASN B 762 20.39 28.47 10.20
C ASN B 762 19.29 27.44 10.27
N VAL B 763 18.18 27.78 10.92
CA VAL B 763 17.03 26.88 10.95
C VAL B 763 15.80 27.48 10.24
N ILE B 764 15.61 28.81 10.28
CA ILE B 764 14.52 29.48 9.58
C ILE B 764 14.72 29.31 8.08
N GLU B 765 13.73 28.72 7.41
CA GLU B 765 13.82 28.40 5.98
C GLU B 765 15.12 27.67 5.66
N GLU B 766 15.43 26.68 6.48
CA GLU B 766 16.57 25.82 6.22
C GLU B 766 16.01 24.54 5.60
N VAL B 767 16.58 24.14 4.48
CA VAL B 767 16.07 23.00 3.73
C VAL B 767 16.84 21.72 4.01
N GLU B 768 18.02 21.82 4.62
CA GLU B 768 18.83 20.66 4.96
C GLU B 768 18.36 20.12 6.32
N THR B 769 17.72 18.94 6.33
CA THR B 769 17.24 18.41 7.60
C THR B 769 18.39 17.96 8.49
N SER B 770 19.54 17.61 7.92
CA SER B 770 20.71 17.43 8.77
C SER B 770 21.00 18.72 9.54
N MET B 771 20.94 19.87 8.87
CA MET B 771 21.25 21.12 9.57
C MET B 771 20.20 21.44 10.63
N VAL B 772 18.92 21.19 10.33
CA VAL B 772 17.88 21.47 11.31
C VAL B 772 18.05 20.59 12.54
N ILE B 773 18.31 19.30 12.32
CA ILE B 773 18.53 18.37 13.43
C ILE B 773 19.70 18.83 14.29
N SER B 774 20.82 19.16 13.66
CA SER B 774 21.99 19.60 14.39
C SER B 774 21.66 20.82 15.26
N VAL B 775 21.00 21.82 14.67
CA VAL B 775 20.67 23.03 15.42
C VAL B 775 19.75 22.68 16.58
N PHE B 776 18.70 21.90 16.30
CA PHE B 776 17.78 21.58 17.38
C PHE B 776 18.48 20.81 18.48
N GLN B 777 19.46 20.01 18.12
CA GLN B 777 20.17 19.29 19.15
C GLN B 777 21.04 20.23 19.98
N ASP B 778 21.91 20.99 19.32
CA ASP B 778 22.77 21.89 20.06
C ASP B 778 21.95 22.76 21.02
N LEU B 779 20.82 23.29 20.53
CA LEU B 779 19.99 24.12 21.39
C LEU B 779 19.47 23.36 22.61
N SER B 780 19.07 22.08 22.43
CA SER B 780 18.53 21.31 23.54
C SER B 780 19.60 20.97 24.58
N GLU B 781 20.78 20.57 24.13
CA GLU B 781 21.83 20.28 25.09
C GLU B 781 22.12 21.51 25.92
N MET B 782 22.28 22.65 25.24
CA MET B 782 22.62 23.90 25.91
C MET B 782 21.48 24.37 26.81
N LEU B 783 20.23 24.19 26.36
CA LEU B 783 19.11 24.56 27.22
C LEU B 783 19.07 23.69 28.47
N ARG B 784 19.36 22.40 28.32
CA ARG B 784 19.35 21.46 29.44
C ARG B 784 20.50 21.74 30.40
N LEU B 785 21.66 22.15 29.87
CA LEU B 785 22.84 22.44 30.69
C LEU B 785 22.74 23.79 31.40
N PHE B 786 22.37 24.85 30.67
CA PHE B 786 22.51 26.20 31.20
C PHE B 786 21.23 27.01 31.27
N GLY B 787 20.09 26.41 30.94
CA GLY B 787 18.82 27.05 31.19
C GLY B 787 18.38 28.02 30.11
N PRO B 788 17.26 28.71 30.39
CA PRO B 788 16.59 29.51 29.34
C PRO B 788 17.44 30.63 28.79
N ILE B 789 18.48 31.06 29.52
CA ILE B 789 19.37 32.14 29.13
C ILE B 789 19.94 31.93 27.73
N ILE B 790 19.92 30.67 27.26
CA ILE B 790 20.44 30.32 25.95
C ILE B 790 19.54 30.90 24.84
N ILE B 791 18.25 31.10 25.11
CA ILE B 791 17.32 31.50 24.05
C ILE B 791 16.65 32.85 24.29
N MET B 792 16.49 33.26 25.55
CA MET B 792 15.86 34.51 25.88
C MET B 792 16.63 35.16 26.99
N ASP B 793 16.85 36.46 26.95
CA ASP B 793 17.70 37.07 27.97
C ASP B 793 17.20 37.81 29.19
N ASN B 794 16.56 38.95 29.04
CA ASN B 794 16.12 39.66 30.24
C ASN B 794 14.67 39.92 30.20
N GLY B 795 14.24 40.33 29.02
CA GLY B 795 12.87 40.63 28.75
C GLY B 795 12.13 40.02 27.58
N ASP B 796 12.78 39.62 26.50
CA ASP B 796 11.98 39.13 25.40
C ASP B 796 12.02 37.70 24.97
N SER B 797 10.95 37.36 24.32
CA SER B 797 10.68 36.09 23.75
C SER B 797 10.86 36.20 22.27
N THR B 798 11.63 37.14 21.81
CA THR B 798 11.78 37.31 20.41
C THR B 798 12.38 36.12 19.73
N HIS B 799 13.31 35.47 20.39
CA HIS B 799 13.92 34.28 19.81
C HIS B 799 13.24 33.01 20.27
N LEU B 800 12.69 33.03 21.48
CA LEU B 800 11.91 31.89 21.94
C LEU B 800 10.72 31.63 21.03
N ASP B 801 9.98 32.69 20.69
CA ASP B 801 8.81 32.55 19.82
C ASP B 801 9.22 32.10 18.42
N GLN B 802 10.36 32.59 17.92
CA GLN B 802 10.82 32.16 16.61
C GLN B 802 11.12 30.66 16.58
N LEU B 803 11.71 30.15 17.66
CA LEU B 803 12.09 28.74 17.74
C LEU B 803 10.87 27.82 17.73
N CYS B 804 9.91 28.09 18.62
CA CYS B 804 8.70 27.30 18.65
C CYS B 804 7.96 27.34 17.32
N ARG B 805 7.87 28.51 16.70
CA ARG B 805 7.35 28.58 15.34
C ARG B 805 8.02 27.53 14.46
N GLU B 806 9.35 27.50 14.44
CA GLU B 806 10.07 26.58 13.58
C GLU B 806 9.90 25.12 14.07
N ALA B 807 10.05 24.89 15.37
CA ALA B 807 9.92 23.55 15.92
C ALA B 807 8.51 23.01 15.72
N LEU B 808 7.50 23.81 16.06
CA LEU B 808 6.12 23.41 15.82
C LEU B 808 5.87 23.19 14.33
N SER B 809 6.54 23.95 13.47
CA SER B 809 6.48 23.68 12.05
C SER B 809 6.89 22.24 11.75
N VAL B 810 7.91 21.74 12.45
CA VAL B 810 8.38 20.37 12.24
C VAL B 810 7.33 19.37 12.71
N LEU B 811 6.68 19.62 13.85
CA LEU B 811 5.63 18.70 14.30
C LEU B 811 4.49 18.64 13.29
N LYS B 812 4.12 19.77 12.70
CA LYS B 812 3.08 19.80 11.69
C LYS B 812 3.53 19.22 10.37
N GLY B 813 4.81 18.89 10.23
CA GLY B 813 5.31 18.42 8.96
C GLY B 813 5.46 19.47 7.89
N GLU B 814 5.43 20.76 8.27
CA GLU B 814 5.33 21.90 7.34
C GLU B 814 6.56 22.80 7.38
N HIS B 815 7.75 22.26 7.62
CA HIS B 815 8.96 23.07 7.66
C HIS B 815 9.66 22.99 6.30
N ALA B 816 10.42 24.03 5.96
CA ALA B 816 11.09 24.05 4.67
C ALA B 816 11.82 22.74 4.37
N CYS B 817 12.53 22.17 5.34
CA CYS B 817 13.31 20.96 5.08
C CYS B 817 12.45 19.74 4.88
N GLN B 818 11.23 19.76 5.40
CA GLN B 818 10.28 18.66 5.24
C GLN B 818 9.59 18.73 3.88
N THR B 819 9.17 19.93 3.47
CA THR B 819 8.34 20.15 2.28
C THR B 819 9.22 20.19 1.04
N ILE B 820 9.59 19.01 0.57
CA ILE B 820 10.11 18.87 -0.77
C ILE B 820 8.95 18.58 -1.72
N GLU B 830 -2.14 11.83 3.76
CA GLU B 830 -1.02 11.99 4.69
C GLU B 830 -0.85 10.77 5.62
N ASP B 831 -0.26 11.00 6.79
CA ASP B 831 -0.07 9.95 7.78
C ASP B 831 0.54 8.63 7.39
N LEU B 832 1.79 8.65 6.93
CA LEU B 832 2.45 7.41 6.56
C LEU B 832 3.72 7.15 7.36
N ASP B 833 4.16 5.91 7.42
CA ASP B 833 5.38 5.60 8.14
C ASP B 833 6.51 6.33 7.47
N ALA B 834 7.42 6.82 8.29
CA ALA B 834 8.52 7.69 7.89
C ALA B 834 9.86 7.00 8.01
N SER B 835 10.87 7.60 7.39
CA SER B 835 12.22 7.10 7.51
C SER B 835 12.78 7.48 8.88
N GLU B 836 13.78 6.72 9.32
CA GLU B 836 14.36 7.00 10.62
C GLU B 836 14.93 8.43 10.70
N THR B 837 15.45 8.97 9.61
CA THR B 837 15.89 10.36 9.65
C THR B 837 14.73 11.30 9.97
N GLU B 838 13.60 11.11 9.29
CA GLU B 838 12.44 11.96 9.53
C GLU B 838 11.90 11.80 10.95
N ALA B 839 11.94 10.58 11.47
CA ALA B 839 11.57 10.32 12.87
C ALA B 839 12.46 11.10 13.82
N THR B 840 13.77 11.11 13.55
CA THR B 840 14.68 11.86 14.39
C THR B 840 14.31 13.34 14.40
N LEU B 841 14.04 13.89 13.22
CA LEU B 841 13.62 15.27 13.11
C LEU B 841 12.47 15.55 14.05
N LEU B 842 11.48 14.65 14.04
CA LEU B 842 10.38 14.82 14.97
C LEU B 842 10.86 14.77 16.42
N ASP B 843 11.74 13.82 16.71
CA ASP B 843 12.20 13.61 18.08
C ASP B 843 12.97 14.83 18.60
N VAL B 844 13.94 15.31 17.81
CA VAL B 844 14.69 16.50 18.22
C VAL B 844 13.77 17.71 18.33
N ALA B 845 12.72 17.75 17.52
CA ALA B 845 11.76 18.84 17.58
C ALA B 845 10.96 18.78 18.87
N LEU B 846 10.46 17.60 19.21
CA LEU B 846 9.82 17.41 20.51
C LEU B 846 10.77 17.75 21.65
N ASP B 847 12.06 17.48 21.47
CA ASP B 847 13.01 17.70 22.57
C ASP B 847 13.22 19.17 22.87
N ILE B 848 13.03 20.05 21.88
CA ILE B 848 13.08 21.49 22.16
C ILE B 848 12.04 21.84 23.22
N TYR B 849 10.83 21.32 23.07
CA TYR B 849 9.77 21.58 24.05
C TYR B 849 10.07 20.90 25.38
N VAL B 850 10.53 19.65 25.33
CA VAL B 850 10.85 18.97 26.59
C VAL B 850 11.88 19.79 27.37
N ALA B 851 12.91 20.27 26.67
CA ALA B 851 13.93 21.05 27.36
C ALA B 851 13.35 22.34 27.90
N LEU B 852 12.50 23.00 27.09
CA LEU B 852 11.85 24.24 27.49
C LEU B 852 10.94 24.04 28.70
N SER B 853 10.23 22.92 28.76
CA SER B 853 9.33 22.71 29.88
C SER B 853 10.10 22.63 31.20
N THR B 854 11.27 21.99 31.20
CA THR B 854 12.12 21.95 32.39
C THR B 854 12.76 23.31 32.70
N ASN B 855 13.06 24.11 31.67
CA ASN B 855 13.68 25.41 31.90
C ASN B 855 12.79 26.55 32.43
N LEU B 856 11.50 26.49 32.15
CA LEU B 856 10.56 27.56 32.49
C LEU B 856 9.55 27.21 33.60
N VAL B 857 9.42 25.91 33.91
CA VAL B 857 8.46 25.39 34.88
C VAL B 857 7.09 25.99 34.43
N GLY B 858 6.32 26.54 35.36
CA GLY B 858 5.04 27.05 34.98
C GLY B 858 4.90 28.05 33.82
N GLY B 859 6.03 28.67 33.44
CA GLY B 859 6.10 29.65 32.37
C GLY B 859 5.80 28.84 31.10
N PHE B 860 6.30 27.61 31.00
CA PHE B 860 6.16 26.87 29.77
C PHE B 860 4.71 26.89 29.12
N ALA B 861 3.65 27.05 29.92
CA ALA B 861 2.31 26.83 29.38
C ALA B 861 2.05 27.71 28.16
N GLN B 862 2.53 28.95 28.18
CA GLN B 862 2.19 29.88 27.11
C GLN B 862 2.75 29.42 25.77
N VAL B 863 4.00 28.97 25.74
CA VAL B 863 4.55 28.41 24.51
C VAL B 863 3.87 27.07 24.17
N PHE B 864 3.58 26.27 25.19
CA PHE B 864 3.05 24.91 24.99
C PHE B 864 1.66 24.88 24.39
N THR B 865 0.95 26.00 24.38
CA THR B 865 -0.47 25.98 24.01
C THR B 865 -0.68 25.63 22.54
N THR B 866 0.11 26.22 21.65
CA THR B 866 -0.07 25.92 20.22
C THR B 866 0.31 24.49 19.91
N ALA B 867 1.26 23.93 20.66
CA ALA B 867 1.81 22.61 20.39
C ALA B 867 0.97 21.49 21.01
N LYS B 868 0.28 21.76 22.12
CA LYS B 868 -0.45 20.72 22.84
C LYS B 868 -1.38 19.91 21.95
N PRO B 869 -2.24 20.53 21.12
CA PRO B 869 -3.04 19.71 20.18
C PRO B 869 -2.18 18.91 19.20
N VAL B 870 -1.10 19.50 18.70
CA VAL B 870 -0.27 18.80 17.73
C VAL B 870 0.32 17.55 18.35
N ILE B 871 0.88 17.68 19.55
CA ILE B 871 1.50 16.53 20.20
C ILE B 871 0.45 15.51 20.58
N LEU B 872 -0.63 15.97 21.21
CA LEU B 872 -1.72 15.06 21.54
C LEU B 872 -2.19 14.28 20.33
N GLN B 873 -2.37 14.97 19.20
CA GLN B 873 -2.74 14.28 17.98
C GLN B 873 -1.72 13.24 17.59
N LEU B 874 -0.43 13.57 17.76
CA LEU B 874 0.62 12.64 17.39
C LEU B 874 0.60 11.39 18.26
N CYS B 875 0.03 11.48 19.47
CA CYS B 875 -0.04 10.30 20.32
C CYS B 875 -0.94 9.24 19.70
N GLN B 876 -1.88 9.66 18.86
CA GLN B 876 -2.82 8.79 18.16
C GLN B 876 -2.40 8.53 16.71
N SER B 877 -1.13 8.73 16.40
CA SER B 877 -0.67 8.60 15.02
C SER B 877 -0.79 7.16 14.53
N LYS B 878 -0.80 7.03 13.20
CA LYS B 878 -0.73 5.70 12.58
C LYS B 878 0.58 5.00 12.89
N SER B 879 1.67 5.75 13.05
CA SER B 879 2.98 5.13 13.22
C SER B 879 3.23 4.82 14.69
N LYS B 880 3.65 3.58 14.96
CA LYS B 880 3.98 3.20 16.33
C LYS B 880 5.13 4.04 16.88
N ASN B 881 6.10 4.38 16.02
CA ASN B 881 7.25 5.14 16.46
C ASN B 881 6.87 6.56 16.84
N LYS B 882 5.99 7.19 16.03
CA LYS B 882 5.55 8.54 16.37
C LYS B 882 4.80 8.54 17.70
N ARG B 883 3.92 7.56 17.91
CA ARG B 883 3.20 7.50 19.19
C ARG B 883 4.18 7.36 20.36
N SER B 884 5.15 6.46 20.21
CA SER B 884 6.14 6.29 21.27
C SER B 884 6.82 7.61 21.58
N PHE B 885 7.30 8.31 20.55
CA PHE B 885 7.92 9.62 20.75
C PHE B 885 6.94 10.59 21.42
N ALA B 886 5.71 10.63 20.94
CA ALA B 886 4.75 11.62 21.40
C ALA B 886 4.39 11.40 22.86
N VAL B 887 4.09 10.15 23.25
CA VAL B 887 3.81 9.81 24.65
C VAL B 887 5.04 10.05 25.52
N GLY B 888 6.23 9.79 24.98
CA GLY B 888 7.44 10.13 25.71
C GLY B 888 7.63 11.63 25.89
N ALA B 889 7.44 12.41 24.83
CA ALA B 889 7.61 13.85 25.00
C ALA B 889 6.55 14.42 25.94
N LEU B 890 5.30 13.96 25.83
CA LEU B 890 4.28 14.41 26.78
C LEU B 890 4.66 14.06 28.22
N SER B 891 5.15 12.85 28.46
CA SER B 891 5.54 12.48 29.83
C SER B 891 6.72 13.32 30.33
N GLU B 892 7.77 13.46 29.53
CA GLU B 892 8.91 14.25 29.95
C GLU B 892 8.55 15.72 30.14
N ILE B 893 7.61 16.18 29.35
CA ILE B 893 7.12 17.53 29.44
C ILE B 893 6.42 17.73 30.72
N ALA B 894 5.68 16.75 31.16
CA ALA B 894 5.01 16.85 32.41
C ALA B 894 5.98 16.96 33.56
N LEU B 895 7.12 16.30 33.52
CA LEU B 895 8.08 16.43 34.57
C LEU B 895 8.60 17.83 34.70
N GLY B 896 8.81 18.51 33.61
CA GLY B 896 9.33 19.84 33.71
C GLY B 896 8.40 20.78 34.41
N MET B 897 7.14 20.65 34.09
CA MET B 897 6.03 21.40 34.61
C MET B 897 5.67 21.22 36.04
N ARG B 898 5.83 20.03 36.55
CA ARG B 898 5.55 19.72 37.92
C ARG B 898 4.15 20.04 38.36
N ASP B 899 4.02 20.66 39.52
CA ASP B 899 2.75 21.00 40.13
C ASP B 899 2.15 22.30 39.65
N GLU B 900 2.82 22.95 38.73
CA GLU B 900 2.39 24.15 38.13
C GLU B 900 1.70 23.88 36.82
N ASN B 901 1.43 22.64 36.52
CA ASN B 901 0.79 22.27 35.28
C ASN B 901 -0.67 22.60 35.30
N PRO B 902 -1.18 23.23 34.26
CA PRO B 902 -2.57 23.58 34.13
C PRO B 902 -3.33 22.67 33.22
N PHE B 903 -2.74 21.61 32.73
CA PHE B 903 -3.44 20.68 31.84
C PHE B 903 -3.35 19.24 32.34
N ILE B 904 -3.03 19.04 33.62
CA ILE B 904 -2.86 17.68 34.13
C ILE B 904 -4.07 16.84 33.78
N GLN B 905 -5.27 17.39 33.99
CA GLN B 905 -6.47 16.61 33.75
C GLN B 905 -6.59 16.24 32.28
N GLU B 906 -6.39 17.20 31.38
CA GLU B 906 -6.48 16.85 29.97
C GLU B 906 -5.37 15.89 29.57
N LEU B 907 -4.14 16.15 30.00
CA LEU B 907 -3.04 15.27 29.68
C LEU B 907 -3.18 13.91 30.36
N LEU B 908 -3.64 13.91 31.62
CA LEU B 908 -3.79 12.65 32.34
C LEU B 908 -4.81 11.77 31.63
N GLU B 909 -5.91 12.36 31.17
CA GLU B 909 -6.93 11.60 30.44
C GLU B 909 -6.40 11.05 29.13
N ALA B 910 -5.60 11.84 28.40
CA ALA B 910 -5.06 11.38 27.13
C ALA B 910 -4.13 10.18 27.33
N LEU B 911 -3.15 10.32 28.23
CA LEU B 911 -2.21 9.23 28.44
C LEU B 911 -2.88 7.99 29.06
N ILE B 912 -3.93 8.17 29.85
CA ILE B 912 -4.65 6.99 30.35
C ILE B 912 -5.29 6.24 29.19
N ILE B 913 -5.83 6.97 28.21
CA ILE B 913 -6.38 6.31 27.03
C ILE B 913 -5.27 5.55 26.31
N SER B 914 -4.09 6.15 26.22
CA SER B 914 -2.95 5.46 25.60
C SER B 914 -2.51 4.27 26.46
N LEU B 915 -2.40 4.46 27.77
CA LEU B 915 -2.00 3.36 28.64
C LEU B 915 -2.93 2.17 28.49
N THR B 916 -4.22 2.42 28.26
CA THR B 916 -5.25 1.37 28.24
C THR B 916 -5.43 0.72 26.87
N ASN B 917 -5.48 1.50 25.80
CA ASN B 917 -5.97 1.01 24.53
C ASN B 917 -4.91 0.89 23.44
N ASP B 918 -3.67 1.28 23.69
CA ASP B 918 -2.68 1.18 22.63
C ASP B 918 -2.14 -0.26 22.50
N LYS B 919 -1.88 -0.65 21.24
CA LYS B 919 -1.46 -1.98 20.84
C LYS B 919 0.03 -2.18 20.88
N SER B 920 0.81 -1.14 21.16
CA SER B 920 2.25 -1.27 21.26
C SER B 920 2.60 -1.36 22.72
N LEU B 921 3.27 -2.44 23.12
CA LEU B 921 3.78 -2.49 24.47
C LEU B 921 4.62 -1.25 24.77
N GLU B 922 5.53 -0.90 23.86
CA GLU B 922 6.41 0.24 24.07
C GLU B 922 5.61 1.53 24.28
N VAL B 923 4.51 1.70 23.55
CA VAL B 923 3.70 2.90 23.74
C VAL B 923 3.08 2.89 25.12
N ARG B 924 2.51 1.75 25.51
CA ARG B 924 1.92 1.63 26.82
C ARG B 924 2.96 1.82 27.92
N CYS B 925 4.18 1.32 27.68
CA CYS B 925 5.28 1.52 28.63
C CYS B 925 5.59 3.00 28.81
N ASN B 926 5.80 3.74 27.70
CA ASN B 926 6.08 5.17 27.82
C ASN B 926 4.88 5.92 28.42
N ALA B 927 3.67 5.44 28.18
CA ALA B 927 2.49 6.12 28.73
C ALA B 927 2.39 5.93 30.24
N SER B 928 2.80 4.77 30.76
CA SER B 928 2.70 4.52 32.19
C SER B 928 3.50 5.53 33.00
N TYR B 929 4.68 5.92 32.49
CA TYR B 929 5.51 6.93 33.16
C TYR B 929 4.76 8.25 33.26
N GLY B 930 4.24 8.76 32.15
CA GLY B 930 3.46 9.98 32.18
C GLY B 930 2.28 9.89 33.13
N VAL B 931 1.56 8.77 33.12
CA VAL B 931 0.37 8.67 33.97
C VAL B 931 0.76 8.83 35.43
N GLY B 932 1.81 8.13 35.85
CA GLY B 932 2.29 8.28 37.22
C GLY B 932 2.68 9.70 37.56
N LEU B 933 3.39 10.36 36.63
CA LEU B 933 3.81 11.74 36.88
C LEU B 933 2.61 12.65 37.02
N LEU B 934 1.69 12.61 36.05
CA LEU B 934 0.53 13.48 36.10
C LEU B 934 -0.26 13.27 37.38
N ILE B 935 -0.40 12.01 37.80
CA ILE B 935 -1.13 11.75 39.04
C ILE B 935 -0.41 12.36 40.24
N GLU B 936 0.93 12.32 40.25
CA GLU B 936 1.69 12.88 41.37
C GLU B 936 1.53 14.40 41.48
N TYR B 937 1.40 15.08 40.35
CA TYR B 937 1.25 16.53 40.29
C TYR B 937 -0.21 16.96 40.29
N SER B 938 -1.14 16.01 40.20
CA SER B 938 -2.56 16.33 40.14
C SER B 938 -3.01 16.95 41.45
N SER B 939 -3.80 18.03 41.35
CA SER B 939 -4.36 18.67 42.54
C SER B 939 -5.85 18.42 42.67
N PHE B 940 -6.45 17.71 41.72
CA PHE B 940 -7.85 17.37 41.73
C PHE B 940 -8.03 15.91 42.15
N ASP B 941 -9.24 15.38 41.92
CA ASP B 941 -9.63 14.07 42.40
C ASP B 941 -9.49 13.03 41.29
N VAL B 942 -8.69 12.00 41.53
CA VAL B 942 -8.47 10.93 40.57
C VAL B 942 -8.86 9.57 41.11
N SER B 943 -9.60 9.52 42.22
CA SER B 943 -10.04 8.23 42.76
C SER B 943 -10.90 7.46 41.76
N ALA B 944 -11.62 8.17 40.88
CA ALA B 944 -12.44 7.49 39.88
C ALA B 944 -11.59 6.61 38.97
N ILE B 945 -10.40 7.06 38.57
CA ILE B 945 -9.62 6.37 37.55
C ILE B 945 -8.57 5.42 38.14
N TYR B 946 -8.44 5.35 39.46
CA TYR B 946 -7.45 4.46 40.09
C TYR B 946 -7.75 3.00 39.79
N SER B 947 -9.01 2.59 39.89
CA SER B 947 -9.36 1.19 39.61
C SER B 947 -9.04 0.82 38.16
N PRO B 948 -9.40 1.62 37.15
CA PRO B 948 -9.07 1.22 35.78
C PRO B 948 -7.59 1.34 35.48
N VAL B 949 -6.94 2.42 35.93
CA VAL B 949 -5.52 2.59 35.65
C VAL B 949 -4.71 1.42 36.21
N LEU B 950 -5.02 0.98 37.44
CA LEU B 950 -4.30 -0.15 38.02
C LEU B 950 -4.55 -1.46 37.26
N LYS B 951 -5.75 -1.63 36.70
CA LYS B 951 -6.03 -2.85 35.94
C LYS B 951 -5.21 -2.88 34.65
N SER B 952 -5.04 -1.73 34.00
CA SER B 952 -4.18 -1.66 32.82
C SER B 952 -2.72 -1.90 33.19
N LEU B 953 -2.25 -1.31 34.29
CA LEU B 953 -0.89 -1.54 34.75
C LEU B 953 -0.64 -3.03 34.96
N TYR B 954 -1.54 -3.70 35.68
CA TYR B 954 -1.35 -5.12 35.93
C TYR B 954 -1.32 -5.92 34.63
N GLU B 955 -2.17 -5.57 33.66
CA GLU B 955 -2.18 -6.30 32.39
C GLU B 955 -0.89 -6.06 31.60
N ILE B 956 -0.42 -4.80 31.55
CA ILE B 956 0.84 -4.51 30.88
C ILE B 956 1.95 -5.34 31.48
N LEU B 957 1.99 -5.40 32.82
CA LEU B 957 2.92 -6.29 33.52
C LEU B 957 2.77 -7.73 33.06
N SER B 958 1.53 -8.21 32.87
CA SER B 958 1.35 -9.61 32.51
C SER B 958 1.83 -9.91 31.09
N VAL B 959 1.72 -8.94 30.17
CA VAL B 959 2.24 -9.17 28.82
C VAL B 959 3.76 -9.10 28.81
N ALA B 960 4.32 -8.16 29.57
CA ALA B 960 5.79 -8.10 29.69
C ALA B 960 6.33 -9.36 30.34
N ASP B 961 5.61 -9.91 31.33
CA ASP B 961 5.99 -11.21 31.88
C ASP B 961 6.00 -12.28 30.79
N GLU B 962 5.01 -12.24 29.89
CA GLU B 962 4.95 -13.24 28.82
C GLU B 962 6.14 -13.12 27.89
N LYS B 963 6.37 -11.92 27.34
CA LYS B 963 7.48 -11.74 26.43
C LYS B 963 8.80 -12.10 27.09
N ASN B 964 8.86 -11.94 28.41
CA ASN B 964 10.10 -12.20 29.15
C ASN B 964 10.57 -13.64 29.00
N LEU B 965 9.63 -14.59 29.01
CA LEU B 965 9.96 -16.03 29.04
C LEU B 965 10.81 -16.52 27.86
N ASP B 970 14.88 -10.36 20.68
CA ASP B 970 15.64 -11.00 21.77
C ASP B 970 16.10 -9.92 22.73
N GLU B 971 17.32 -9.38 22.53
CA GLU B 971 17.71 -8.24 23.35
C GLU B 971 16.83 -7.03 23.06
N ALA B 972 16.29 -6.95 21.84
CA ALA B 972 15.38 -5.85 21.51
C ALA B 972 14.12 -5.94 22.35
N THR B 973 13.54 -7.14 22.44
CA THR B 973 12.39 -7.34 23.31
C THR B 973 12.80 -7.10 24.76
N LYS B 974 13.99 -7.55 25.15
CA LYS B 974 14.37 -7.54 26.56
C LYS B 974 14.48 -6.11 27.11
N GLU B 975 14.94 -5.15 26.29
CA GLU B 975 14.98 -3.77 26.77
C GLU B 975 13.57 -3.22 26.97
N ILE B 976 12.64 -3.53 26.07
CA ILE B 976 11.27 -3.05 26.23
C ILE B 976 10.61 -3.72 27.43
N VAL B 977 10.85 -5.02 27.59
CA VAL B 977 10.33 -5.72 28.76
C VAL B 977 10.83 -5.05 30.04
N ASP B 978 12.14 -4.75 30.10
CA ASP B 978 12.74 -4.21 31.32
C ASP B 978 12.32 -2.77 31.57
N ARG B 979 12.24 -1.95 30.52
CA ARG B 979 11.74 -0.60 30.70
C ARG B 979 10.26 -0.61 31.12
N THR B 980 9.49 -1.62 30.72
CA THR B 980 8.10 -1.74 31.16
C THR B 980 8.02 -2.00 32.67
N PHE B 981 8.81 -2.97 33.17
CA PHE B 981 8.81 -3.30 34.59
C PHE B 981 9.16 -2.08 35.44
N SER B 982 10.21 -1.36 35.05
CA SER B 982 10.60 -0.17 35.77
C SER B 982 9.53 0.92 35.68
N ASN B 983 8.95 1.12 34.50
CA ASN B 983 7.97 2.18 34.34
C ASN B 983 6.68 1.88 35.08
N VAL B 984 6.18 0.64 34.98
CA VAL B 984 4.95 0.29 35.67
C VAL B 984 5.15 0.35 37.18
N CYS B 985 6.26 -0.22 37.66
CA CYS B 985 6.53 -0.18 39.10
C CYS B 985 6.77 1.25 39.59
N GLY B 986 7.50 2.06 38.84
CA GLY B 986 7.62 3.46 39.22
C GLY B 986 6.27 4.14 39.28
N CYS B 987 5.40 3.83 38.32
CA CYS B 987 4.08 4.45 38.28
C CYS B 987 3.22 4.01 39.45
N VAL B 988 3.21 2.71 39.75
CA VAL B 988 2.48 2.23 40.92
C VAL B 988 2.98 2.94 42.18
N ALA B 989 4.30 2.91 42.40
CA ALA B 989 4.89 3.58 43.56
C ALA B 989 4.44 5.04 43.66
N ARG B 990 4.46 5.78 42.54
CA ARG B 990 4.01 7.17 42.57
C ARG B 990 2.56 7.27 43.01
N MET B 991 1.73 6.29 42.63
CA MET B 991 0.30 6.29 42.96
C MET B 991 0.06 6.03 44.44
N ILE B 992 0.79 5.08 45.01
CA ILE B 992 0.65 4.81 46.45
C ILE B 992 1.01 6.04 47.27
N LEU B 993 2.01 6.81 46.83
CA LEU B 993 2.38 8.03 47.53
C LEU B 993 1.31 9.11 47.40
N LYS B 994 0.58 9.15 46.28
CA LYS B 994 -0.40 10.20 46.05
C LYS B 994 -1.69 9.93 46.82
N HIS B 995 -2.26 8.74 46.65
CA HIS B 995 -3.50 8.35 47.28
C HIS B 995 -3.34 6.91 47.76
N GLN B 996 -2.51 6.73 48.79
CA GLN B 996 -2.28 5.39 49.34
C GLN B 996 -3.61 4.72 49.68
N ASN B 997 -4.64 5.52 49.97
CA ASN B 997 -5.92 5.02 50.46
C ASN B 997 -6.79 4.46 49.34
N LEU B 998 -6.44 4.79 48.09
CA LEU B 998 -7.07 4.24 46.90
C LEU B 998 -6.40 2.96 46.38
N VAL B 999 -5.33 2.51 47.01
CA VAL B 999 -4.51 1.39 46.52
C VAL B 999 -4.62 0.23 47.50
N PRO B 1000 -4.86 -0.99 47.03
CA PRO B 1000 -4.74 -2.15 47.91
C PRO B 1000 -3.31 -2.66 48.03
N LEU B 1001 -2.64 -2.36 49.15
CA LEU B 1001 -1.23 -2.71 49.32
C LEU B 1001 -0.97 -4.21 49.49
N GLU B 1002 -2.01 -5.02 49.75
CA GLU B 1002 -1.73 -6.41 50.12
C GLU B 1002 -1.24 -7.21 48.93
N HIS B 1003 -1.91 -7.11 47.77
CA HIS B 1003 -1.46 -7.81 46.58
C HIS B 1003 -0.51 -6.99 45.72
N THR B 1004 -0.54 -5.66 45.84
CA THR B 1004 0.31 -4.81 45.00
C THR B 1004 1.78 -4.99 45.35
N ILE B 1005 2.12 -4.88 46.64
CA ILE B 1005 3.53 -4.92 47.05
C ILE B 1005 4.25 -6.18 46.64
N PRO B 1006 3.70 -7.39 46.83
CA PRO B 1006 4.35 -8.59 46.28
C PRO B 1006 4.65 -8.47 44.79
N ALA B 1007 3.69 -7.98 44.00
CA ALA B 1007 3.96 -7.82 42.57
C ALA B 1007 5.05 -6.78 42.35
N LEU B 1008 5.04 -5.72 43.15
CA LEU B 1008 6.09 -4.71 43.04
C LEU B 1008 7.44 -5.32 43.38
N LEU B 1009 7.54 -5.93 44.56
CA LEU B 1009 8.80 -6.55 44.99
C LEU B 1009 9.31 -7.56 43.97
N SER B 1010 8.42 -8.28 43.28
CA SER B 1010 8.86 -9.35 42.41
C SER B 1010 9.64 -8.87 41.19
N HIS B 1011 9.54 -7.60 40.80
CA HIS B 1011 10.23 -7.11 39.61
C HIS B 1011 11.45 -6.26 39.92
N LEU B 1012 11.81 -6.09 41.23
CA LEU B 1012 13.03 -5.48 41.70
C LEU B 1012 14.05 -6.56 42.02
N PRO B 1013 15.35 -6.28 41.85
CA PRO B 1013 15.88 -5.00 41.36
C PRO B 1013 15.70 -4.83 39.84
N PHE B 1014 15.78 -3.59 39.37
CA PHE B 1014 15.66 -3.27 37.96
C PHE B 1014 16.96 -3.59 37.24
N ASN B 1015 16.84 -3.73 35.91
CA ASN B 1015 17.98 -3.89 35.01
C ASN B 1015 18.19 -2.67 34.12
N THR B 1016 17.31 -1.69 34.19
CA THR B 1016 17.46 -0.47 33.42
C THR B 1016 16.51 0.54 34.06
N ALA B 1017 16.53 1.78 33.55
CA ALA B 1017 15.60 2.81 33.98
C ALA B 1017 15.59 2.97 35.51
N PHE B 1018 16.79 3.14 36.07
CA PHE B 1018 16.95 3.28 37.52
C PHE B 1018 16.41 4.59 38.09
N GLU B 1019 15.99 5.52 37.23
CA GLU B 1019 15.31 6.71 37.69
C GLU B 1019 13.97 6.37 38.33
N GLU B 1020 13.40 5.20 38.03
CA GLU B 1020 12.17 4.77 38.66
C GLU B 1020 12.36 4.18 40.05
N TYR B 1021 13.61 3.98 40.49
CA TYR B 1021 13.85 3.67 41.90
C TYR B 1021 13.40 4.81 42.80
N ASP B 1022 13.45 6.04 42.27
CA ASP B 1022 13.25 7.21 43.11
C ASP B 1022 11.89 7.21 43.79
N PRO B 1023 10.77 7.04 43.10
CA PRO B 1023 9.50 6.90 43.83
C PRO B 1023 9.41 5.62 44.64
N ILE B 1024 10.12 4.56 44.24
CA ILE B 1024 10.07 3.30 44.99
C ILE B 1024 10.81 3.44 46.31
N PHE B 1025 12.01 4.03 46.29
CA PHE B 1025 12.74 4.24 47.54
C PHE B 1025 11.90 5.08 48.50
N LYS B 1026 11.31 6.18 48.00
CA LYS B 1026 10.48 7.01 48.86
C LYS B 1026 9.28 6.24 49.41
N LEU B 1027 8.76 5.30 48.61
CA LEU B 1027 7.64 4.49 49.10
C LEU B 1027 8.09 3.57 50.23
N PHE B 1028 9.26 2.94 50.08
CA PHE B 1028 9.80 2.16 51.19
C PHE B 1028 10.10 3.05 52.40
N LEU B 1029 10.61 4.27 52.17
CA LEU B 1029 10.89 5.19 53.27
C LEU B 1029 9.60 5.61 53.97
N LYS B 1030 8.54 5.87 53.21
CA LYS B 1030 7.28 6.24 53.84
C LYS B 1030 6.63 5.04 54.53
N LEU B 1031 6.63 3.88 53.88
CA LEU B 1031 5.93 2.71 54.41
C LEU B 1031 6.60 2.18 55.68
N PHE B 1032 7.91 2.31 55.79
CA PHE B 1032 8.57 1.96 57.05
C PHE B 1032 8.38 3.06 58.09
N GLN B 1033 8.39 4.33 57.67
CA GLN B 1033 8.12 5.44 58.57
C GLN B 1033 6.73 5.34 59.17
N GLU B 1034 5.76 4.81 58.41
CA GLU B 1034 4.43 4.45 58.91
C GLU B 1034 4.40 3.07 59.56
N GLN B 1035 5.54 2.38 59.65
CA GLN B 1035 5.60 1.01 60.17
C GLN B 1035 4.55 0.11 59.52
N ASN B 1036 4.22 0.39 58.27
CA ASN B 1036 3.25 -0.41 57.53
C ASN B 1036 3.60 -1.89 57.58
N SER B 1037 2.63 -2.70 57.98
CA SER B 1037 2.87 -4.11 58.24
C SER B 1037 3.36 -4.85 56.99
N THR B 1038 2.73 -4.59 55.84
CA THR B 1038 3.09 -5.34 54.64
C THR B 1038 4.57 -5.17 54.31
N ILE B 1039 5.11 -3.97 54.51
CA ILE B 1039 6.52 -3.73 54.24
C ILE B 1039 7.39 -4.35 55.34
N ILE B 1040 6.95 -4.27 56.60
CA ILE B 1040 7.78 -4.79 57.69
C ILE B 1040 7.82 -6.32 57.68
N ASN B 1041 6.82 -6.98 57.09
CA ASN B 1041 6.85 -8.42 56.94
C ASN B 1041 7.57 -8.89 55.68
N GLU B 1042 7.87 -7.99 54.75
CA GLU B 1042 8.57 -8.33 53.52
C GLU B 1042 10.01 -7.83 53.53
N ALA B 1043 10.57 -7.62 54.72
CA ALA B 1043 11.91 -7.05 54.82
C ALA B 1043 13.00 -7.83 54.11
N PRO B 1044 13.03 -9.16 54.10
CA PRO B 1044 14.23 -9.85 53.56
C PRO B 1044 14.54 -9.46 52.13
N LYS B 1045 13.52 -9.45 51.25
CA LYS B 1045 13.73 -9.08 49.85
C LYS B 1045 14.16 -7.62 49.71
N VAL B 1046 13.69 -6.75 50.60
CA VAL B 1046 14.05 -5.33 50.55
C VAL B 1046 15.56 -5.13 50.76
N ILE B 1047 16.11 -5.79 51.78
CA ILE B 1047 17.56 -5.66 51.95
C ILE B 1047 18.28 -6.33 50.78
N ALA B 1048 17.78 -7.51 50.35
CA ALA B 1048 18.37 -8.18 49.18
C ALA B 1048 18.37 -7.28 47.95
N ILE B 1049 17.29 -6.52 47.74
CA ILE B 1049 17.23 -5.54 46.67
C ILE B 1049 18.26 -4.46 46.89
N PHE B 1050 18.36 -3.97 48.14
CA PHE B 1050 19.36 -2.97 48.46
C PHE B 1050 20.78 -3.53 48.44
N ALA B 1051 20.93 -4.84 48.63
CA ALA B 1051 22.23 -5.45 48.41
C ALA B 1051 22.66 -5.25 46.97
N THR B 1052 21.81 -5.63 46.02
CA THR B 1052 22.13 -5.45 44.61
C THR B 1052 22.20 -3.96 44.24
N VAL B 1053 21.27 -3.14 44.74
CA VAL B 1053 21.31 -1.72 44.41
C VAL B 1053 22.64 -1.11 44.84
N PHE B 1054 23.07 -1.42 46.06
CA PHE B 1054 24.30 -0.82 46.55
C PHE B 1054 25.52 -1.47 45.93
N GLU B 1055 25.46 -2.75 45.58
CA GLU B 1055 26.61 -3.37 44.92
C GLU B 1055 26.86 -2.70 43.57
N LYS B 1056 25.80 -2.44 42.80
CA LYS B 1056 25.95 -1.85 41.49
C LYS B 1056 26.38 -0.40 41.59
N GLU B 1057 26.06 0.26 42.70
CA GLU B 1057 26.50 1.64 42.85
C GLU B 1057 28.00 1.72 43.09
N SER B 1058 28.61 0.70 43.71
CA SER B 1058 30.05 0.76 43.89
C SER B 1058 30.77 0.43 42.60
N GLU B 1059 30.21 -0.48 41.80
CA GLU B 1059 30.74 -0.71 40.46
C GLU B 1059 30.78 0.59 39.66
N ARG B 1060 29.74 1.42 39.78
CA ARG B 1060 29.68 2.65 38.98
C ARG B 1060 30.73 3.66 39.42
N ILE B 1061 30.93 3.81 40.73
CA ILE B 1061 31.92 4.74 41.22
C ILE B 1061 33.32 4.28 40.88
N GLU B 1062 33.52 2.95 40.86
CA GLU B 1062 34.81 2.39 40.46
C GLU B 1062 35.12 2.73 39.02
N LEU B 1063 34.15 2.47 38.13
CA LEU B 1063 34.30 2.75 36.71
C LEU B 1063 34.65 4.21 36.45
N GLU B 1064 34.00 5.13 37.18
CA GLU B 1064 34.25 6.56 36.98
C GLU B 1064 35.72 6.91 37.22
N THR B 1065 36.36 6.25 38.15
CA THR B 1065 37.73 6.62 38.48
C THR B 1065 38.72 5.93 37.55
N ASN B 1066 38.35 4.77 37.00
CA ASN B 1066 39.21 3.99 36.14
C ASN B 1066 39.03 4.27 34.66
N SER B 1067 37.84 4.71 34.26
CA SER B 1067 37.53 4.83 32.86
C SER B 1067 38.42 5.85 32.15
N THR B 1068 38.51 5.69 30.82
CA THR B 1068 39.23 6.62 29.98
C THR B 1068 38.54 7.98 30.06
N LEU B 1069 39.35 9.06 30.04
CA LEU B 1069 38.81 10.41 30.14
C LEU B 1069 37.81 10.69 29.04
N GLY B 1070 36.58 10.94 29.41
CA GLY B 1070 35.62 11.34 28.42
C GLY B 1070 34.77 10.28 27.79
N ARG B 1071 34.91 9.01 28.18
CA ARG B 1071 34.03 7.95 27.71
C ARG B 1071 32.67 7.95 28.41
N GLU B 1072 31.66 7.50 27.66
CA GLU B 1072 30.27 7.44 28.12
C GLU B 1072 29.82 8.66 28.96
N GLU B 1076 23.39 11.49 35.01
CA GLU B 1076 23.61 10.41 34.05
C GLU B 1076 22.88 9.12 34.47
N LYS B 1077 22.56 8.28 33.50
CA LYS B 1077 21.53 7.25 33.65
C LYS B 1077 22.01 5.98 34.33
N ARG B 1078 23.32 5.77 34.52
CA ARG B 1078 23.76 4.62 35.31
C ARG B 1078 23.66 4.83 36.83
N LYS B 1079 23.20 5.99 37.30
CA LYS B 1079 23.14 6.25 38.73
C LYS B 1079 21.98 5.49 39.40
N GLN B 1080 22.28 4.84 40.52
CA GLN B 1080 21.22 4.14 41.26
C GLN B 1080 20.35 5.09 42.08
N PHE B 1081 20.90 6.22 42.51
CA PHE B 1081 20.17 7.17 43.36
C PHE B 1081 20.05 8.50 42.62
N GLN B 1082 18.85 9.07 42.66
CA GLN B 1082 18.64 10.28 41.87
C GLN B 1082 19.14 11.54 42.56
N SER B 1083 19.63 11.42 43.79
CA SER B 1083 20.16 12.53 44.56
C SER B 1083 20.97 11.96 45.71
N GLU B 1084 21.90 12.75 46.24
CA GLU B 1084 22.68 12.29 47.39
C GLU B 1084 21.83 12.22 48.66
N GLU B 1085 20.84 13.09 48.78
CA GLU B 1085 20.00 13.09 49.98
C GLU B 1085 19.21 11.79 50.10
N ILE B 1086 18.56 11.36 49.00
CA ILE B 1086 17.76 10.13 49.03
C ILE B 1086 18.67 8.92 49.24
N LYS B 1087 19.90 8.98 48.74
CA LYS B 1087 20.89 7.95 49.10
C LYS B 1087 21.04 7.89 50.61
N GLN B 1088 21.20 9.06 51.24
CA GLN B 1088 21.40 9.14 52.68
C GLN B 1088 20.22 8.56 53.45
N GLN B 1089 19.00 9.00 53.10
CA GLN B 1089 17.81 8.54 53.80
C GLN B 1089 17.74 7.02 53.79
N VAL B 1090 18.04 6.41 52.64
CA VAL B 1090 18.04 4.96 52.53
C VAL B 1090 19.08 4.35 53.47
N ILE B 1091 20.28 4.95 53.56
CA ILE B 1091 21.29 4.40 54.45
C ILE B 1091 20.85 4.53 55.90
N GLU B 1092 20.38 5.72 56.28
CA GLU B 1092 19.82 5.91 57.62
C GLU B 1092 18.77 4.85 57.90
N LEU B 1093 17.86 4.66 56.95
CA LEU B 1093 16.88 3.59 57.03
C LEU B 1093 17.55 2.23 57.13
N LEU B 1094 18.60 1.98 56.33
CA LEU B 1094 19.30 0.70 56.37
C LEU B 1094 19.83 0.42 57.76
N LYS B 1095 20.26 1.46 58.46
CA LYS B 1095 20.70 1.30 59.84
C LYS B 1095 19.58 0.77 60.72
N HIS B 1096 18.42 1.42 60.66
CA HIS B 1096 17.31 1.04 61.52
C HIS B 1096 16.87 -0.40 61.32
N LEU B 1097 16.97 -0.94 60.11
CA LEU B 1097 16.54 -2.32 59.91
C LEU B 1097 17.36 -3.32 60.71
N ASN B 1098 18.70 -3.15 60.77
CA ASN B 1098 19.45 -4.08 61.62
C ASN B 1098 19.19 -3.78 63.09
N GLN B 1099 18.93 -2.51 63.42
CA GLN B 1099 18.41 -2.19 64.75
C GLN B 1099 17.11 -2.92 65.01
N GLN B 1100 16.11 -2.72 64.14
CA GLN B 1100 14.89 -3.49 64.27
C GLN B 1100 15.16 -5.00 64.27
N PHE B 1101 16.21 -5.44 63.59
CA PHE B 1101 16.57 -6.87 63.57
C PHE B 1101 17.90 -7.13 64.27
N VAL B 1105 20.80 -7.53 58.44
CA VAL B 1105 21.39 -6.48 57.61
C VAL B 1105 22.89 -6.70 57.43
N ALA B 1106 23.58 -6.91 58.56
CA ALA B 1106 25.02 -7.05 58.56
C ALA B 1106 25.48 -8.38 57.97
N GLN B 1107 24.56 -9.35 57.87
CA GLN B 1107 24.87 -10.66 57.32
C GLN B 1107 25.20 -10.61 55.83
N ASN B 1108 24.91 -9.50 55.14
CA ASN B 1108 25.29 -9.38 53.74
C ASN B 1108 26.55 -8.53 53.65
N PRO B 1109 27.65 -9.07 53.12
CA PRO B 1109 28.89 -8.27 53.01
C PRO B 1109 28.70 -6.88 52.43
N VAL B 1110 27.88 -6.73 51.38
CA VAL B 1110 27.77 -5.45 50.69
C VAL B 1110 27.26 -4.37 51.65
N LEU B 1111 26.20 -4.68 52.41
CA LEU B 1111 25.62 -3.65 53.25
C LEU B 1111 26.35 -3.46 54.57
N ALA B 1112 26.99 -4.53 55.08
CA ALA B 1112 27.83 -4.40 56.26
C ALA B 1112 28.84 -3.27 56.11
N GLN B 1113 29.49 -3.18 54.94
CA GLN B 1113 30.37 -2.05 54.63
C GLN B 1113 29.59 -0.74 54.50
N VAL B 1114 28.35 -0.84 53.99
CA VAL B 1114 27.51 0.33 53.74
C VAL B 1114 26.97 0.90 55.03
N ILE B 1115 26.82 0.04 56.04
CA ILE B 1115 26.16 0.38 57.29
C ILE B 1115 26.68 1.69 57.87
N GLY C 13 -33.04 -10.68 -19.41
CA GLY C 13 -32.58 -9.34 -19.09
C GLY C 13 -31.71 -8.73 -20.18
N GLY C 14 -32.35 -8.35 -21.29
CA GLY C 14 -31.67 -7.85 -22.48
C GLY C 14 -30.80 -8.87 -23.17
N ALA C 15 -30.79 -10.08 -22.63
CA ALA C 15 -30.12 -11.26 -23.18
C ALA C 15 -31.18 -12.27 -23.58
N LYS C 16 -30.80 -13.33 -24.32
CA LYS C 16 -31.84 -14.29 -24.65
C LYS C 16 -32.16 -15.24 -23.48
N ARG C 17 -31.16 -15.63 -22.69
CA ARG C 17 -31.39 -16.61 -21.62
C ARG C 17 -32.05 -15.99 -20.39
N HIS C 18 -32.76 -16.83 -19.64
CA HIS C 18 -33.49 -16.43 -18.42
C HIS C 18 -32.79 -16.84 -17.12
N ARG C 19 -31.75 -17.67 -17.16
CA ARG C 19 -31.01 -18.05 -15.96
C ARG C 19 -29.95 -17.00 -15.67
N GLY D 14 30.67 8.90 21.65
CA GLY D 14 31.07 7.79 22.50
C GLY D 14 32.24 6.99 21.95
N ALA D 15 32.83 7.48 20.86
CA ALA D 15 33.92 6.82 20.16
C ALA D 15 35.25 7.53 20.42
N LYS D 16 36.31 6.85 20.05
CA LYS D 16 37.65 7.41 20.23
C LYS D 16 37.97 8.47 19.19
N ARG D 17 37.43 8.32 17.98
CA ARG D 17 37.72 9.20 16.84
C ARG D 17 37.01 10.55 16.97
N HIS D 18 37.57 11.58 16.35
CA HIS D 18 36.95 12.91 16.41
C HIS D 18 36.14 13.24 15.17
N ARG D 19 36.12 12.36 14.17
CA ARG D 19 35.26 12.53 13.00
C ARG D 19 33.86 11.96 13.24
#